data_6ZPL
#
_entry.id   6ZPL
#
_cell.length_a   116.410
_cell.length_b   69.710
_cell.length_c   149.430
_cell.angle_alpha   90.000
_cell.angle_beta   92.860
_cell.angle_gamma   90.000
#
_symmetry.space_group_name_H-M   'P 1 21 1'
#
loop_
_entity.id
_entity.type
_entity.pdbx_description
1 polymer 'Sodium- and chloride-dependent glycine transporter 1'
2 polymer 'Endoglucanase H'
3 polymer 'Sybody Sb_GlyT1#7'
4 non-polymer [5-fluoranyl-6-(oxan-4-yloxy)-1,3-dihydroisoindol-2-yl]-[5-methylsulfonyl-2-[2,2,3,3,3-pentakis(fluoranyl)propoxy]phenyl]methanone
5 non-polymer 'SODIUM ION'
6 non-polymer 'CHLORIDE ION'
#
loop_
_entity_poly.entity_id
_entity_poly.type
_entity_poly.pdbx_seq_one_letter_code
_entity_poly.pdbx_strand_id
1 'polypeptide(L)'
;TKRDQNLKRGNWGNQIEFVLTSVGYAVGLGNVWRFPYLCYRNGGGAFMFPYFIMLIFCGIPAFFMELSFGQFASQGCLGV
WRISPMFKGVGYGMMVVSTYIGIYYNVVICIAFYYFFSSMTHVLPWAYCNNPWNTHDCAGVLDASNLTHSLQRTSPSEEY
WRLYVLKLSDDIGNFGEVRLPLLGCLGVAWLVVFLCLIRGVKSSGKVVYFTATFPYVVLTILFVRGVTLEGAFDGIMYYL
TPQWDKILEAKVWGDAASQAFYSLGCAWGGLITMASYNKFHNNCYRDSVIISITNCATSVYAGFVIFSILGFMANHLGVD
VSRVADHGPGLAFVAYPEALTLLPISPLWSLLFFFMLILLGLGTQFCLLETLVTAIVDEVGNEWILQKKTYVTLGVAVAG
FLLGIPLTSQAGIYWLLLMDNYAASFSLVVISCIMCVAIMYIYGHRNYFQDIQMMLGFPPPLFFQICWRFVSPAIIFFIL
VFTVIQYQPITYNHYQYPGWAVAIGFLMALSSVLCIPLYAMFRLARTDGDTLLQRLKNATKPSRDWGPALLEHRTGRYAP
TIAPSPEDGFEVQPLH
;
B,A
2 'polypeptide(L)'
;LKIGAWVGTQPSESAIKSFQELQGRKLDIVHQFINWSTDFSWVRPYADAVYNNGSILMITWEPWEYNTVDIKNGKADAYI
TRMAQDMKAYGKEIWLRPLHAANGDWYPWAIGYSSRVNTNETYIAAFRHIVDIFRANGATNVKWVFNVNCDNVGNGTSYL
GHYPGDNYVDYTSIDGYNWGTTQSWGSQWQSFDQVFSRAYQALASINKPIIIAEFASAEIGGNKARWITEAYNSIRTSYN
KVIAAVWFHENKETDWRINSSPEALAAYREAIG
;
C
3 'polypeptide(L)'
;QVQLVESGGGLVQAGGSLRLSCAASGFPVYAYEMYWYRQAPGKEREWVAAISSSGTWAGYADSVKGRFTISRDNAKNTVY
LQMNSLKPEDTAVYYCNVKDWGASWAYYDYWGQGTQVTVS
;
E,F
#
loop_
_chem_comp.id
_chem_comp.type
_chem_comp.name
_chem_comp.formula
CL non-polymer 'CHLORIDE ION' 'Cl -1'
NA non-polymer 'SODIUM ION' 'Na 1'
QET non-polymer [5-fluoranyl-6-(oxan-4-yloxy)-1,3-dihydroisoindol-2-yl]-[5-methylsulfonyl-2-[2,2,3,3,3-pentakis(fluoranyl)propoxy]phenyl]methanone 'C24 H23 F6 N O6 S'
#
# COMPACT_ATOMS: atom_id res chain seq x y z
N ILE A 16 -12.63 30.14 6.50
CA ILE A 16 -11.90 30.36 5.25
C ILE A 16 -10.69 31.24 5.49
N GLU A 17 -10.83 32.29 6.31
CA GLU A 17 -9.70 33.17 6.64
C GLU A 17 -8.59 32.37 7.35
N PHE A 18 -8.96 31.33 8.12
CA PHE A 18 -8.00 30.49 8.84
C PHE A 18 -7.20 29.55 7.89
N VAL A 19 -7.65 29.39 6.63
CA VAL A 19 -6.97 28.56 5.63
C VAL A 19 -5.75 29.30 5.08
N LEU A 20 -5.93 30.57 4.68
CA LEU A 20 -4.87 31.39 4.09
C LEU A 20 -3.66 31.57 5.00
N THR A 21 -3.83 31.46 6.32
CA THR A 21 -2.72 31.56 7.26
C THR A 21 -1.78 30.37 7.02
N SER A 22 -2.35 29.16 6.90
CA SER A 22 -1.59 27.93 6.62
C SER A 22 -0.95 27.95 5.23
N VAL A 23 -1.64 28.54 4.25
CA VAL A 23 -1.13 28.67 2.89
C VAL A 23 0.12 29.57 2.89
N GLY A 24 0.07 30.66 3.67
CA GLY A 24 1.18 31.59 3.77
C GLY A 24 2.43 31.00 4.38
N TYR A 25 2.29 30.12 5.39
CA TYR A 25 3.47 29.46 5.98
C TYR A 25 4.07 28.41 5.02
N ALA A 26 3.28 27.92 4.04
CA ALA A 26 3.68 26.91 3.07
C ALA A 26 4.38 27.47 1.82
N VAL A 27 4.65 28.79 1.78
CA VAL A 27 5.37 29.43 0.68
C VAL A 27 6.46 30.31 1.29
N GLY A 28 7.61 30.38 0.64
CA GLY A 28 8.74 31.17 1.10
C GLY A 28 9.97 30.98 0.24
N LEU A 29 11.09 31.58 0.64
CA LEU A 29 12.34 31.45 -0.13
C LEU A 29 12.92 30.03 -0.11
N GLY A 30 12.55 29.20 0.87
CA GLY A 30 13.02 27.83 0.96
C GLY A 30 12.63 26.97 -0.23
N ASN A 31 11.44 27.24 -0.84
CA ASN A 31 10.95 26.47 -2.00
C ASN A 31 10.85 27.26 -3.31
N VAL A 32 10.84 28.60 -3.27
CA VAL A 32 10.81 29.41 -4.51
C VAL A 32 12.22 29.51 -5.09
N TRP A 33 13.21 29.73 -4.23
CA TRP A 33 14.60 29.81 -4.66
C TRP A 33 15.28 28.45 -4.56
N ARG A 34 15.30 27.91 -3.35
CA ARG A 34 16.11 26.75 -3.05
C ARG A 34 15.59 25.40 -3.58
N PHE A 35 14.28 25.18 -3.75
CA PHE A 35 13.80 23.88 -4.25
C PHE A 35 14.20 23.69 -5.73
N PRO A 36 13.92 24.65 -6.65
CA PRO A 36 14.34 24.46 -8.03
C PRO A 36 15.83 24.21 -8.22
N TYR A 37 16.68 24.90 -7.44
CA TYR A 37 18.12 24.74 -7.60
C TYR A 37 18.54 23.33 -7.16
N LEU A 38 18.04 22.84 -6.02
CA LEU A 38 18.37 21.47 -5.59
C LEU A 38 17.81 20.44 -6.56
N CYS A 39 16.59 20.65 -7.07
CA CYS A 39 16.00 19.73 -8.04
C CYS A 39 16.85 19.65 -9.31
N TYR A 40 17.52 20.75 -9.71
CA TYR A 40 18.39 20.75 -10.89
C TYR A 40 19.68 19.97 -10.65
N ARG A 41 20.45 20.35 -9.61
CA ARG A 41 21.76 19.76 -9.31
C ARG A 41 21.74 18.26 -9.29
N ASN A 42 20.75 17.73 -8.57
CA ASN A 42 20.63 16.28 -8.45
C ASN A 42 19.91 15.62 -9.66
N GLY A 43 19.45 16.41 -10.62
CA GLY A 43 18.73 15.97 -11.81
C GLY A 43 17.23 16.10 -11.65
N GLY A 44 16.56 16.82 -12.58
CA GLY A 44 15.12 17.07 -12.60
C GLY A 44 14.24 15.96 -12.06
N GLY A 45 13.95 15.02 -12.92
CA GLY A 45 13.15 13.87 -12.55
C GLY A 45 13.80 12.96 -11.50
N ALA A 46 15.12 13.01 -11.40
CA ALA A 46 15.91 12.17 -10.49
C ALA A 46 15.76 12.56 -9.01
N PHE A 47 15.27 13.78 -8.72
CA PHE A 47 15.06 14.27 -7.37
C PHE A 47 13.59 14.27 -6.94
N MET A 48 12.66 14.37 -7.88
CA MET A 48 11.22 14.38 -7.57
C MET A 48 10.75 13.10 -6.87
N PHE A 49 11.14 11.91 -7.36
CA PHE A 49 10.71 10.64 -6.74
C PHE A 49 11.33 10.51 -5.30
N PRO A 50 12.66 10.64 -5.11
CA PRO A 50 13.20 10.69 -3.73
C PRO A 50 12.62 11.79 -2.83
N TYR A 51 12.18 12.94 -3.38
CA TYR A 51 11.62 14.05 -2.60
C TYR A 51 10.27 13.67 -2.00
N PHE A 52 9.36 13.15 -2.83
CA PHE A 52 8.03 12.76 -2.37
C PHE A 52 8.10 11.62 -1.36
N ILE A 53 8.99 10.65 -1.57
CA ILE A 53 9.14 9.52 -0.65
C ILE A 53 9.65 10.01 0.72
N MET A 54 10.71 10.83 0.73
CA MET A 54 11.25 11.36 1.98
C MET A 54 10.27 12.31 2.68
N LEU A 55 9.51 13.11 1.93
CA LEU A 55 8.53 14.03 2.53
C LEU A 55 7.35 13.28 3.15
N ILE A 56 6.81 12.26 2.45
CA ILE A 56 5.66 11.51 2.96
C ILE A 56 6.02 10.64 4.18
N PHE A 57 7.10 9.85 4.09
CA PHE A 57 7.47 8.93 5.17
C PHE A 57 8.26 9.52 6.33
N CYS A 58 9.09 10.52 6.07
CA CYS A 58 9.98 11.06 7.12
C CYS A 58 9.74 12.53 7.42
N GLY A 59 9.45 13.33 6.40
CA GLY A 59 9.19 14.75 6.55
C GLY A 59 7.95 15.10 7.36
N ILE A 60 6.76 14.65 6.90
CA ILE A 60 5.51 15.01 7.57
C ILE A 60 5.38 14.44 8.99
N PRO A 61 5.72 13.14 9.26
CA PRO A 61 5.61 12.65 10.64
C PRO A 61 6.52 13.39 11.61
N ALA A 62 7.75 13.77 11.18
CA ALA A 62 8.65 14.54 12.04
C ALA A 62 8.09 15.96 12.27
N PHE A 63 7.44 16.54 11.25
CA PHE A 63 6.78 17.86 11.31
C PHE A 63 5.64 17.85 12.33
N PHE A 64 4.77 16.82 12.28
CA PHE A 64 3.66 16.69 13.21
C PHE A 64 4.18 16.43 14.63
N MET A 65 5.31 15.72 14.77
CA MET A 65 5.91 15.46 16.07
C MET A 65 6.46 16.76 16.67
N GLU A 66 7.14 17.59 15.88
CA GLU A 66 7.67 18.86 16.40
C GLU A 66 6.57 19.85 16.82
N LEU A 67 5.39 19.79 16.18
CA LEU A 67 4.28 20.63 16.61
C LEU A 67 3.73 20.05 17.92
N SER A 68 3.39 18.74 17.93
CA SER A 68 2.80 18.09 19.09
C SER A 68 3.69 18.14 20.33
N PHE A 69 4.99 17.95 20.15
CA PHE A 69 5.98 17.99 21.23
C PHE A 69 6.00 19.35 21.93
N GLY A 70 5.87 20.39 21.12
CA GLY A 70 5.87 21.77 21.58
C GLY A 70 4.55 22.20 22.16
N GLN A 71 3.46 21.85 21.48
CA GLN A 71 2.10 22.21 21.86
C GLN A 71 1.68 21.58 23.18
N PHE A 72 2.03 20.32 23.39
CA PHE A 72 1.69 19.57 24.60
C PHE A 72 2.41 20.20 25.80
N ALA A 73 3.75 20.15 25.81
CA ALA A 73 4.56 20.68 26.90
C ALA A 73 4.42 22.18 27.11
N SER A 74 3.99 22.91 26.08
CA SER A 74 3.77 24.36 26.15
C SER A 74 5.01 25.12 26.62
N GLN A 75 6.13 24.74 26.07
CA GLN A 75 7.42 25.35 26.41
C GLN A 75 8.31 25.37 25.18
N GLY A 76 9.20 26.36 25.16
CA GLY A 76 10.05 26.62 24.02
C GLY A 76 11.01 25.55 23.56
N CYS A 77 11.78 25.91 22.55
CA CYS A 77 12.74 25.05 21.85
C CYS A 77 13.77 24.28 22.77
N LEU A 78 14.38 24.93 23.73
CA LEU A 78 15.34 24.42 24.72
C LEU A 78 14.66 23.75 25.92
N GLY A 79 13.66 24.41 26.47
CA GLY A 79 12.99 23.93 27.67
C GLY A 79 12.24 22.62 27.59
N VAL A 80 11.73 22.28 26.41
CA VAL A 80 10.96 21.03 26.25
C VAL A 80 11.79 19.77 26.48
N TRP A 81 13.11 19.87 26.29
CA TRP A 81 13.97 18.72 26.52
C TRP A 81 14.07 18.28 27.97
N ARG A 82 13.37 18.94 28.88
CA ARG A 82 13.21 18.37 30.21
C ARG A 82 12.34 17.07 30.13
N ILE A 83 11.78 16.71 28.93
CA ILE A 83 11.13 15.41 28.71
C ILE A 83 12.15 14.27 28.89
N SER A 84 13.44 14.53 28.61
CA SER A 84 14.55 13.55 28.66
C SER A 84 15.83 14.41 28.85
N PRO A 85 15.97 14.97 30.07
CA PRO A 85 16.91 16.08 30.34
C PRO A 85 18.36 16.01 29.80
N MET A 86 18.91 14.83 29.59
CA MET A 86 20.24 14.57 29.02
C MET A 86 20.31 14.99 27.54
N PHE A 87 19.23 14.79 26.80
CA PHE A 87 19.16 15.08 25.37
C PHE A 87 18.93 16.55 25.02
N LYS A 88 18.98 17.47 25.98
CA LYS A 88 18.82 18.89 25.68
C LYS A 88 19.89 19.42 24.69
N GLY A 89 20.98 18.70 24.50
CA GLY A 89 21.96 18.98 23.46
C GLY A 89 21.35 19.00 22.05
N VAL A 90 20.19 18.34 21.85
CA VAL A 90 19.41 18.38 20.61
C VAL A 90 18.85 19.82 20.48
N GLY A 91 18.24 20.32 21.54
CA GLY A 91 17.67 21.66 21.60
C GLY A 91 18.68 22.76 21.31
N TYR A 92 19.91 22.60 21.81
CA TYR A 92 20.99 23.54 21.53
C TYR A 92 21.40 23.43 20.05
N GLY A 93 21.51 22.21 19.53
CA GLY A 93 21.85 21.97 18.13
C GLY A 93 20.92 22.66 17.15
N MET A 94 19.63 22.67 17.45
CA MET A 94 18.63 23.36 16.62
C MET A 94 18.88 24.88 16.55
N MET A 95 19.42 25.47 17.62
CA MET A 95 19.80 26.89 17.58
C MET A 95 21.00 27.08 16.67
N VAL A 96 21.93 26.13 16.63
CA VAL A 96 23.11 26.24 15.75
C VAL A 96 22.65 26.24 14.30
N VAL A 97 21.77 25.30 13.92
CA VAL A 97 21.15 25.27 12.58
C VAL A 97 20.49 26.63 12.26
N SER A 98 19.78 27.20 13.23
CA SER A 98 19.12 28.50 13.06
C SER A 98 20.15 29.62 12.85
N THR A 99 21.26 29.62 13.60
CA THR A 99 22.31 30.64 13.45
C THR A 99 23.05 30.55 12.12
N TYR A 100 23.18 29.36 11.52
CA TYR A 100 23.82 29.26 10.19
C TYR A 100 22.83 29.73 9.13
N ILE A 101 21.56 29.31 9.25
CA ILE A 101 20.53 29.74 8.31
C ILE A 101 20.42 31.28 8.30
N GLY A 102 20.18 31.86 9.47
CA GLY A 102 19.90 33.27 9.63
C GLY A 102 20.88 34.25 9.02
N ILE A 103 22.16 33.87 8.92
CA ILE A 103 23.20 34.75 8.40
C ILE A 103 23.38 34.62 6.89
N TYR A 104 23.12 33.45 6.32
CA TYR A 104 23.22 33.27 4.86
C TYR A 104 21.88 33.50 4.16
N TYR A 105 20.77 33.16 4.81
CA TYR A 105 19.44 33.39 4.25
C TYR A 105 19.23 34.88 3.94
N ASN A 106 19.87 35.76 4.74
CA ASN A 106 19.80 37.19 4.52
C ASN A 106 20.57 37.69 3.28
N VAL A 107 21.70 37.04 2.88
CA VAL A 107 22.36 37.49 1.63
C VAL A 107 21.51 37.14 0.41
N VAL A 108 20.62 36.16 0.51
CA VAL A 108 19.66 35.86 -0.55
C VAL A 108 18.69 37.04 -0.67
N ILE A 109 18.24 37.57 0.47
CA ILE A 109 17.37 38.75 0.53
C ILE A 109 18.11 39.99 -0.02
N CYS A 110 19.41 40.09 0.20
CA CYS A 110 20.21 41.19 -0.33
C CYS A 110 20.19 41.21 -1.84
N ILE A 111 20.32 40.03 -2.43
CA ILE A 111 20.29 39.92 -3.88
C ILE A 111 18.87 40.16 -4.42
N ALA A 112 17.85 39.82 -3.64
CA ALA A 112 16.48 40.15 -4.01
C ALA A 112 16.30 41.68 -4.03
N PHE A 113 16.82 42.36 -3.01
CA PHE A 113 16.81 43.83 -2.96
C PHE A 113 17.59 44.42 -4.14
N TYR A 114 18.74 43.84 -4.48
CA TYR A 114 19.55 44.34 -5.59
C TYR A 114 18.79 44.31 -6.91
N TYR A 115 18.18 43.17 -7.24
CA TYR A 115 17.40 43.05 -8.48
C TYR A 115 16.13 43.91 -8.40
N PHE A 116 15.57 44.09 -7.20
CA PHE A 116 14.43 44.96 -7.02
C PHE A 116 14.81 46.42 -7.35
N PHE A 117 15.82 46.97 -6.67
CA PHE A 117 16.25 48.34 -6.93
C PHE A 117 16.75 48.51 -8.36
N SER A 118 17.49 47.54 -8.87
CA SER A 118 17.98 47.53 -10.25
C SER A 118 16.81 47.46 -11.27
N SER A 119 15.62 46.98 -10.85
CA SER A 119 14.43 46.98 -11.72
C SER A 119 13.80 48.36 -11.86
N MET A 120 14.10 49.32 -11.00
CA MET A 120 13.45 50.65 -11.05
C MET A 120 13.89 51.57 -12.24
N THR A 121 14.07 51.01 -13.44
CA THR A 121 14.49 51.71 -14.66
C THR A 121 13.35 51.65 -15.72
N HIS A 122 13.53 52.40 -16.80
CA HIS A 122 12.63 52.39 -17.96
C HIS A 122 12.86 51.14 -18.81
N VAL A 123 14.06 50.50 -18.74
CA VAL A 123 14.42 49.28 -19.47
C VAL A 123 15.26 48.38 -18.55
N LEU A 124 14.88 47.10 -18.40
CA LEU A 124 15.65 46.17 -17.56
C LEU A 124 17.04 45.91 -18.15
N PRO A 125 18.10 45.93 -17.31
CA PRO A 125 19.46 45.86 -17.85
C PRO A 125 19.88 44.48 -18.38
N TRP A 126 19.44 43.44 -17.71
CA TRP A 126 19.77 42.06 -18.03
C TRP A 126 19.07 41.47 -19.27
N ALA A 127 18.37 42.31 -20.04
CA ALA A 127 17.70 41.86 -21.27
C ALA A 127 18.57 41.96 -22.52
N TYR A 128 19.70 42.70 -22.45
CA TYR A 128 20.53 42.99 -23.61
C TYR A 128 22.02 42.64 -23.52
N CYS A 129 22.63 42.35 -24.69
CA CYS A 129 24.08 42.07 -24.85
C CYS A 129 24.93 43.31 -25.13
N ASN A 130 24.34 44.50 -25.14
CA ASN A 130 25.02 45.74 -25.48
C ASN A 130 25.88 46.32 -24.34
N ASN A 131 25.66 45.87 -23.11
CA ASN A 131 26.33 46.40 -21.92
C ASN A 131 27.82 46.01 -21.84
N PRO A 132 28.68 46.82 -21.19
CA PRO A 132 30.12 46.56 -21.22
C PRO A 132 30.59 45.22 -20.67
N TRP A 133 29.99 44.78 -19.57
CA TRP A 133 30.35 43.50 -18.94
C TRP A 133 30.09 42.27 -19.82
N ASN A 134 29.20 42.38 -20.82
CA ASN A 134 28.86 41.26 -21.69
C ASN A 134 30.02 40.85 -22.59
N THR A 135 30.22 39.54 -22.76
CA THR A 135 31.29 38.99 -23.61
C THR A 135 30.76 38.74 -25.04
N HIS A 136 31.67 38.48 -26.01
CA HIS A 136 31.27 38.14 -27.36
C HIS A 136 30.44 36.83 -27.42
N ASP A 137 30.55 35.95 -26.40
CA ASP A 137 29.78 34.70 -26.30
C ASP A 137 28.26 34.93 -26.30
N CYS A 138 27.84 36.00 -25.63
CA CYS A 138 26.45 36.34 -25.32
C CYS A 138 25.43 36.19 -26.48
N ALA A 139 24.26 35.62 -26.14
CA ALA A 139 23.20 35.27 -27.08
C ALA A 139 22.10 36.33 -27.31
N GLY A 140 21.61 36.95 -26.23
CA GLY A 140 20.54 37.96 -26.30
C GLY A 140 19.18 37.47 -26.69
N VAL A 141 18.16 37.83 -25.87
CA VAL A 141 16.79 37.49 -26.25
C VAL A 141 16.26 38.50 -27.29
N LEU A 142 16.54 39.80 -27.13
CA LEU A 142 15.97 40.89 -27.96
C LEU A 142 16.92 41.45 -29.03
N ASP A 143 18.20 41.07 -29.00
CA ASP A 143 19.20 41.52 -29.96
C ASP A 143 19.04 40.80 -31.30
N HIS A 149 29.05 33.82 -33.77
CA HIS A 149 29.76 34.55 -32.71
C HIS A 149 30.63 33.64 -31.82
N SER A 150 30.21 32.40 -31.51
CA SER A 150 30.99 31.51 -30.64
C SER A 150 30.43 30.08 -30.60
N LEU A 151 31.29 29.11 -30.23
CA LEU A 151 30.88 27.71 -30.07
C LEU A 151 29.94 27.63 -28.87
N GLN A 152 30.34 28.24 -27.75
CA GLN A 152 29.55 28.30 -26.53
C GLN A 152 28.75 29.60 -26.47
N ARG A 153 27.54 29.53 -25.93
CA ARG A 153 26.63 30.67 -25.80
C ARG A 153 26.20 30.82 -24.35
N THR A 154 25.97 32.07 -23.96
CA THR A 154 25.57 32.48 -22.62
C THR A 154 24.37 33.42 -22.75
N SER A 155 23.49 33.41 -21.76
CA SER A 155 22.31 34.27 -21.76
C SER A 155 22.67 35.64 -21.17
N PRO A 156 21.96 36.70 -21.52
CA PRO A 156 22.30 38.02 -20.97
C PRO A 156 22.11 38.07 -19.46
N SER A 157 21.09 37.37 -18.94
CA SER A 157 20.88 37.20 -17.50
C SER A 157 22.01 36.42 -16.82
N GLU A 158 22.50 35.37 -17.47
CA GLU A 158 23.56 34.51 -16.95
C GLU A 158 24.90 35.24 -16.80
N GLU A 159 25.13 36.25 -17.66
CA GLU A 159 26.32 37.09 -17.64
C GLU A 159 26.14 38.29 -16.72
N TYR A 160 24.94 38.88 -16.67
CA TYR A 160 24.65 40.01 -15.78
C TYR A 160 24.88 39.60 -14.33
N TRP A 161 24.33 38.45 -13.97
CA TRP A 161 24.51 37.81 -12.68
C TRP A 161 26.01 37.53 -12.42
N ARG A 162 26.59 36.71 -13.27
CA ARG A 162 27.94 36.19 -13.10
C ARG A 162 29.06 37.21 -13.16
N LEU A 163 28.83 38.38 -13.78
CA LEU A 163 29.87 39.40 -13.94
C LEU A 163 29.56 40.79 -13.35
N TYR A 164 28.29 41.24 -13.37
CA TYR A 164 27.94 42.57 -12.85
C TYR A 164 27.40 42.51 -11.42
N VAL A 165 26.35 41.69 -11.16
CA VAL A 165 25.77 41.58 -9.81
C VAL A 165 26.84 41.10 -8.83
N LEU A 166 27.52 40.01 -9.19
CA LEU A 166 28.58 39.44 -8.38
C LEU A 166 29.75 39.12 -9.30
N LYS A 167 30.85 39.87 -9.18
CA LYS A 167 32.07 39.60 -9.93
C LYS A 167 32.67 38.35 -9.29
N LEU A 168 32.21 37.20 -9.75
CA LEU A 168 32.64 35.92 -9.20
C LEU A 168 34.12 35.65 -9.47
N SER A 169 34.89 35.35 -8.43
CA SER A 169 36.32 35.05 -8.58
C SER A 169 36.53 33.56 -8.96
N ASP A 170 37.78 33.17 -9.24
CA ASP A 170 38.08 31.79 -9.62
C ASP A 170 38.15 30.80 -8.43
N ASP A 171 38.32 31.30 -7.20
CA ASP A 171 38.43 30.42 -6.02
C ASP A 171 37.94 31.11 -4.73
N ILE A 172 37.62 30.31 -3.71
CA ILE A 172 37.20 30.76 -2.38
C ILE A 172 38.23 31.72 -1.77
N GLY A 173 39.51 31.36 -1.88
CA GLY A 173 40.60 32.17 -1.35
C GLY A 173 40.65 33.57 -1.94
N ASN A 174 40.25 33.71 -3.21
CA ASN A 174 40.23 35.00 -3.89
C ASN A 174 39.01 35.82 -3.54
N PHE A 175 39.03 36.43 -2.36
CA PHE A 175 37.94 37.31 -1.91
C PHE A 175 37.93 38.66 -2.66
N GLY A 176 39.07 39.07 -3.22
CA GLY A 176 39.19 40.32 -3.96
C GLY A 176 38.84 41.53 -3.12
N GLU A 177 37.63 42.06 -3.33
CA GLU A 177 37.09 43.20 -2.59
C GLU A 177 35.59 43.03 -2.49
N VAL A 178 35.01 43.42 -1.34
CA VAL A 178 33.57 43.32 -1.12
C VAL A 178 32.74 44.07 -2.15
N ARG A 179 31.61 43.47 -2.51
CA ARG A 179 30.66 44.07 -3.43
C ARG A 179 29.95 45.14 -2.63
N LEU A 180 30.39 46.39 -2.77
CA LEU A 180 29.84 47.51 -2.01
C LEU A 180 28.31 47.67 -2.19
N PRO A 181 27.73 47.49 -3.40
CA PRO A 181 26.26 47.59 -3.54
C PRO A 181 25.53 46.51 -2.75
N LEU A 182 26.08 45.29 -2.68
CA LEU A 182 25.48 44.20 -1.91
C LEU A 182 25.71 44.41 -0.42
N LEU A 183 26.90 44.86 -0.04
CA LEU A 183 27.19 45.16 1.36
C LEU A 183 26.24 46.26 1.90
N GLY A 184 25.85 47.20 1.05
CA GLY A 184 24.88 48.24 1.40
C GLY A 184 23.49 47.65 1.59
N CYS A 185 23.04 46.79 0.66
CA CYS A 185 21.73 46.13 0.76
C CYS A 185 21.66 45.18 1.96
N LEU A 186 22.79 44.60 2.37
CA LEU A 186 22.83 43.78 3.59
C LEU A 186 22.50 44.61 4.84
N GLY A 187 22.82 45.90 4.84
CA GLY A 187 22.45 46.79 5.92
C GLY A 187 20.95 47.04 5.93
N VAL A 188 20.37 47.27 4.74
CA VAL A 188 18.91 47.45 4.60
C VAL A 188 18.19 46.17 5.02
N ALA A 189 18.64 45.02 4.56
CA ALA A 189 18.03 43.73 4.86
C ALA A 189 18.12 43.34 6.35
N TRP A 190 19.06 43.91 7.11
CA TRP A 190 19.14 43.69 8.56
C TRP A 190 18.30 44.74 9.29
N LEU A 191 18.34 46.02 8.86
CA LEU A 191 17.51 47.07 9.46
C LEU A 191 16.02 46.73 9.29
N VAL A 192 15.60 46.34 8.09
CA VAL A 192 14.19 46.09 7.80
C VAL A 192 13.59 44.93 8.63
N VAL A 193 14.39 43.95 9.06
CA VAL A 193 13.87 42.89 9.95
C VAL A 193 13.96 43.38 11.40
N PHE A 194 15.09 43.99 11.79
CA PHE A 194 15.26 44.48 13.16
C PHE A 194 14.16 45.46 13.56
N LEU A 195 13.91 46.46 12.72
CA LEU A 195 12.87 47.45 12.99
C LEU A 195 11.46 46.85 12.98
N CYS A 196 11.27 45.64 12.42
CA CYS A 196 10.01 44.89 12.49
C CYS A 196 9.94 44.05 13.77
N LEU A 197 11.11 43.64 14.34
CA LEU A 197 11.17 42.91 15.61
C LEU A 197 10.77 43.74 16.82
N ILE A 198 10.92 45.05 16.69
CA ILE A 198 10.51 45.96 17.74
C ILE A 198 8.98 46.13 17.72
N ARG A 199 8.40 46.38 16.54
CA ARG A 199 6.96 46.62 16.37
C ARG A 199 6.05 45.38 16.57
N GLY A 200 6.27 44.33 15.78
CA GLY A 200 5.45 43.12 15.79
C GLY A 200 5.49 42.35 17.09
N VAL A 207 -4.75 41.53 7.11
CA VAL A 207 -3.71 41.56 6.08
C VAL A 207 -3.33 40.18 5.53
N VAL A 208 -4.00 39.10 5.98
CA VAL A 208 -3.69 37.75 5.52
C VAL A 208 -4.16 37.53 4.07
N TYR A 209 -5.18 38.26 3.60
CA TYR A 209 -5.66 38.11 2.23
C TYR A 209 -4.61 38.52 1.20
N PHE A 210 -3.84 39.58 1.45
CA PHE A 210 -2.81 40.00 0.50
C PHE A 210 -1.56 39.14 0.62
N THR A 211 -1.02 38.95 1.83
CA THR A 211 0.21 38.19 2.02
C THR A 211 0.10 36.70 1.67
N ALA A 212 -1.12 36.14 1.52
CA ALA A 212 -1.29 34.74 1.14
C ALA A 212 -1.65 34.59 -0.34
N THR A 213 -2.26 35.60 -0.98
CA THR A 213 -2.61 35.52 -2.40
C THR A 213 -1.51 36.08 -3.29
N PHE A 214 -0.93 37.24 -2.92
CA PHE A 214 0.13 37.89 -3.70
C PHE A 214 1.27 36.96 -4.15
N PRO A 215 1.80 36.03 -3.30
CA PRO A 215 2.85 35.13 -3.78
C PRO A 215 2.38 34.21 -4.89
N TYR A 216 1.12 33.77 -4.83
CA TYR A 216 0.57 32.86 -5.83
C TYR A 216 0.10 33.58 -7.11
N VAL A 217 -0.44 34.80 -7.01
CA VAL A 217 -0.88 35.52 -8.21
C VAL A 217 0.34 35.90 -9.06
N VAL A 218 1.46 36.27 -8.44
CA VAL A 218 2.67 36.65 -9.18
C VAL A 218 3.38 35.40 -9.72
N LEU A 219 3.39 34.29 -8.96
CA LEU A 219 3.96 33.04 -9.46
C LEU A 219 3.14 32.53 -10.66
N THR A 220 1.81 32.73 -10.64
CA THR A 220 0.97 32.28 -11.76
C THR A 220 1.28 33.07 -13.03
N ILE A 221 1.57 34.37 -12.92
CA ILE A 221 1.92 35.21 -14.09
C ILE A 221 3.17 34.65 -14.76
N LEU A 222 4.22 34.37 -13.97
CA LEU A 222 5.45 33.81 -14.52
C LEU A 222 5.22 32.37 -15.00
N PHE A 223 4.36 31.59 -14.33
CA PHE A 223 4.06 30.23 -14.77
C PHE A 223 3.45 30.23 -16.18
N VAL A 224 2.51 31.16 -16.46
CA VAL A 224 1.87 31.26 -17.77
C VAL A 224 2.93 31.56 -18.83
N ARG A 225 3.81 32.53 -18.54
CA ARG A 225 4.92 32.89 -19.42
C ARG A 225 5.83 31.67 -19.68
N GLY A 226 6.21 30.99 -18.61
CA GLY A 226 7.09 29.82 -18.65
C GLY A 226 6.64 28.69 -19.56
N VAL A 227 5.33 28.41 -19.62
CA VAL A 227 4.75 27.37 -20.45
C VAL A 227 4.57 27.82 -21.91
N THR A 228 4.19 29.09 -22.14
CA THR A 228 4.01 29.61 -23.50
C THR A 228 5.29 29.84 -24.30
N LEU A 229 6.48 29.55 -23.75
CA LEU A 229 7.75 29.70 -24.48
C LEU A 229 8.07 28.42 -25.26
N GLU A 230 8.75 28.55 -26.42
CA GLU A 230 9.17 27.36 -27.16
C GLU A 230 10.29 26.69 -26.37
N GLY A 231 10.28 25.37 -26.34
CA GLY A 231 11.25 24.61 -25.56
C GLY A 231 10.78 24.29 -24.16
N ALA A 232 9.67 24.91 -23.69
CA ALA A 232 9.13 24.66 -22.35
C ALA A 232 8.84 23.18 -22.12
N PHE A 233 8.31 22.46 -23.12
CA PHE A 233 8.05 21.03 -22.97
C PHE A 233 9.34 20.26 -22.69
N ASP A 234 10.44 20.60 -23.36
CA ASP A 234 11.73 19.93 -23.13
C ASP A 234 12.29 20.21 -21.73
N GLY A 235 11.89 21.32 -21.12
CA GLY A 235 12.22 21.70 -19.75
C GLY A 235 11.38 20.89 -18.78
N ILE A 236 10.07 20.91 -18.99
CA ILE A 236 9.06 20.19 -18.19
C ILE A 236 9.31 18.69 -18.20
N MET A 237 9.63 18.13 -19.36
CA MET A 237 9.95 16.71 -19.54
C MET A 237 11.10 16.31 -18.63
N TYR A 238 12.17 17.11 -18.63
CA TYR A 238 13.35 16.83 -17.80
C TYR A 238 13.01 16.90 -16.32
N TYR A 239 12.15 17.84 -15.95
CA TYR A 239 11.69 18.02 -14.58
C TYR A 239 10.87 16.83 -14.07
N LEU A 240 9.94 16.32 -14.88
CA LEU A 240 9.04 15.23 -14.48
C LEU A 240 9.50 13.78 -14.74
N THR A 241 10.06 13.49 -15.93
CA THR A 241 10.43 12.11 -16.31
C THR A 241 11.55 11.56 -15.42
N PRO A 242 11.32 10.43 -14.71
CA PRO A 242 12.33 9.95 -13.75
C PRO A 242 13.53 9.21 -14.33
N GLN A 243 14.56 9.10 -13.48
CA GLN A 243 15.87 8.50 -13.77
C GLN A 243 16.12 7.33 -12.85
N TRP A 244 15.65 6.16 -13.24
CA TRP A 244 15.83 4.94 -12.44
C TRP A 244 17.31 4.51 -12.33
N ASP A 245 18.16 4.95 -13.26
CA ASP A 245 19.61 4.71 -13.21
C ASP A 245 20.32 5.57 -12.14
N LYS A 246 19.70 6.67 -11.72
CA LYS A 246 20.25 7.64 -10.76
C LYS A 246 19.69 7.51 -9.33
N ILE A 247 18.64 6.69 -9.12
CA ILE A 247 18.04 6.35 -7.79
C ILE A 247 19.07 5.67 -6.86
N LEU A 248 20.05 4.94 -7.41
CA LEU A 248 21.05 4.22 -6.60
C LEU A 248 22.18 5.11 -6.03
N GLU A 249 22.09 6.42 -6.20
CA GLU A 249 23.13 7.33 -5.74
C GLU A 249 22.72 7.96 -4.40
N ALA A 250 23.47 7.64 -3.32
CA ALA A 250 23.16 8.07 -1.95
C ALA A 250 22.88 9.56 -1.75
N LYS A 251 23.67 10.41 -2.40
CA LYS A 251 23.53 11.87 -2.28
C LYS A 251 22.21 12.38 -2.83
N VAL A 252 21.61 11.70 -3.81
CA VAL A 252 20.29 12.09 -4.33
C VAL A 252 19.24 12.03 -3.22
N TRP A 253 19.39 11.05 -2.32
CA TRP A 253 18.50 10.91 -1.16
C TRP A 253 18.94 11.87 -0.05
N GLY A 254 20.24 12.09 0.13
CA GLY A 254 20.74 13.05 1.10
C GLY A 254 20.22 14.45 0.89
N ASP A 255 20.27 14.93 -0.36
CA ASP A 255 19.74 16.25 -0.71
C ASP A 255 18.20 16.29 -0.71
N ALA A 256 17.52 15.19 -1.04
CA ALA A 256 16.05 15.11 -0.98
C ALA A 256 15.55 15.10 0.46
N ALA A 257 16.24 14.36 1.36
CA ALA A 257 15.94 14.32 2.79
C ALA A 257 16.17 15.74 3.34
N SER A 258 17.28 16.39 2.96
CA SER A 258 17.56 17.75 3.41
C SER A 258 16.46 18.72 2.99
N GLN A 259 16.01 18.65 1.74
CA GLN A 259 14.99 19.57 1.24
C GLN A 259 13.64 19.37 1.90
N ALA A 260 13.18 18.13 2.04
CA ALA A 260 11.92 17.85 2.71
C ALA A 260 11.94 18.39 4.16
N PHE A 261 13.04 18.18 4.87
CA PHE A 261 13.16 18.64 6.26
C PHE A 261 13.38 20.16 6.39
N TYR A 262 14.12 20.78 5.47
CA TYR A 262 14.35 22.22 5.47
C TYR A 262 13.07 23.02 5.19
N SER A 263 12.35 22.66 4.12
CA SER A 263 11.17 23.38 3.67
C SER A 263 10.01 23.37 4.67
N LEU A 264 9.89 22.35 5.55
CA LEU A 264 8.82 22.31 6.54
C LEU A 264 9.13 23.13 7.81
N GLY A 265 10.42 23.28 8.14
CA GLY A 265 10.88 23.96 9.35
C GLY A 265 11.48 23.02 10.40
N CYS A 266 11.54 21.71 10.11
CA CYS A 266 12.08 20.70 11.03
C CYS A 266 13.55 20.93 11.37
N ALA A 267 13.89 20.72 12.63
CA ALA A 267 15.22 20.89 13.22
C ALA A 267 15.78 22.32 13.22
N TRP A 268 14.96 23.34 12.90
CA TRP A 268 15.38 24.74 13.09
C TRP A 268 15.09 25.10 14.58
N GLY A 269 14.02 24.56 15.17
CA GLY A 269 13.59 24.86 16.55
C GLY A 269 12.35 25.73 16.63
N GLY A 270 12.14 26.55 15.60
CA GLY A 270 10.99 27.44 15.47
C GLY A 270 9.64 26.78 15.55
N LEU A 271 9.52 25.52 15.09
CA LEU A 271 8.24 24.81 15.14
C LEU A 271 7.84 24.54 16.59
N ILE A 272 8.82 24.19 17.44
CA ILE A 272 8.57 23.93 18.86
C ILE A 272 8.27 25.26 19.57
N THR A 273 8.94 26.35 19.18
CA THR A 273 8.76 27.66 19.81
C THR A 273 7.41 28.28 19.47
N MET A 274 7.00 28.27 18.19
CA MET A 274 5.72 28.85 17.78
C MET A 274 4.55 28.02 18.30
N ALA A 275 4.65 26.68 18.21
CA ALA A 275 3.60 25.80 18.71
C ALA A 275 3.52 25.82 20.25
N SER A 276 4.61 26.19 20.95
CA SER A 276 4.56 26.28 22.41
C SER A 276 3.56 27.35 22.88
N TYR A 277 3.42 28.46 22.13
CA TYR A 277 2.43 29.51 22.42
C TYR A 277 1.00 28.97 22.14
N ASN A 278 0.85 28.16 21.09
CA ASN A 278 -0.41 27.58 20.61
C ASN A 278 -1.22 26.90 21.71
N LYS A 279 -2.56 26.99 21.60
CA LYS A 279 -3.49 26.44 22.59
C LYS A 279 -3.31 24.95 22.75
N PHE A 280 -3.52 24.43 23.97
CA PHE A 280 -3.32 23.02 24.24
C PHE A 280 -4.15 22.09 23.32
N HIS A 281 -5.46 22.32 23.20
CA HIS A 281 -6.32 21.44 22.40
C HIS A 281 -6.45 21.83 20.91
N ASN A 282 -5.45 22.50 20.32
CA ASN A 282 -5.49 22.82 18.89
C ASN A 282 -5.28 21.52 18.09
N ASN A 283 -5.99 21.37 16.96
CA ASN A 283 -5.88 20.15 16.16
C ASN A 283 -4.61 20.20 15.30
N CYS A 284 -3.45 19.99 15.91
CA CYS A 284 -2.17 20.03 15.19
C CYS A 284 -2.06 18.97 14.08
N TYR A 285 -2.98 17.98 14.03
CA TYR A 285 -2.99 16.99 12.96
C TYR A 285 -3.53 17.63 11.69
N ARG A 286 -4.67 18.31 11.80
CA ARG A 286 -5.27 19.09 10.71
C ARG A 286 -4.26 20.16 10.22
N ASP A 287 -3.45 20.73 11.14
CA ASP A 287 -2.44 21.73 10.81
C ASP A 287 -1.27 21.12 10.03
N SER A 288 -0.66 20.03 10.53
CA SER A 288 0.49 19.42 9.88
C SER A 288 0.20 18.89 8.47
N VAL A 289 -1.03 18.38 8.23
CA VAL A 289 -1.40 17.87 6.91
C VAL A 289 -1.63 19.06 5.98
N ILE A 290 -2.43 20.04 6.41
CA ILE A 290 -2.74 21.20 5.58
C ILE A 290 -1.48 21.99 5.20
N ILE A 291 -0.59 22.27 6.17
CA ILE A 291 0.64 23.03 5.88
C ILE A 291 1.51 22.24 4.89
N SER A 292 1.86 20.98 5.21
CA SER A 292 2.72 20.19 4.34
C SER A 292 2.16 19.88 2.95
N ILE A 293 0.82 19.76 2.80
CA ILE A 293 0.23 19.50 1.49
C ILE A 293 0.42 20.74 0.58
N THR A 294 -0.10 21.91 0.98
CA THR A 294 0.07 23.13 0.17
C THR A 294 1.57 23.59 0.09
N ASN A 295 2.47 22.91 0.83
CA ASN A 295 3.91 23.12 0.77
C ASN A 295 4.44 22.38 -0.44
N CYS A 296 4.01 21.15 -0.61
CA CYS A 296 4.41 20.34 -1.74
C CYS A 296 3.79 20.90 -3.02
N ALA A 297 2.50 21.27 -2.98
CA ALA A 297 1.81 21.84 -4.13
C ALA A 297 2.47 23.15 -4.63
N THR A 298 3.14 23.89 -3.72
CA THR A 298 3.84 25.13 -4.05
C THR A 298 5.29 24.82 -4.48
N SER A 299 5.92 23.78 -3.88
CA SER A 299 7.28 23.38 -4.26
C SER A 299 7.29 22.91 -5.71
N VAL A 300 6.29 22.10 -6.10
CA VAL A 300 6.18 21.60 -7.46
C VAL A 300 5.88 22.72 -8.47
N TYR A 301 5.02 23.69 -8.12
CA TYR A 301 4.67 24.80 -9.00
C TYR A 301 5.86 25.74 -9.24
N ALA A 302 6.71 25.95 -8.21
CA ALA A 302 7.90 26.80 -8.33
C ALA A 302 9.01 26.13 -9.14
N GLY A 303 9.11 24.81 -9.06
CA GLY A 303 10.02 24.05 -9.90
C GLY A 303 9.52 24.07 -11.33
N PHE A 304 8.21 23.80 -11.52
CA PHE A 304 7.52 23.76 -12.81
C PHE A 304 7.80 25.01 -13.65
N VAL A 305 7.68 26.21 -13.05
CA VAL A 305 7.94 27.44 -13.79
C VAL A 305 9.43 27.56 -14.15
N ILE A 306 10.33 27.30 -13.21
CA ILE A 306 11.78 27.36 -13.48
C ILE A 306 12.18 26.42 -14.64
N PHE A 307 11.86 25.13 -14.51
CA PHE A 307 12.28 24.17 -15.52
C PHE A 307 11.68 24.46 -16.89
N SER A 308 10.46 25.02 -16.95
CA SER A 308 9.87 25.42 -18.23
C SER A 308 10.66 26.58 -18.88
N ILE A 309 11.27 27.46 -18.06
CA ILE A 309 12.12 28.54 -18.55
C ILE A 309 13.45 27.96 -19.03
N LEU A 310 14.03 27.01 -18.25
CA LEU A 310 15.28 26.33 -18.64
C LEU A 310 15.12 25.52 -19.95
N GLY A 311 13.90 25.08 -20.25
CA GLY A 311 13.58 24.42 -21.52
C GLY A 311 13.68 25.35 -22.72
N PHE A 312 13.36 26.64 -22.51
CA PHE A 312 13.50 27.68 -23.53
C PHE A 312 14.97 28.07 -23.67
N MET A 313 15.66 28.28 -22.54
CA MET A 313 17.08 28.60 -22.57
C MET A 313 17.92 27.51 -23.27
N ALA A 314 17.50 26.25 -23.16
CA ALA A 314 18.19 25.13 -23.79
C ALA A 314 18.34 25.26 -25.34
N ASN A 315 17.23 25.40 -26.08
CA ASN A 315 17.29 25.55 -27.54
C ASN A 315 17.92 26.90 -27.91
N HIS A 316 17.59 27.94 -27.16
CA HIS A 316 18.13 29.30 -27.35
C HIS A 316 19.66 29.33 -27.28
N LEU A 317 20.24 28.68 -26.28
CA LEU A 317 21.69 28.57 -26.15
C LEU A 317 22.27 27.38 -26.95
N GLY A 318 21.42 26.52 -27.49
CA GLY A 318 21.83 25.33 -28.22
C GLY A 318 22.59 24.35 -27.35
N VAL A 319 22.11 24.17 -26.10
CA VAL A 319 22.74 23.33 -25.07
C VAL A 319 21.67 22.38 -24.54
N ASP A 320 22.05 21.12 -24.24
CA ASP A 320 21.10 20.13 -23.72
C ASP A 320 20.60 20.59 -22.35
N VAL A 321 19.31 20.35 -22.09
CA VAL A 321 18.60 20.84 -20.90
C VAL A 321 19.37 20.54 -19.61
N SER A 322 19.95 19.35 -19.52
CA SER A 322 20.73 18.89 -18.37
C SER A 322 21.94 19.75 -18.04
N ARG A 323 22.50 20.49 -19.02
CA ARG A 323 23.74 21.25 -18.85
C ARG A 323 23.65 22.74 -19.19
N VAL A 324 22.43 23.29 -19.23
CA VAL A 324 22.20 24.74 -19.43
C VAL A 324 22.82 25.52 -18.26
N ALA A 325 22.68 25.02 -17.03
CA ALA A 325 23.25 25.63 -15.82
C ALA A 325 23.32 24.59 -14.67
N ASP A 326 24.41 23.79 -14.63
CA ASP A 326 24.66 22.73 -13.60
C ASP A 326 25.24 23.40 -12.33
N HIS A 327 24.48 24.37 -11.91
CA HIS A 327 24.80 25.47 -11.01
C HIS A 327 24.60 25.17 -9.51
N GLY A 328 24.56 26.25 -8.72
CA GLY A 328 24.24 26.25 -7.31
C GLY A 328 23.13 27.26 -7.06
N PRO A 329 23.33 28.18 -6.10
CA PRO A 329 22.29 29.17 -5.77
C PRO A 329 21.65 30.01 -6.88
N GLY A 330 22.38 30.32 -7.94
CA GLY A 330 21.93 31.25 -8.97
C GLY A 330 20.70 30.91 -9.78
N LEU A 331 20.22 29.69 -9.72
CA LEU A 331 19.14 29.21 -10.59
C LEU A 331 17.77 29.87 -10.43
N ALA A 332 17.61 30.75 -9.46
CA ALA A 332 16.44 31.63 -9.42
C ALA A 332 16.81 32.99 -10.07
N PHE A 333 17.95 33.57 -9.65
CA PHE A 333 18.46 34.86 -10.12
C PHE A 333 18.95 34.84 -11.59
N VAL A 334 19.10 33.67 -12.21
CA VAL A 334 19.51 33.49 -13.61
C VAL A 334 18.30 33.19 -14.51
N ALA A 335 17.26 32.53 -13.96
CA ALA A 335 16.08 32.11 -14.70
C ALA A 335 14.84 32.99 -14.55
N TYR A 336 14.49 33.45 -13.34
CA TYR A 336 13.32 34.33 -13.19
C TYR A 336 13.54 35.67 -13.93
N PRO A 337 14.70 36.34 -13.81
CA PRO A 337 14.95 37.54 -14.62
C PRO A 337 14.73 37.31 -16.12
N GLU A 338 14.91 36.05 -16.61
CA GLU A 338 14.74 35.70 -18.03
C GLU A 338 13.27 35.75 -18.45
N ALA A 339 12.39 34.97 -17.78
CA ALA A 339 10.95 35.04 -18.10
C ALA A 339 10.42 36.42 -17.82
N LEU A 340 11.01 37.15 -16.84
CA LEU A 340 10.56 38.52 -16.61
C LEU A 340 10.82 39.39 -17.85
N THR A 341 11.98 39.25 -18.53
CA THR A 341 12.23 40.04 -19.77
C THR A 341 11.19 39.76 -20.86
N LEU A 342 10.67 38.53 -20.88
CA LEU A 342 9.72 38.06 -21.88
C LEU A 342 8.27 38.50 -21.62
N LEU A 343 8.00 39.13 -20.47
CA LEU A 343 6.66 39.63 -20.14
C LEU A 343 6.42 41.03 -20.71
N PRO A 344 5.20 41.35 -21.16
CA PRO A 344 4.91 42.74 -21.60
C PRO A 344 4.89 43.69 -20.40
N ILE A 345 5.38 44.96 -20.56
CA ILE A 345 5.53 45.94 -19.45
C ILE A 345 6.46 45.27 -18.41
N SER A 346 7.56 44.71 -18.88
CA SER A 346 8.39 43.88 -18.05
C SER A 346 8.82 44.51 -16.71
N PRO A 347 9.30 45.78 -16.68
CA PRO A 347 9.74 46.36 -15.41
C PRO A 347 8.67 46.38 -14.34
N LEU A 348 7.40 46.55 -14.70
CA LEU A 348 6.29 46.50 -13.73
C LEU A 348 6.29 45.16 -12.98
N TRP A 349 6.41 44.06 -13.73
CA TRP A 349 6.37 42.72 -13.16
C TRP A 349 7.59 42.35 -12.36
N SER A 350 8.77 42.79 -12.78
CA SER A 350 10.01 42.53 -12.05
C SER A 350 10.00 43.24 -10.69
N LEU A 351 9.41 44.45 -10.62
CA LEU A 351 9.27 45.16 -9.35
C LEU A 351 8.41 44.34 -8.39
N LEU A 352 7.27 43.84 -8.86
CA LEU A 352 6.37 43.03 -8.05
C LEU A 352 6.99 41.69 -7.66
N PHE A 353 7.69 41.05 -8.59
CA PHE A 353 8.30 39.75 -8.33
C PHE A 353 9.42 39.81 -7.28
N PHE A 354 10.37 40.75 -7.43
CA PHE A 354 11.45 40.83 -6.45
C PHE A 354 10.93 41.36 -5.10
N PHE A 355 9.94 42.26 -5.12
CA PHE A 355 9.30 42.74 -3.89
C PHE A 355 8.64 41.57 -3.14
N MET A 356 8.03 40.65 -3.87
CA MET A 356 7.39 39.45 -3.33
C MET A 356 8.45 38.60 -2.63
N LEU A 357 9.57 38.28 -3.29
CA LEU A 357 10.67 37.52 -2.67
C LEU A 357 11.17 38.20 -1.40
N ILE A 358 11.26 39.52 -1.43
CA ILE A 358 11.70 40.30 -0.28
C ILE A 358 10.74 40.10 0.91
N LEU A 359 9.43 40.39 0.75
CA LEU A 359 8.48 40.20 1.85
C LEU A 359 8.40 38.74 2.32
N LEU A 360 8.72 37.77 1.45
CA LEU A 360 8.72 36.36 1.82
C LEU A 360 9.88 36.03 2.76
N GLY A 361 11.05 36.56 2.46
CA GLY A 361 12.25 36.35 3.26
C GLY A 361 12.22 37.10 4.58
N LEU A 362 11.74 38.34 4.57
CA LEU A 362 11.67 39.14 5.80
C LEU A 362 10.74 38.49 6.84
N GLY A 363 9.65 37.87 6.40
CA GLY A 363 8.71 37.19 7.30
C GLY A 363 9.31 35.97 7.96
N THR A 364 10.00 35.12 7.17
CA THR A 364 10.67 33.92 7.70
C THR A 364 11.87 34.30 8.58
N GLN A 365 12.52 35.45 8.32
CA GLN A 365 13.61 35.96 9.17
C GLN A 365 13.08 36.49 10.48
N PHE A 366 11.94 37.14 10.45
CA PHE A 366 11.28 37.62 11.65
C PHE A 366 10.97 36.42 12.58
N CYS A 367 10.38 35.38 12.05
CA CYS A 367 10.11 34.15 12.82
C CYS A 367 11.39 33.41 13.23
N LEU A 368 12.45 33.44 12.40
CA LEU A 368 13.74 32.81 12.71
C LEU A 368 14.48 33.49 13.87
N LEU A 369 14.50 34.83 13.87
CA LEU A 369 15.18 35.62 14.91
C LEU A 369 14.35 35.72 16.20
N GLU A 370 13.03 35.90 16.09
CA GLU A 370 12.13 35.94 17.26
C GLU A 370 12.26 34.62 18.06
N THR A 371 12.26 33.50 17.35
CA THR A 371 12.47 32.16 17.93
C THR A 371 13.78 32.09 18.68
N LEU A 372 14.85 32.55 18.05
CA LEU A 372 16.19 32.43 18.58
C LEU A 372 16.41 33.29 19.81
N VAL A 373 16.00 34.55 19.76
CA VAL A 373 16.13 35.46 20.91
C VAL A 373 15.31 34.93 22.09
N THR A 374 14.09 34.47 21.84
CA THR A 374 13.24 33.91 22.89
C THR A 374 13.91 32.70 23.54
N ALA A 375 14.59 31.87 22.75
CA ALA A 375 15.27 30.69 23.26
C ALA A 375 16.53 31.03 24.06
N ILE A 376 17.31 31.96 23.54
CA ILE A 376 18.54 32.39 24.19
C ILE A 376 18.26 33.14 25.49
N VAL A 377 17.28 34.03 25.47
CA VAL A 377 16.90 34.83 26.66
C VAL A 377 16.39 33.97 27.80
N ASP A 378 15.47 33.05 27.52
CA ASP A 378 14.83 32.25 28.57
C ASP A 378 15.77 31.31 29.33
N GLU A 379 16.97 31.03 28.84
CA GLU A 379 17.95 30.28 29.64
C GLU A 379 18.59 31.15 30.74
N VAL A 380 18.47 32.47 30.63
CA VAL A 380 19.11 33.42 31.54
C VAL A 380 18.04 34.20 32.33
N GLY A 381 18.40 34.60 33.55
CA GLY A 381 17.48 35.18 34.52
C GLY A 381 16.43 36.14 34.00
N ASN A 382 15.19 35.95 34.43
CA ASN A 382 14.08 36.77 33.95
C ASN A 382 14.26 38.25 34.37
N GLU A 383 14.49 39.07 33.38
CA GLU A 383 14.82 40.50 33.44
C GLU A 383 16.17 40.79 34.16
N TRP A 384 17.00 39.75 34.27
CA TRP A 384 18.44 39.87 34.48
C TRP A 384 18.98 39.95 32.99
N ILE A 385 18.35 39.22 32.02
CA ILE A 385 18.60 39.35 30.58
C ILE A 385 17.29 39.55 29.79
N LEU A 386 16.10 39.24 30.34
CA LEU A 386 14.85 39.48 29.60
C LEU A 386 14.56 40.98 29.31
N GLN A 387 15.13 41.92 30.08
CA GLN A 387 14.98 43.37 29.81
C GLN A 387 16.00 43.84 28.74
N LYS A 388 17.06 43.05 28.49
CA LYS A 388 18.01 43.26 27.40
C LYS A 388 17.49 42.63 26.10
N LYS A 389 16.27 42.04 26.06
CA LYS A 389 15.63 41.49 24.84
C LYS A 389 15.83 42.42 23.63
N THR A 390 15.81 43.73 23.87
CA THR A 390 16.07 44.72 22.84
C THR A 390 17.57 44.76 22.45
N TYR A 391 18.47 45.08 23.40
CA TYR A 391 19.90 45.15 23.09
C TYR A 391 20.47 43.84 22.56
N VAL A 392 19.99 42.71 23.04
CA VAL A 392 20.44 41.40 22.56
C VAL A 392 19.91 41.15 21.14
N THR A 393 18.67 41.54 20.82
CA THR A 393 18.16 41.44 19.43
C THR A 393 19.00 42.32 18.50
N LEU A 394 19.37 43.50 18.98
CA LEU A 394 20.24 44.41 18.22
C LEU A 394 21.64 43.77 18.07
N GLY A 395 22.16 43.18 19.15
CA GLY A 395 23.44 42.48 19.15
C GLY A 395 23.49 41.31 18.18
N VAL A 396 22.38 40.59 18.06
CA VAL A 396 22.22 39.47 17.12
C VAL A 396 22.28 40.01 15.69
N ALA A 397 21.55 41.09 15.42
CA ALA A 397 21.53 41.68 14.09
C ALA A 397 22.93 42.20 13.69
N VAL A 398 23.61 42.88 14.61
CA VAL A 398 24.98 43.38 14.38
C VAL A 398 25.92 42.21 14.08
N ALA A 399 25.81 41.13 14.86
CA ALA A 399 26.66 39.95 14.65
C ALA A 399 26.41 39.30 13.29
N GLY A 400 25.14 39.12 12.92
CA GLY A 400 24.79 38.52 11.65
C GLY A 400 25.29 39.32 10.46
N PHE A 401 25.33 40.64 10.62
CA PHE A 401 25.89 41.51 9.59
C PHE A 401 27.40 41.22 9.46
N LEU A 402 28.17 41.36 10.56
CA LEU A 402 29.62 41.13 10.57
C LEU A 402 30.04 39.73 10.10
N LEU A 403 29.22 38.71 10.38
CA LEU A 403 29.46 37.34 9.90
C LEU A 403 28.96 37.10 8.46
N GLY A 404 28.11 37.98 7.95
CA GLY A 404 27.63 37.92 6.57
C GLY A 404 28.50 38.68 5.58
N ILE A 405 29.62 39.28 6.05
CA ILE A 405 30.50 40.07 5.19
C ILE A 405 31.25 39.18 4.19
N PRO A 406 31.83 38.02 4.58
CA PRO A 406 32.46 37.14 3.58
C PRO A 406 31.49 36.66 2.50
N LEU A 407 30.18 36.69 2.77
CA LEU A 407 29.18 36.30 1.81
C LEU A 407 28.91 37.41 0.78
N THR A 408 29.07 38.70 1.15
CA THR A 408 28.98 39.80 0.17
C THR A 408 30.33 40.01 -0.58
N SER A 409 31.34 39.14 -0.36
CA SER A 409 32.63 39.21 -1.02
C SER A 409 32.56 38.86 -2.50
N GLN A 410 33.69 39.06 -3.25
CA GLN A 410 33.78 38.69 -4.67
C GLN A 410 33.59 37.16 -4.81
N ALA A 411 34.00 36.37 -3.79
CA ALA A 411 33.82 34.93 -3.70
C ALA A 411 32.57 34.62 -2.77
N GLY A 412 31.40 35.21 -3.07
CA GLY A 412 30.16 35.08 -2.30
C GLY A 412 29.44 33.75 -2.36
N ILE A 413 28.93 33.40 -3.53
CA ILE A 413 28.16 32.17 -3.69
C ILE A 413 28.96 30.90 -3.47
N TYR A 414 30.30 30.95 -3.48
CA TYR A 414 31.08 29.75 -3.15
C TYR A 414 30.84 29.40 -1.66
N TRP A 415 30.82 30.43 -0.80
CA TRP A 415 30.54 30.24 0.62
C TRP A 415 29.06 30.01 0.87
N LEU A 416 28.19 30.75 0.16
CA LEU A 416 26.74 30.57 0.33
C LEU A 416 26.32 29.12 0.13
N LEU A 417 26.92 28.45 -0.85
CA LEU A 417 26.65 27.04 -1.09
C LEU A 417 27.25 26.15 0.01
N LEU A 418 28.45 26.45 0.45
CA LEU A 418 29.14 25.64 1.46
C LEU A 418 28.36 25.55 2.78
N MET A 419 27.61 26.59 3.12
CA MET A 419 26.72 26.55 4.28
C MET A 419 25.45 25.80 3.94
N ASP A 420 24.89 26.09 2.77
CA ASP A 420 23.61 25.56 2.33
C ASP A 420 23.62 24.08 1.94
N ASN A 421 24.81 23.45 1.72
CA ASN A 421 24.89 22.01 1.41
C ASN A 421 25.72 21.20 2.45
N TYR A 422 26.28 21.85 3.45
CA TYR A 422 26.96 21.13 4.54
C TYR A 422 26.37 21.56 5.87
N ALA A 423 26.61 22.80 6.23
CA ALA A 423 26.20 23.29 7.53
C ALA A 423 24.70 23.18 7.86
N ALA A 424 23.86 23.56 6.92
CA ALA A 424 22.45 23.73 7.12
C ALA A 424 21.61 22.85 6.18
N SER A 425 22.13 21.65 5.83
CA SER A 425 21.48 20.71 4.92
C SER A 425 21.14 19.33 5.56
N PHE A 426 22.05 18.29 5.61
CA PHE A 426 21.72 16.98 6.18
C PHE A 426 21.62 16.98 7.70
N SER A 427 22.29 17.92 8.36
CA SER A 427 22.25 18.02 9.81
C SER A 427 20.80 18.14 10.36
N LEU A 428 19.88 18.73 9.58
CA LEU A 428 18.46 18.82 9.95
C LEU A 428 17.77 17.44 10.03
N VAL A 429 18.30 16.48 9.28
CA VAL A 429 17.75 15.14 9.20
C VAL A 429 18.19 14.29 10.40
N VAL A 430 19.46 14.41 10.82
CA VAL A 430 19.93 13.65 11.99
C VAL A 430 19.41 14.27 13.30
N ILE A 431 19.40 15.59 13.42
CA ILE A 431 18.92 16.25 14.65
C ILE A 431 17.45 15.92 14.93
N SER A 432 16.61 15.93 13.90
CA SER A 432 15.19 15.57 14.06
C SER A 432 14.98 14.05 14.20
N CYS A 433 15.98 13.24 13.85
CA CYS A 433 15.91 11.78 14.01
C CYS A 433 16.38 11.38 15.41
N ILE A 434 17.42 12.03 15.96
CA ILE A 434 17.86 11.77 17.35
C ILE A 434 16.71 12.11 18.31
N MET A 435 15.92 13.15 17.99
CA MET A 435 14.72 13.47 18.73
C MET A 435 13.73 12.29 18.68
N CYS A 436 13.58 11.70 17.50
CA CYS A 436 12.65 10.60 17.31
C CYS A 436 13.10 9.36 18.10
N VAL A 437 14.40 9.07 18.11
CA VAL A 437 14.96 7.95 18.88
C VAL A 437 14.75 8.21 20.37
N ALA A 438 15.14 9.40 20.84
CA ALA A 438 15.04 9.79 22.24
C ALA A 438 13.63 9.70 22.77
N ILE A 439 12.65 10.10 21.97
CA ILE A 439 11.25 10.06 22.39
C ILE A 439 10.69 8.63 22.29
N MET A 440 10.86 7.97 21.15
CA MET A 440 10.25 6.66 20.92
C MET A 440 10.80 5.49 21.76
N TYR A 441 12.13 5.35 21.88
CA TYR A 441 12.72 4.22 22.62
C TYR A 441 13.15 4.52 24.06
N ILE A 442 13.49 5.77 24.39
CA ILE A 442 13.96 6.11 25.75
C ILE A 442 12.82 6.71 26.61
N TYR A 443 12.07 7.70 26.10
CA TYR A 443 10.91 8.23 26.84
C TYR A 443 9.76 7.21 26.81
N GLY A 444 9.53 6.61 25.63
CA GLY A 444 8.49 5.61 25.45
C GLY A 444 7.46 6.02 24.42
N HIS A 445 7.34 5.27 23.32
CA HIS A 445 6.33 5.53 22.27
C HIS A 445 4.94 5.39 22.89
N ARG A 446 4.73 4.32 23.66
CA ARG A 446 3.52 4.05 24.43
C ARG A 446 3.05 5.27 25.24
N ASN A 447 3.96 5.94 25.97
CA ASN A 447 3.62 7.12 26.74
C ASN A 447 3.28 8.28 25.83
N TYR A 448 4.07 8.47 24.76
CA TYR A 448 3.92 9.57 23.83
C TYR A 448 2.61 9.54 23.01
N PHE A 449 2.18 8.36 22.54
CA PHE A 449 0.93 8.25 21.78
C PHE A 449 -0.29 8.58 22.64
N GLN A 450 -0.21 8.33 23.96
CA GLN A 450 -1.26 8.67 24.93
C GLN A 450 -1.27 10.19 25.18
N ASP A 451 -0.09 10.85 25.14
CA ASP A 451 0.02 12.30 25.32
C ASP A 451 -0.66 13.05 24.18
N ILE A 452 -0.50 12.56 22.96
CA ILE A 452 -1.15 13.15 21.77
C ILE A 452 -2.68 13.05 21.89
N GLN A 453 -3.15 11.89 22.35
CA GLN A 453 -4.57 11.63 22.55
C GLN A 453 -5.21 12.59 23.59
N MET A 454 -4.47 13.04 24.61
CA MET A 454 -5.03 13.95 25.63
C MET A 454 -5.43 15.32 25.07
N MET A 455 -4.82 15.75 23.97
CA MET A 455 -5.06 17.07 23.39
C MET A 455 -5.72 17.06 22.01
N LEU A 456 -5.72 15.91 21.33
CA LEU A 456 -6.40 15.75 20.04
C LEU A 456 -7.70 14.95 20.17
N GLY A 457 -7.82 14.09 21.19
CA GLY A 457 -8.98 13.23 21.37
C GLY A 457 -8.75 11.87 20.76
N PHE A 458 -8.18 11.85 19.54
CA PHE A 458 -7.86 10.62 18.82
C PHE A 458 -6.34 10.33 18.94
N PRO A 459 -5.90 9.06 18.84
CA PRO A 459 -4.46 8.77 18.92
C PRO A 459 -3.74 9.05 17.58
N PRO A 460 -2.39 8.99 17.53
CA PRO A 460 -1.69 9.23 16.24
C PRO A 460 -2.02 8.16 15.21
N PRO A 461 -2.32 8.48 13.94
CA PRO A 461 -2.65 7.40 12.98
C PRO A 461 -1.59 6.31 12.86
N LEU A 462 -2.02 5.13 12.38
CA LEU A 462 -1.15 3.98 12.19
C LEU A 462 -0.01 4.25 11.20
N PHE A 463 -0.20 5.20 10.26
CA PHE A 463 0.84 5.57 9.33
C PHE A 463 1.98 6.28 10.07
N PHE A 464 1.64 7.15 11.04
CA PHE A 464 2.64 7.88 11.82
C PHE A 464 3.30 6.99 12.86
N GLN A 465 2.52 6.16 13.58
CA GLN A 465 3.06 5.27 14.62
C GLN A 465 4.21 4.40 14.11
N ILE A 466 4.04 3.79 12.93
CA ILE A 466 5.09 2.95 12.35
C ILE A 466 6.20 3.80 11.75
N CYS A 467 5.87 4.96 11.14
CA CYS A 467 6.87 5.84 10.55
C CYS A 467 7.87 6.32 11.60
N TRP A 468 7.38 6.68 12.77
CA TRP A 468 8.23 7.15 13.86
C TRP A 468 9.12 6.05 14.44
N ARG A 469 8.58 4.85 14.66
CA ARG A 469 9.35 3.77 15.27
C ARG A 469 10.24 2.97 14.32
N PHE A 470 9.92 2.87 13.01
CA PHE A 470 10.69 2.01 12.11
C PHE A 470 11.12 2.60 10.76
N VAL A 471 10.19 3.22 10.01
CA VAL A 471 10.49 3.68 8.65
C VAL A 471 11.49 4.84 8.65
N SER A 472 11.21 5.91 9.40
CA SER A 472 12.06 7.09 9.39
C SER A 472 13.48 6.88 9.96
N PRO A 473 13.63 6.26 11.16
CA PRO A 473 15.00 6.07 11.69
C PRO A 473 15.86 5.11 10.86
N ALA A 474 15.25 4.15 10.12
CA ALA A 474 15.99 3.21 9.28
C ALA A 474 16.34 3.85 7.95
N ILE A 475 15.41 4.60 7.33
CA ILE A 475 15.66 5.29 6.07
C ILE A 475 16.77 6.33 6.30
N ILE A 476 16.61 7.17 7.31
CA ILE A 476 17.61 8.19 7.65
C ILE A 476 18.95 7.56 8.00
N PHE A 477 18.95 6.40 8.68
CA PHE A 477 20.17 5.71 9.02
C PHE A 477 20.88 5.19 7.76
N PHE A 478 20.16 4.44 6.89
CA PHE A 478 20.76 3.89 5.68
C PHE A 478 21.30 4.98 4.76
N ILE A 479 20.57 6.08 4.60
CA ILE A 479 21.03 7.19 3.76
C ILE A 479 22.32 7.77 4.33
N LEU A 480 22.41 7.90 5.65
CA LEU A 480 23.62 8.37 6.32
C LEU A 480 24.80 7.43 6.00
N VAL A 481 24.59 6.12 6.15
CA VAL A 481 25.64 5.14 5.94
C VAL A 481 26.20 5.16 4.51
N PHE A 482 25.33 5.09 3.50
CA PHE A 482 25.75 5.09 2.11
C PHE A 482 26.29 6.43 1.65
N THR A 483 25.90 7.55 2.28
CA THR A 483 26.46 8.85 1.92
C THR A 483 27.92 8.93 2.43
N VAL A 484 28.22 8.37 3.61
CA VAL A 484 29.59 8.32 4.13
C VAL A 484 30.50 7.49 3.19
N ILE A 485 29.96 6.39 2.63
CA ILE A 485 30.70 5.52 1.72
C ILE A 485 30.89 6.17 0.34
N GLN A 486 29.78 6.59 -0.29
CA GLN A 486 29.76 7.17 -1.64
C GLN A 486 30.12 8.66 -1.68
N TYR A 487 30.88 9.15 -0.70
CA TYR A 487 31.26 10.56 -0.69
C TYR A 487 32.27 10.85 -1.80
N GLN A 488 32.01 11.94 -2.48
CA GLN A 488 32.87 12.54 -3.48
C GLN A 488 32.84 14.06 -3.23
N PRO A 489 33.96 14.76 -3.46
CA PRO A 489 34.00 16.20 -3.16
C PRO A 489 33.01 17.00 -3.99
N ILE A 490 32.46 18.01 -3.36
CA ILE A 490 31.37 18.82 -3.89
C ILE A 490 31.79 19.77 -5.03
N THR A 491 30.84 20.06 -5.96
CA THR A 491 31.06 20.91 -7.11
C THR A 491 29.91 21.92 -7.32
N TYR A 492 30.21 23.11 -7.83
CA TYR A 492 29.29 24.19 -8.25
C TYR A 492 29.59 24.43 -9.73
N ASN A 493 28.64 24.28 -10.66
CA ASN A 493 28.90 24.54 -12.10
C ASN A 493 30.22 23.86 -12.57
N HIS A 494 30.38 22.58 -12.19
CA HIS A 494 31.54 21.69 -12.42
C HIS A 494 32.92 22.21 -11.86
N TYR A 495 32.93 23.25 -11.00
CA TYR A 495 34.11 23.75 -10.28
C TYR A 495 34.18 22.92 -9.00
N GLN A 496 35.26 22.15 -8.80
CA GLN A 496 35.42 21.33 -7.60
C GLN A 496 35.98 22.16 -6.44
N TYR A 497 35.45 21.91 -5.22
CA TYR A 497 35.88 22.64 -4.02
C TYR A 497 37.20 22.09 -3.44
N PRO A 498 38.07 22.98 -2.93
CA PRO A 498 39.36 22.54 -2.39
C PRO A 498 39.27 21.86 -1.03
N GLY A 499 40.34 21.15 -0.67
CA GLY A 499 40.45 20.41 0.59
C GLY A 499 40.15 21.20 1.86
N TRP A 500 40.62 22.49 1.95
CA TRP A 500 40.37 23.30 3.15
C TRP A 500 38.89 23.71 3.28
N ALA A 501 38.25 23.96 2.15
CA ALA A 501 36.88 24.46 2.15
C ALA A 501 35.88 23.38 2.52
N VAL A 502 36.05 22.16 1.97
CA VAL A 502 35.20 20.98 2.27
C VAL A 502 35.42 20.54 3.74
N ALA A 503 36.61 20.77 4.29
CA ALA A 503 36.89 20.45 5.70
C ALA A 503 36.05 21.37 6.59
N ILE A 504 35.98 22.68 6.27
CA ILE A 504 35.13 23.62 7.00
C ILE A 504 33.66 23.22 6.83
N GLY A 505 33.28 22.70 5.66
CA GLY A 505 31.98 22.11 5.40
C GLY A 505 31.66 21.00 6.39
N PHE A 506 32.60 20.07 6.59
CA PHE A 506 32.43 19.00 7.59
C PHE A 506 32.30 19.62 8.99
N LEU A 507 33.22 20.52 9.36
CA LEU A 507 33.26 21.12 10.69
C LEU A 507 31.99 21.87 11.06
N MET A 508 31.34 22.50 10.08
CA MET A 508 30.07 23.17 10.32
C MET A 508 28.96 22.12 10.40
N ALA A 509 28.93 21.19 9.46
CA ALA A 509 27.89 20.14 9.38
C ALA A 509 27.79 19.31 10.65
N LEU A 510 28.93 19.05 11.30
CA LEU A 510 28.99 18.31 12.57
C LEU A 510 29.12 19.23 13.80
N SER A 511 29.33 20.54 13.62
CA SER A 511 29.37 21.51 14.73
C SER A 511 28.00 21.51 15.43
N SER A 512 26.93 21.54 14.62
CA SER A 512 25.53 21.56 15.05
C SER A 512 25.05 20.19 15.59
N VAL A 513 25.60 19.08 15.09
CA VAL A 513 25.27 17.71 15.53
C VAL A 513 26.05 17.32 16.79
N LEU A 514 27.31 17.75 16.95
CA LEU A 514 28.09 17.44 18.15
C LEU A 514 27.53 18.09 19.43
N CYS A 515 26.54 18.98 19.32
CA CYS A 515 25.89 19.56 20.50
C CYS A 515 25.20 18.48 21.35
N ILE A 516 24.79 17.37 20.70
CA ILE A 516 24.14 16.24 21.34
C ILE A 516 25.12 15.52 22.28
N PRO A 517 26.23 14.94 21.78
CA PRO A 517 27.20 14.29 22.69
C PRO A 517 27.90 15.22 23.67
N LEU A 518 28.29 16.44 23.24
CA LEU A 518 28.99 17.39 24.13
C LEU A 518 28.18 17.82 25.36
N TYR A 519 26.88 18.10 25.20
CA TYR A 519 26.05 18.49 26.35
C TYR A 519 25.86 17.32 27.31
N ALA A 520 25.82 16.07 26.78
CA ALA A 520 25.71 14.87 27.61
C ALA A 520 26.97 14.68 28.49
N MET A 521 28.16 15.06 27.99
CA MET A 521 29.40 14.97 28.79
C MET A 521 29.31 15.92 30.01
N PHE A 522 28.68 17.08 29.83
CA PHE A 522 28.48 18.06 30.89
C PHE A 522 27.38 17.60 31.86
N ARG A 523 26.28 17.02 31.33
CA ARG A 523 25.16 16.51 32.13
C ARG A 523 25.56 15.35 33.03
N LEU A 524 26.23 14.35 32.46
CA LEU A 524 26.67 13.19 33.23
C LEU A 524 27.68 13.58 34.32
N ALA A 525 28.41 14.70 34.14
CA ALA A 525 29.31 15.21 35.16
C ALA A 525 28.51 15.87 36.30
N ARG A 526 27.50 16.69 35.97
CA ARG A 526 26.65 17.37 36.95
C ARG A 526 25.72 16.42 37.73
N THR A 527 25.02 15.53 37.01
CA THR A 527 24.00 14.64 37.60
C THR A 527 24.54 13.66 38.66
N ASP A 528 23.60 13.14 39.49
CA ASP A 528 23.85 12.22 40.59
C ASP A 528 23.76 10.76 40.11
N GLY A 529 24.41 9.86 40.86
CA GLY A 529 24.44 8.44 40.57
C GLY A 529 25.79 7.84 40.91
N ASP A 530 26.87 8.50 40.46
CA ASP A 530 28.25 8.07 40.64
C ASP A 530 28.46 6.63 40.17
N THR A 531 27.78 6.25 39.07
CA THR A 531 27.80 4.90 38.49
C THR A 531 27.75 4.96 36.94
N LEU A 532 28.02 3.80 36.31
CA LEU A 532 28.05 3.65 34.85
C LEU A 532 26.65 3.79 34.21
N LEU A 533 25.68 2.97 34.66
CA LEU A 533 24.34 2.89 34.08
C LEU A 533 23.28 3.67 34.86
N GLN A 534 23.33 3.64 36.21
CA GLN A 534 22.32 4.32 37.03
C GLN A 534 22.32 5.85 36.83
N ARG A 535 23.49 6.48 36.64
CA ARG A 535 23.54 7.92 36.40
C ARG A 535 22.92 8.28 35.04
N LEU A 536 23.02 7.37 34.05
CA LEU A 536 22.39 7.54 32.75
C LEU A 536 20.89 7.36 32.91
N LYS A 537 20.43 6.32 33.65
CA LYS A 537 18.99 6.10 33.89
C LYS A 537 18.36 7.26 34.68
N ASN A 538 19.16 8.01 35.46
CA ASN A 538 18.69 9.18 36.20
C ASN A 538 18.54 10.36 35.23
N ALA A 539 19.61 10.66 34.47
CA ALA A 539 19.64 11.78 33.54
C ALA A 539 18.67 11.64 32.35
N THR A 540 18.45 10.41 31.88
CA THR A 540 17.56 10.15 30.73
C THR A 540 16.07 10.20 31.08
N LYS A 541 15.67 9.81 32.30
CA LYS A 541 14.25 9.83 32.67
C LYS A 541 13.75 11.28 32.84
N PRO A 542 12.45 11.55 32.63
CA PRO A 542 11.97 12.94 32.68
C PRO A 542 12.32 13.74 33.91
N SER A 543 12.42 15.07 33.74
CA SER A 543 12.55 15.98 34.86
C SER A 543 11.23 15.95 35.63
N ARG A 544 11.32 16.13 36.90
CA ARG A 544 10.17 16.15 37.79
C ARG A 544 9.18 17.33 37.50
N ASP A 545 9.60 18.42 36.83
CA ASP A 545 8.70 19.56 36.54
C ASP A 545 7.83 19.46 35.27
N TRP A 546 7.84 18.34 34.59
CA TRP A 546 7.24 18.18 33.27
C TRP A 546 5.68 18.23 33.20
N GLY A 547 5.17 18.37 31.97
CA GLY A 547 3.73 18.43 31.64
C GLY A 547 3.16 19.83 31.45
N PRO A 548 1.88 19.90 31.01
CA PRO A 548 1.23 21.19 30.71
C PRO A 548 0.71 21.96 31.93
N ALA A 549 -0.11 23.00 31.69
CA ALA A 549 -0.66 23.86 32.71
C ALA A 549 -2.17 23.67 33.04
N LEU A 550 -2.53 23.88 34.33
CA LEU A 550 -3.87 23.78 34.95
C LEU A 550 -4.53 22.37 34.75
N LEU A 551 -5.73 22.29 34.17
CA LEU A 551 -6.57 21.10 34.03
C LEU A 551 -6.00 19.91 33.30
N GLU A 552 -5.09 20.14 32.38
CA GLU A 552 -4.69 19.17 31.37
C GLU A 552 -3.76 18.02 31.85
N HIS A 553 -4.22 17.25 32.84
CA HIS A 553 -3.48 16.10 33.39
C HIS A 553 -4.30 14.83 33.42
N ARG A 554 -3.64 13.70 33.19
CA ARG A 554 -4.21 12.36 33.41
C ARG A 554 -3.18 11.41 34.10
N THR A 555 -2.15 12.00 34.75
CA THR A 555 -1.18 11.36 35.63
C THR A 555 -0.87 12.42 36.72
N GLY A 556 -1.92 12.79 37.44
CA GLY A 556 -1.85 13.80 38.50
C GLY A 556 -3.21 14.13 39.09
N ASN B 14 -27.62 -22.74 6.21
CA ASN B 14 -26.72 -22.74 7.36
C ASN B 14 -25.55 -23.70 7.03
N GLN B 15 -25.88 -24.98 6.82
CA GLN B 15 -24.93 -26.05 6.54
C GLN B 15 -24.23 -25.97 5.18
N ILE B 16 -24.74 -25.18 4.19
CA ILE B 16 -24.07 -25.10 2.88
C ILE B 16 -22.82 -24.25 2.99
N GLU B 17 -22.88 -23.13 3.72
CA GLU B 17 -21.72 -22.27 3.91
C GLU B 17 -20.59 -23.04 4.65
N PHE B 18 -20.96 -23.99 5.52
CA PHE B 18 -20.00 -24.81 6.26
C PHE B 18 -19.28 -25.85 5.36
N VAL B 19 -19.79 -26.11 4.14
CA VAL B 19 -19.19 -27.04 3.19
C VAL B 19 -17.98 -26.40 2.52
N LEU B 20 -18.13 -25.16 2.02
CA LEU B 20 -17.08 -24.45 1.31
C LEU B 20 -15.82 -24.24 2.13
N THR B 21 -15.92 -24.22 3.47
CA THR B 21 -14.76 -24.09 4.34
C THR B 21 -13.88 -25.33 4.18
N SER B 22 -14.50 -26.52 4.18
CA SER B 22 -13.81 -27.81 3.99
C SER B 22 -13.22 -27.92 2.58
N VAL B 23 -13.94 -27.40 1.58
CA VAL B 23 -13.49 -27.41 0.19
C VAL B 23 -12.23 -26.57 0.06
N GLY B 24 -12.19 -25.41 0.72
CA GLY B 24 -11.04 -24.51 0.69
C GLY B 24 -9.78 -25.11 1.29
N TYR B 25 -9.90 -25.88 2.39
CA TYR B 25 -8.73 -26.54 2.98
C TYR B 25 -8.21 -27.69 2.09
N ALA B 26 -9.07 -28.23 1.19
CA ALA B 26 -8.75 -29.33 0.30
C ALA B 26 -8.12 -28.91 -1.04
N VAL B 27 -7.78 -27.61 -1.20
CA VAL B 27 -7.09 -27.10 -2.38
C VAL B 27 -5.94 -26.21 -1.91
N GLY B 28 -4.83 -26.25 -2.61
CA GLY B 28 -3.66 -25.46 -2.27
C GLY B 28 -2.48 -25.78 -3.18
N LEU B 29 -1.31 -25.19 -2.87
CA LEU B 29 -0.12 -25.43 -3.68
C LEU B 29 0.43 -26.87 -3.55
N GLY B 30 0.07 -27.58 -2.49
CA GLY B 30 0.50 -28.96 -2.30
C GLY B 30 0.01 -29.90 -3.39
N ASN B 31 -1.19 -29.65 -3.96
CA ASN B 31 -1.76 -30.50 -5.02
C ASN B 31 -1.89 -29.83 -6.40
N VAL B 32 -1.85 -28.49 -6.49
CA VAL B 32 -1.91 -27.79 -7.79
C VAL B 32 -0.53 -27.81 -8.44
N TRP B 33 0.51 -27.56 -7.65
CA TRP B 33 1.88 -27.56 -8.14
C TRP B 33 2.52 -28.95 -7.95
N ARG B 34 2.65 -29.39 -6.70
CA ARG B 34 3.38 -30.60 -6.38
C ARG B 34 2.77 -31.91 -6.82
N PHE B 35 1.43 -32.07 -6.80
CA PHE B 35 0.88 -33.39 -7.16
C PHE B 35 1.20 -33.73 -8.63
N PRO B 36 0.92 -32.84 -9.61
CA PRO B 36 1.27 -33.17 -11.00
C PRO B 36 2.74 -33.47 -11.23
N TYR B 37 3.65 -32.75 -10.55
CA TYR B 37 5.08 -32.98 -10.74
C TYR B 37 5.46 -34.36 -10.20
N LEU B 38 4.98 -34.73 -9.01
CA LEU B 38 5.29 -36.06 -8.46
C LEU B 38 4.65 -37.16 -9.32
N CYS B 39 3.42 -36.96 -9.79
CA CYS B 39 2.75 -37.93 -10.65
C CYS B 39 3.53 -38.17 -11.94
N TYR B 40 4.19 -37.13 -12.45
CA TYR B 40 4.98 -37.22 -13.66
C TYR B 40 6.38 -37.82 -13.41
N ARG B 41 7.00 -37.42 -12.32
CA ARG B 41 8.34 -37.89 -11.95
C ARG B 41 8.45 -39.43 -11.81
N ASN B 42 7.43 -40.05 -11.20
CA ASN B 42 7.26 -41.51 -10.98
C ASN B 42 6.44 -42.23 -12.11
N GLY B 43 5.77 -41.43 -12.91
CA GLY B 43 5.11 -41.78 -14.16
C GLY B 43 3.62 -41.86 -14.00
N GLY B 44 2.93 -41.23 -14.93
CA GLY B 44 1.49 -40.99 -14.92
C GLY B 44 0.62 -42.02 -14.24
N GLY B 45 0.14 -43.06 -14.96
CA GLY B 45 -0.66 -44.14 -14.37
C GLY B 45 0.10 -45.02 -13.39
N ALA B 46 1.45 -44.91 -13.33
CA ALA B 46 2.28 -45.68 -12.41
C ALA B 46 2.21 -45.15 -10.96
N PHE B 47 1.80 -43.89 -10.76
CA PHE B 47 1.67 -43.26 -9.45
C PHE B 47 0.23 -43.18 -8.96
N MET B 48 -0.75 -43.12 -9.86
CA MET B 48 -2.16 -43.02 -9.48
C MET B 48 -2.65 -44.22 -8.64
N PHE B 49 -2.31 -45.46 -9.05
CA PHE B 49 -2.76 -46.65 -8.29
C PHE B 49 -2.07 -46.70 -6.89
N PRO B 50 -0.73 -46.59 -6.76
CA PRO B 50 -0.13 -46.43 -5.43
C PRO B 50 -0.63 -45.25 -4.61
N TYR B 51 -1.05 -44.13 -5.24
CA TYR B 51 -1.54 -42.94 -4.53
C TYR B 51 -2.89 -43.21 -3.84
N PHE B 52 -3.84 -43.76 -4.59
CA PHE B 52 -5.17 -44.07 -4.04
C PHE B 52 -5.08 -45.11 -2.93
N ILE B 53 -4.25 -46.13 -3.10
CA ILE B 53 -4.09 -47.19 -2.08
C ILE B 53 -3.49 -46.60 -0.79
N MET B 54 -2.41 -45.82 -0.91
CA MET B 54 -1.79 -45.20 0.27
C MET B 54 -2.70 -44.16 0.93
N LEU B 55 -3.46 -43.39 0.15
CA LEU B 55 -4.38 -42.39 0.70
C LEU B 55 -5.55 -43.05 1.45
N ILE B 56 -6.16 -44.08 0.87
CA ILE B 56 -7.31 -44.75 1.49
C ILE B 56 -6.91 -45.53 2.76
N PHE B 57 -5.87 -46.36 2.70
CA PHE B 57 -5.49 -47.20 3.83
C PHE B 57 -4.62 -46.54 4.90
N CYS B 58 -3.76 -45.60 4.52
CA CYS B 58 -2.82 -45.02 5.46
C CYS B 58 -2.98 -43.51 5.65
N GLY B 59 -3.30 -42.79 4.58
CA GLY B 59 -3.50 -41.36 4.61
C GLY B 59 -4.68 -40.88 5.43
N ILE B 60 -5.91 -41.33 5.09
CA ILE B 60 -7.11 -40.85 5.78
C ILE B 60 -7.19 -41.31 7.25
N PRO B 61 -6.88 -42.58 7.60
CA PRO B 61 -6.94 -42.95 9.03
C PRO B 61 -5.95 -42.16 9.88
N ALA B 62 -4.75 -41.87 9.37
CA ALA B 62 -3.78 -41.06 10.12
C ALA B 62 -4.28 -39.61 10.24
N PHE B 63 -4.95 -39.10 9.21
CA PHE B 63 -5.55 -37.75 9.17
C PHE B 63 -6.65 -37.62 10.23
N PHE B 64 -7.56 -38.61 10.31
CA PHE B 64 -8.62 -38.63 11.31
C PHE B 64 -8.04 -38.79 12.73
N MET B 65 -6.94 -39.52 12.88
CA MET B 65 -6.29 -39.68 14.17
C MET B 65 -5.66 -38.37 14.61
N GLU B 66 -4.99 -37.63 13.72
CA GLU B 66 -4.38 -36.35 14.10
C GLU B 66 -5.41 -35.28 14.47
N LEU B 67 -6.63 -35.34 13.92
CA LEU B 67 -7.69 -34.43 14.32
C LEU B 67 -8.20 -34.87 15.70
N SER B 68 -8.58 -36.14 15.83
CA SER B 68 -9.12 -36.68 17.08
C SER B 68 -8.17 -36.55 18.27
N PHE B 69 -6.89 -36.79 18.04
CA PHE B 69 -5.84 -36.72 19.06
C PHE B 69 -5.73 -35.30 19.64
N GLY B 70 -5.74 -34.26 18.80
CA GLY B 70 -5.63 -32.88 19.26
C GLY B 70 -6.91 -32.25 19.78
N GLN B 71 -8.08 -32.67 19.25
CA GLN B 71 -9.39 -32.13 19.65
C GLN B 71 -9.81 -32.73 20.98
N PHE B 72 -9.55 -34.03 21.19
CA PHE B 72 -9.85 -34.64 22.48
C PHE B 72 -9.02 -33.95 23.58
N ALA B 73 -7.70 -34.04 23.49
CA ALA B 73 -6.79 -33.44 24.46
C ALA B 73 -6.87 -31.91 24.51
N SER B 74 -7.30 -31.28 23.42
CA SER B 74 -7.43 -29.83 23.32
C SER B 74 -6.06 -29.13 23.56
N GLN B 75 -4.91 -29.81 23.18
CA GLN B 75 -3.50 -29.32 23.28
C GLN B 75 -2.81 -29.37 21.88
N GLY B 76 -1.80 -28.51 21.64
CA GLY B 76 -1.07 -28.44 20.35
C GLY B 76 -0.16 -29.62 20.06
N CYS B 77 0.63 -29.60 18.95
CA CYS B 77 1.49 -30.74 18.58
C CYS B 77 2.53 -31.06 19.64
N LEU B 78 2.94 -30.06 20.50
CA LEU B 78 3.88 -30.42 21.55
C LEU B 78 3.19 -30.92 22.81
N GLY B 79 2.23 -30.16 23.31
CA GLY B 79 1.55 -30.48 24.54
C GLY B 79 0.71 -31.74 24.51
N VAL B 80 0.24 -32.18 23.29
CA VAL B 80 -0.58 -33.38 23.16
C VAL B 80 0.16 -34.67 23.55
N TRP B 81 1.50 -34.65 23.56
CA TRP B 81 2.32 -35.82 23.91
C TRP B 81 2.39 -36.12 25.40
N ARG B 82 1.34 -35.67 26.15
CA ARG B 82 1.12 -35.92 27.58
C ARG B 82 0.72 -37.41 27.73
N ILE B 83 -0.07 -37.93 26.75
CA ILE B 83 -0.45 -39.34 26.60
C ILE B 83 0.77 -40.28 26.72
N SER B 84 2.00 -39.77 26.45
CA SER B 84 3.24 -40.53 26.66
C SER B 84 4.41 -39.55 26.64
N PRO B 85 4.74 -38.94 27.81
CA PRO B 85 5.81 -37.93 27.82
C PRO B 85 7.12 -38.33 27.21
N MET B 86 7.40 -39.64 27.07
CA MET B 86 8.66 -40.04 26.46
C MET B 86 8.65 -39.74 24.96
N PHE B 87 7.51 -39.96 24.30
CA PHE B 87 7.37 -39.80 22.86
C PHE B 87 7.17 -38.36 22.40
N LYS B 88 7.30 -37.36 23.28
CA LYS B 88 7.17 -35.97 22.86
C LYS B 88 8.20 -35.57 21.78
N GLY B 89 9.24 -36.40 21.55
CA GLY B 89 10.17 -36.19 20.44
C GLY B 89 9.49 -36.29 19.07
N VAL B 90 8.31 -36.89 19.03
CA VAL B 90 7.48 -36.93 17.83
C VAL B 90 6.98 -35.49 17.59
N GLY B 91 6.43 -34.87 18.63
CA GLY B 91 5.92 -33.51 18.60
C GLY B 91 6.95 -32.48 18.17
N TYR B 92 8.20 -32.64 18.62
CA TYR B 92 9.30 -31.78 18.20
C TYR B 92 9.63 -32.03 16.72
N GLY B 93 9.67 -33.28 16.31
CA GLY B 93 9.95 -33.66 14.92
C GLY B 93 9.01 -33.03 13.93
N MET B 94 7.72 -32.93 14.27
CA MET B 94 6.70 -32.27 13.45
C MET B 94 7.01 -30.78 13.22
N MET B 95 7.63 -30.12 14.20
CA MET B 95 8.04 -28.72 14.03
C MET B 95 9.21 -28.65 13.05
N VAL B 96 10.10 -29.65 13.06
CA VAL B 96 11.24 -29.65 12.13
C VAL B 96 10.71 -29.76 10.70
N VAL B 97 9.78 -30.70 10.45
CA VAL B 97 9.10 -30.83 9.14
C VAL B 97 8.46 -29.49 8.74
N SER B 98 7.81 -28.80 9.68
CA SER B 98 7.19 -27.51 9.43
C SER B 98 8.24 -26.43 9.07
N THR B 99 9.39 -26.41 9.77
CA THR B 99 10.47 -25.44 9.47
C THR B 99 11.14 -25.67 8.13
N TYR B 100 11.19 -26.92 7.62
CA TYR B 100 11.77 -27.16 6.28
C TYR B 100 10.74 -26.74 5.23
N ILE B 101 9.49 -27.10 5.41
CA ILE B 101 8.43 -26.75 4.48
C ILE B 101 8.24 -25.21 4.38
N GLY B 102 8.19 -24.52 5.50
CA GLY B 102 7.96 -23.08 5.55
C GLY B 102 8.95 -22.19 4.81
N ILE B 103 10.21 -22.62 4.69
CA ILE B 103 11.25 -21.82 4.05
C ILE B 103 11.36 -22.07 2.55
N TYR B 104 11.02 -23.29 2.09
CA TYR B 104 11.06 -23.60 0.66
C TYR B 104 9.71 -23.37 -0.01
N TYR B 105 8.61 -23.62 0.71
CA TYR B 105 7.25 -23.40 0.18
C TYR B 105 7.09 -21.92 -0.24
N ASN B 106 7.79 -21.01 0.45
CA ASN B 106 7.75 -19.60 0.11
C ASN B 106 8.49 -19.25 -1.20
N VAL B 107 9.57 -19.97 -1.60
CA VAL B 107 10.19 -19.66 -2.91
C VAL B 107 9.27 -20.08 -4.06
N VAL B 108 8.35 -21.02 -3.83
CA VAL B 108 7.33 -21.37 -4.82
C VAL B 108 6.40 -20.17 -4.99
N ILE B 109 6.03 -19.53 -3.89
CA ILE B 109 5.19 -18.32 -3.91
C ILE B 109 5.95 -17.16 -4.58
N CYS B 110 7.27 -17.09 -4.43
CA CYS B 110 8.08 -16.07 -5.10
C CYS B 110 7.99 -16.20 -6.60
N ILE B 111 8.03 -17.42 -7.10
CA ILE B 111 7.92 -17.66 -8.54
C ILE B 111 6.48 -17.41 -9.01
N ALA B 112 5.43 -17.65 -8.17
CA ALA B 112 4.04 -17.31 -8.54
C ALA B 112 3.93 -15.77 -8.65
N PHE B 113 4.59 -15.02 -7.73
CA PHE B 113 4.65 -13.55 -7.80
C PHE B 113 5.38 -13.10 -9.07
N TYR B 114 6.51 -13.73 -9.40
CA TYR B 114 7.29 -13.35 -10.58
C TYR B 114 6.47 -13.47 -11.87
N TYR B 115 5.80 -14.60 -12.07
CA TYR B 115 4.96 -14.79 -13.25
C TYR B 115 3.72 -13.89 -13.20
N PHE B 116 3.22 -13.60 -12.00
CA PHE B 116 2.12 -12.66 -11.84
C PHE B 116 2.54 -11.26 -12.32
N PHE B 117 3.60 -10.69 -11.74
CA PHE B 117 4.08 -9.36 -12.12
C PHE B 117 4.52 -9.34 -13.59
N SER B 118 5.19 -10.38 -14.04
CA SER B 118 5.62 -10.53 -15.43
C SER B 118 4.40 -10.63 -16.39
N SER B 119 3.22 -11.03 -15.89
CA SER B 119 1.99 -11.06 -16.70
C SER B 119 1.40 -9.66 -16.93
N MET B 120 1.94 -8.62 -16.26
CA MET B 120 1.44 -7.25 -16.36
C MET B 120 1.94 -6.56 -17.62
N THR B 121 1.68 -7.18 -18.77
CA THR B 121 2.06 -6.62 -20.07
C THR B 121 0.90 -6.72 -21.07
N HIS B 122 1.06 -6.07 -22.21
CA HIS B 122 0.12 -6.13 -23.33
C HIS B 122 0.27 -7.48 -24.08
N VAL B 123 1.43 -8.16 -23.97
CA VAL B 123 1.70 -9.46 -24.61
C VAL B 123 2.54 -10.31 -23.65
N LEU B 124 2.13 -11.55 -23.37
CA LEU B 124 2.89 -12.44 -22.48
C LEU B 124 4.25 -12.81 -23.11
N PRO B 125 5.35 -12.76 -22.34
CA PRO B 125 6.69 -12.93 -22.94
C PRO B 125 7.04 -14.35 -23.35
N TRP B 126 6.58 -15.33 -22.58
CA TRP B 126 6.84 -16.75 -22.78
C TRP B 126 6.04 -17.39 -23.95
N ALA B 127 5.31 -16.59 -24.72
CA ALA B 127 4.57 -17.03 -25.92
C ALA B 127 5.48 -17.21 -27.15
N TYR B 128 6.61 -16.48 -27.23
CA TYR B 128 7.42 -16.36 -28.45
C TYR B 128 8.88 -16.78 -28.39
N CYS B 129 9.43 -17.19 -29.56
CA CYS B 129 10.85 -17.56 -29.76
C CYS B 129 11.74 -16.38 -30.20
N ASN B 130 11.21 -15.18 -30.29
CA ASN B 130 11.94 -14.01 -30.78
C ASN B 130 12.88 -13.38 -29.75
N ASN B 131 12.68 -13.68 -28.47
CA ASN B 131 13.42 -13.07 -27.37
C ASN B 131 14.90 -13.51 -27.30
N PRO B 132 15.81 -12.68 -26.76
CA PRO B 132 17.24 -13.01 -26.81
C PRO B 132 17.67 -14.31 -26.16
N TRP B 133 17.11 -14.63 -25.01
CA TRP B 133 17.44 -15.85 -24.27
C TRP B 133 17.08 -17.15 -25.03
N ASN B 134 16.16 -17.08 -26.00
CA ASN B 134 15.74 -18.27 -26.75
C ASN B 134 16.84 -18.81 -27.66
N THR B 135 16.98 -20.13 -27.72
CA THR B 135 17.98 -20.80 -28.56
C THR B 135 17.37 -21.16 -29.94
N HIS B 136 18.22 -21.54 -30.92
CA HIS B 136 17.74 -21.99 -32.22
C HIS B 136 16.85 -23.26 -32.12
N ASP B 137 16.98 -24.05 -31.03
CA ASP B 137 16.16 -25.24 -30.78
C ASP B 137 14.66 -24.95 -30.74
N CYS B 138 14.31 -23.81 -30.15
CA CYS B 138 12.95 -23.37 -29.82
C CYS B 138 11.88 -23.58 -30.91
N ALA B 139 10.71 -24.07 -30.49
CA ALA B 139 9.59 -24.47 -31.34
C ALA B 139 8.52 -23.38 -31.63
N GLY B 140 8.09 -22.65 -30.61
CA GLY B 140 7.06 -21.62 -30.73
C GLY B 140 5.64 -22.10 -31.05
N VAL B 141 4.61 -21.62 -30.35
CA VAL B 141 3.20 -21.96 -30.68
C VAL B 141 2.61 -20.91 -31.63
N LEU B 142 3.09 -19.67 -31.57
CA LEU B 142 2.55 -18.60 -32.42
C LEU B 142 3.47 -18.18 -33.57
N ASP B 143 4.72 -18.63 -33.56
CA ASP B 143 5.71 -18.30 -34.58
C ASP B 143 5.46 -19.09 -35.88
N HIS B 149 15.05 -26.77 -38.10
CA HIS B 149 15.84 -25.98 -37.15
C HIS B 149 16.72 -26.84 -36.21
N SER B 150 16.25 -28.02 -35.77
CA SER B 150 17.06 -28.87 -34.86
C SER B 150 16.44 -30.26 -34.67
N LEU B 151 17.27 -31.24 -34.25
CA LEU B 151 16.82 -32.59 -33.94
C LEU B 151 15.93 -32.53 -32.69
N GLN B 152 16.42 -31.83 -31.65
CA GLN B 152 15.68 -31.64 -30.40
C GLN B 152 14.93 -30.30 -30.44
N ARG B 153 13.74 -30.27 -29.83
CA ARG B 153 12.89 -29.09 -29.77
C ARG B 153 12.53 -28.78 -28.33
N THR B 154 12.37 -27.49 -28.05
CA THR B 154 12.04 -26.93 -26.75
C THR B 154 10.88 -25.96 -26.91
N SER B 155 10.06 -25.83 -25.89
CA SER B 155 8.92 -24.91 -25.93
C SER B 155 9.35 -23.50 -25.48
N PRO B 156 8.68 -22.40 -25.97
CA PRO B 156 8.94 -21.04 -25.46
C PRO B 156 8.95 -20.97 -23.93
N SER B 157 7.92 -21.55 -23.29
CA SER B 157 7.80 -21.57 -21.84
C SER B 157 8.93 -22.33 -21.16
N GLU B 158 9.35 -23.45 -21.75
CA GLU B 158 10.40 -24.31 -21.21
C GLU B 158 11.77 -23.62 -21.19
N GLU B 159 12.00 -22.70 -22.13
CA GLU B 159 13.22 -21.91 -22.24
C GLU B 159 13.13 -20.63 -21.43
N TYR B 160 11.94 -19.99 -21.38
CA TYR B 160 11.73 -18.77 -20.58
C TYR B 160 12.02 -19.07 -19.10
N TRP B 161 11.45 -20.16 -18.63
CA TRP B 161 11.66 -20.68 -17.28
C TRP B 161 13.16 -21.00 -17.06
N ARG B 162 13.67 -21.92 -17.85
CA ARG B 162 15.00 -22.48 -17.70
C ARG B 162 16.15 -21.51 -17.91
N LEU B 163 15.93 -20.40 -18.62
CA LEU B 163 17.00 -19.44 -18.93
C LEU B 163 16.76 -17.98 -18.46
N TYR B 164 15.51 -17.50 -18.45
CA TYR B 164 15.24 -16.11 -18.04
C TYR B 164 14.76 -16.03 -16.58
N VAL B 165 13.70 -16.77 -16.20
CA VAL B 165 13.17 -16.73 -14.82
C VAL B 165 14.28 -17.17 -13.86
N LEU B 166 14.92 -18.30 -14.14
CA LEU B 166 15.98 -18.84 -13.34
C LEU B 166 17.10 -19.28 -14.27
N LYS B 167 18.23 -18.57 -14.27
CA LYS B 167 19.40 -18.95 -15.05
C LYS B 167 19.99 -20.15 -14.34
N LEU B 168 19.48 -21.32 -14.66
CA LEU B 168 19.89 -22.55 -14.01
C LEU B 168 21.36 -22.91 -14.32
N SER B 169 22.18 -23.13 -13.28
CA SER B 169 23.59 -23.50 -13.45
C SER B 169 23.73 -25.01 -13.71
N ASP B 170 24.94 -25.48 -13.99
CA ASP B 170 25.19 -26.91 -14.25
C ASP B 170 25.30 -27.77 -12.99
N ASP B 171 25.54 -27.18 -11.80
CA ASP B 171 25.66 -27.95 -10.57
C ASP B 171 25.26 -27.13 -9.33
N ILE B 172 24.97 -27.83 -8.22
CA ILE B 172 24.62 -27.24 -6.92
C ILE B 172 25.71 -26.28 -6.43
N GLY B 173 26.97 -26.67 -6.58
CA GLY B 173 28.10 -25.86 -6.18
C GLY B 173 28.18 -24.52 -6.88
N ASN B 174 27.71 -24.48 -8.15
CA ASN B 174 27.71 -23.26 -8.95
C ASN B 174 26.52 -22.36 -8.61
N PHE B 175 26.62 -21.65 -7.49
CA PHE B 175 25.59 -20.71 -7.08
C PHE B 175 25.58 -19.44 -7.94
N GLY B 176 26.71 -19.11 -8.59
CA GLY B 176 26.86 -17.93 -9.43
C GLY B 176 26.56 -16.65 -8.69
N GLU B 177 25.36 -16.11 -8.90
CA GLU B 177 24.89 -14.89 -8.24
C GLU B 177 23.38 -14.99 -8.08
N VAL B 178 22.86 -14.47 -6.95
CA VAL B 178 21.44 -14.52 -6.66
C VAL B 178 20.60 -13.84 -7.72
N ARG B 179 19.42 -14.41 -7.98
CA ARG B 179 18.45 -13.87 -8.91
C ARG B 179 17.83 -12.71 -8.18
N LEU B 180 18.30 -11.49 -8.46
CA LEU B 180 17.81 -10.28 -7.77
C LEU B 180 16.29 -10.08 -7.91
N PRO B 181 15.65 -10.33 -9.07
CA PRO B 181 14.19 -10.21 -9.15
C PRO B 181 13.45 -11.18 -8.23
N LEU B 182 13.98 -12.40 -8.06
CA LEU B 182 13.38 -13.39 -7.15
C LEU B 182 13.67 -13.03 -5.69
N LEU B 183 14.91 -12.60 -5.35
CA LEU B 183 15.25 -12.14 -3.99
C LEU B 183 14.38 -10.94 -3.56
N GLY B 184 13.98 -10.11 -4.51
CA GLY B 184 13.07 -9.00 -4.24
C GLY B 184 11.68 -9.52 -3.91
N CYS B 185 11.23 -10.52 -4.65
CA CYS B 185 9.92 -11.16 -4.41
C CYS B 185 9.89 -11.91 -3.11
N LEU B 186 11.01 -12.53 -2.74
CA LEU B 186 11.18 -13.17 -1.44
C LEU B 186 11.09 -12.14 -0.28
N GLY B 187 11.18 -10.86 -0.58
CA GLY B 187 10.86 -9.80 0.37
C GLY B 187 9.35 -9.72 0.50
N VAL B 188 8.68 -9.53 -0.62
CA VAL B 188 7.22 -9.34 -0.69
C VAL B 188 6.48 -10.56 -0.13
N ALA B 189 6.89 -11.76 -0.51
CA ALA B 189 6.25 -12.99 -0.06
C ALA B 189 6.39 -13.27 1.43
N TRP B 190 7.38 -12.66 2.12
CA TRP B 190 7.52 -12.77 3.58
C TRP B 190 6.75 -11.62 4.24
N LEU B 191 6.82 -10.40 3.69
CA LEU B 191 6.05 -9.27 4.24
C LEU B 191 4.55 -9.55 4.18
N VAL B 192 4.06 -10.03 3.03
CA VAL B 192 2.63 -10.24 2.82
C VAL B 192 2.03 -11.30 3.77
N VAL B 193 2.81 -12.27 4.26
CA VAL B 193 2.30 -13.23 5.26
C VAL B 193 2.45 -12.64 6.66
N PHE B 194 3.62 -12.02 6.93
CA PHE B 194 3.87 -11.42 8.24
C PHE B 194 2.81 -10.37 8.60
N LEU B 195 2.56 -9.43 7.69
CA LEU B 195 1.57 -8.39 7.91
C LEU B 195 0.12 -8.94 8.00
N CYS B 196 -0.11 -10.20 7.57
CA CYS B 196 -1.41 -10.88 7.73
C CYS B 196 -1.47 -11.60 9.07
N LEU B 197 -0.36 -12.13 9.57
CA LEU B 197 -0.33 -12.79 10.88
C LEU B 197 -0.65 -11.79 12.02
N ILE B 198 -0.34 -10.48 11.85
CA ILE B 198 -0.66 -9.47 12.86
C ILE B 198 -2.18 -9.22 12.89
N ARG B 199 -2.80 -9.03 11.72
CA ARG B 199 -4.24 -8.75 11.59
C ARG B 199 -5.19 -9.92 11.93
N GLY B 200 -5.03 -11.06 11.22
CA GLY B 200 -5.89 -12.21 11.37
C GLY B 200 -5.90 -12.84 12.75
N VAL B 207 -16.44 -14.10 3.39
CA VAL B 207 -15.46 -14.19 2.31
C VAL B 207 -15.16 -15.64 1.88
N VAL B 208 -15.84 -16.64 2.45
CA VAL B 208 -15.61 -18.04 2.10
C VAL B 208 -16.14 -18.37 0.70
N TYR B 209 -17.17 -17.65 0.21
CA TYR B 209 -17.72 -17.89 -1.12
C TYR B 209 -16.71 -17.63 -2.23
N PHE B 210 -15.89 -16.56 -2.11
CA PHE B 210 -14.89 -16.26 -3.13
C PHE B 210 -13.66 -17.17 -3.00
N THR B 211 -13.07 -17.27 -1.81
CA THR B 211 -11.87 -18.07 -1.59
C THR B 211 -12.05 -19.57 -1.81
N ALA B 212 -13.29 -20.08 -1.85
CA ALA B 212 -13.53 -21.51 -2.09
C ALA B 212 -13.97 -21.78 -3.53
N THR B 213 -14.56 -20.80 -4.24
CA THR B 213 -15.00 -20.99 -5.62
C THR B 213 -13.92 -20.55 -6.62
N PHE B 214 -13.28 -19.39 -6.38
CA PHE B 214 -12.25 -18.85 -7.26
C PHE B 214 -11.15 -19.87 -7.67
N PRO B 215 -10.63 -20.73 -6.77
CA PRO B 215 -9.62 -21.72 -7.21
C PRO B 215 -10.19 -22.71 -8.21
N TYR B 216 -11.46 -23.09 -8.06
CA TYR B 216 -12.09 -24.07 -8.95
C TYR B 216 -12.59 -23.46 -10.26
N VAL B 217 -13.08 -22.19 -10.25
CA VAL B 217 -13.54 -21.57 -11.49
C VAL B 217 -12.37 -21.32 -12.44
N VAL B 218 -11.19 -20.93 -11.89
CA VAL B 218 -10.01 -20.68 -12.72
C VAL B 218 -9.38 -22.00 -13.17
N LEU B 219 -9.39 -23.04 -12.30
CA LEU B 219 -8.88 -24.35 -12.72
C LEU B 219 -9.78 -24.97 -13.79
N THR B 220 -11.08 -24.67 -13.78
CA THR B 220 -11.98 -25.18 -14.81
C THR B 220 -11.70 -24.52 -16.15
N ILE B 221 -11.36 -23.22 -16.18
CA ILE B 221 -11.03 -22.51 -17.43
C ILE B 221 -9.84 -23.18 -18.11
N LEU B 222 -8.76 -23.43 -17.35
CA LEU B 222 -7.59 -24.09 -17.90
C LEU B 222 -7.89 -25.55 -18.23
N PHE B 223 -8.75 -26.23 -17.46
CA PHE B 223 -9.12 -27.61 -17.75
C PHE B 223 -9.80 -27.71 -19.13
N VAL B 224 -10.71 -26.77 -19.45
CA VAL B 224 -11.41 -26.76 -20.74
C VAL B 224 -10.40 -26.60 -21.86
N ARG B 225 -9.47 -25.66 -21.70
CA ARG B 225 -8.39 -25.42 -22.65
C ARG B 225 -7.55 -26.69 -22.87
N GLY B 226 -7.06 -27.29 -21.79
CA GLY B 226 -6.25 -28.50 -21.84
C GLY B 226 -6.84 -29.66 -22.62
N VAL B 227 -8.15 -29.90 -22.48
CA VAL B 227 -8.82 -31.00 -23.19
C VAL B 227 -9.05 -30.65 -24.67
N THR B 228 -9.40 -29.40 -24.99
CA THR B 228 -9.63 -29.00 -26.38
C THR B 228 -8.38 -28.89 -27.25
N LEU B 229 -7.18 -29.18 -26.73
CA LEU B 229 -5.95 -29.16 -27.54
C LEU B 229 -5.72 -30.49 -28.21
N GLU B 230 -5.09 -30.50 -29.41
CA GLU B 230 -4.75 -31.77 -30.07
C GLU B 230 -3.61 -32.41 -29.26
N GLY B 231 -3.66 -33.72 -29.11
CA GLY B 231 -2.68 -34.44 -28.32
C GLY B 231 -3.09 -34.62 -26.87
N ALA B 232 -4.15 -33.92 -26.41
CA ALA B 232 -4.64 -34.03 -25.04
C ALA B 232 -4.96 -35.46 -24.66
N PHE B 233 -5.56 -36.25 -25.56
CA PHE B 233 -5.86 -37.65 -25.26
C PHE B 233 -4.58 -38.45 -24.98
N ASP B 234 -3.52 -38.21 -25.74
CA ASP B 234 -2.24 -38.92 -25.50
C ASP B 234 -1.57 -38.53 -24.17
N GLY B 235 -1.95 -37.38 -23.64
CA GLY B 235 -1.49 -36.94 -22.34
C GLY B 235 -2.33 -37.63 -21.27
N ILE B 236 -3.66 -37.51 -21.39
CA ILE B 236 -4.65 -38.10 -20.49
C ILE B 236 -4.46 -39.60 -20.37
N MET B 237 -4.22 -40.28 -21.49
CA MET B 237 -3.96 -41.72 -21.56
C MET B 237 -2.78 -42.08 -20.66
N TYR B 238 -1.68 -41.35 -20.78
CA TYR B 238 -0.49 -41.60 -19.98
C TYR B 238 -0.76 -41.38 -18.50
N TYR B 239 -1.55 -40.38 -18.19
CA TYR B 239 -1.94 -40.04 -16.81
C TYR B 239 -2.77 -41.16 -16.16
N LEU B 240 -3.75 -41.70 -16.87
CA LEU B 240 -4.67 -42.71 -16.32
C LEU B 240 -4.26 -44.19 -16.49
N THR B 241 -3.78 -44.61 -17.67
CA THR B 241 -3.48 -46.03 -17.94
C THR B 241 -2.33 -46.55 -17.07
N PRO B 242 -2.55 -47.60 -16.25
CA PRO B 242 -1.52 -48.02 -15.31
C PRO B 242 -0.37 -48.87 -15.89
N GLN B 243 0.77 -48.84 -15.18
CA GLN B 243 2.01 -49.54 -15.51
C GLN B 243 2.27 -50.64 -14.48
N TRP B 244 1.71 -51.84 -14.69
CA TRP B 244 1.90 -52.99 -13.77
C TRP B 244 3.37 -53.46 -13.71
N ASP B 245 4.18 -53.10 -14.71
CA ASP B 245 5.62 -53.40 -14.70
C ASP B 245 6.40 -52.49 -13.74
N LYS B 246 5.85 -51.31 -13.41
CA LYS B 246 6.49 -50.31 -12.57
C LYS B 246 5.98 -50.26 -11.11
N ILE B 247 4.98 -51.06 -10.81
CA ILE B 247 4.31 -51.12 -9.52
C ILE B 247 5.10 -52.00 -8.49
N LEU B 248 6.21 -52.63 -8.91
CA LEU B 248 7.09 -53.37 -8.01
C LEU B 248 8.38 -52.56 -7.66
N GLU B 249 8.41 -51.23 -7.93
CA GLU B 249 9.55 -50.34 -7.61
C GLU B 249 9.23 -49.57 -6.31
N ALA B 250 10.04 -49.81 -5.25
CA ALA B 250 9.82 -49.26 -3.91
C ALA B 250 9.60 -47.75 -3.83
N LYS B 251 10.39 -46.97 -4.58
CA LYS B 251 10.30 -45.52 -4.58
C LYS B 251 8.98 -45.00 -5.12
N VAL B 252 8.31 -45.74 -6.00
CA VAL B 252 6.98 -45.35 -6.51
C VAL B 252 5.98 -45.29 -5.34
N TRP B 253 6.13 -46.20 -4.36
CA TRP B 253 5.31 -46.20 -3.17
C TRP B 253 5.81 -45.16 -2.17
N GLY B 254 7.13 -44.99 -2.06
CA GLY B 254 7.70 -43.97 -1.19
C GLY B 254 7.22 -42.57 -1.50
N ASP B 255 7.24 -42.20 -2.78
CA ASP B 255 6.73 -40.89 -3.22
C ASP B 255 5.19 -40.81 -3.14
N ALA B 256 4.49 -41.95 -3.27
CA ALA B 256 3.01 -42.04 -3.17
C ALA B 256 2.51 -41.94 -1.74
N ALA B 257 3.27 -42.49 -0.82
CA ALA B 257 3.05 -42.36 0.61
C ALA B 257 3.35 -40.91 1.01
N SER B 258 4.46 -40.34 0.51
CA SER B 258 4.81 -38.96 0.82
C SER B 258 3.72 -37.99 0.38
N GLN B 259 3.20 -38.15 -0.84
CA GLN B 259 2.20 -37.24 -1.36
C GLN B 259 0.86 -37.32 -0.64
N ALA B 260 0.38 -38.54 -0.35
CA ALA B 260 -0.86 -38.71 0.40
C ALA B 260 -0.75 -38.04 1.78
N PHE B 261 0.38 -38.22 2.47
CA PHE B 261 0.60 -37.65 3.80
C PHE B 261 0.88 -36.13 3.78
N TYR B 262 1.59 -35.64 2.78
CA TYR B 262 1.87 -34.20 2.64
C TYR B 262 0.60 -33.40 2.34
N SER B 263 -0.18 -33.82 1.35
CA SER B 263 -1.36 -33.10 0.89
C SER B 263 -2.48 -32.97 1.94
N LEU B 264 -2.57 -33.89 2.90
CA LEU B 264 -3.61 -33.80 3.94
C LEU B 264 -3.20 -32.88 5.12
N GLY B 265 -1.90 -32.73 5.35
CA GLY B 265 -1.35 -31.96 6.47
C GLY B 265 -0.73 -32.81 7.58
N CYS B 266 -0.73 -34.13 7.40
CA CYS B 266 -0.20 -35.09 8.36
C CYS B 266 1.27 -34.82 8.67
N ALA B 267 1.69 -35.06 9.91
CA ALA B 267 3.05 -34.90 10.41
C ALA B 267 3.67 -33.49 10.28
N TRP B 268 2.89 -32.47 9.91
CA TRP B 268 3.36 -31.08 10.01
C TRP B 268 3.17 -30.60 11.48
N GLY B 269 2.08 -31.02 12.12
CA GLY B 269 1.74 -30.59 13.48
C GLY B 269 0.52 -29.69 13.53
N GLY B 270 0.30 -28.93 12.45
CA GLY B 270 -0.83 -28.02 12.28
C GLY B 270 -2.20 -28.63 12.47
N LEU B 271 -2.39 -29.91 12.13
CA LEU B 271 -3.69 -30.55 12.30
C LEU B 271 -4.02 -30.69 13.78
N ILE B 272 -3.02 -31.00 14.62
CA ILE B 272 -3.20 -31.12 16.07
C ILE B 272 -3.44 -29.73 16.68
N THR B 273 -2.74 -28.70 16.17
CA THR B 273 -2.85 -27.33 16.67
C THR B 273 -4.20 -26.68 16.33
N MET B 274 -4.65 -26.80 15.07
CA MET B 274 -5.93 -26.21 14.67
C MET B 274 -7.10 -26.93 15.32
N ALA B 275 -7.07 -28.28 15.34
CA ALA B 275 -8.12 -29.06 15.96
C ALA B 275 -8.16 -28.91 17.49
N SER B 276 -7.07 -28.44 18.13
CA SER B 276 -7.08 -28.23 19.59
C SER B 276 -8.03 -27.09 19.94
N TYR B 277 -8.10 -26.05 19.10
CA TYR B 277 -9.02 -24.94 19.29
C TYR B 277 -10.47 -25.44 19.12
N ASN B 278 -10.68 -26.33 18.13
CA ASN B 278 -11.98 -26.90 17.76
C ASN B 278 -12.75 -27.46 18.97
N LYS B 279 -14.08 -27.33 18.93
CA LYS B 279 -14.97 -27.76 20.01
C LYS B 279 -14.80 -29.23 20.32
N PHE B 280 -14.95 -29.61 21.59
CA PHE B 280 -14.77 -31.01 21.99
C PHE B 280 -15.67 -31.99 21.21
N HIS B 281 -16.98 -31.74 21.15
CA HIS B 281 -17.93 -32.65 20.48
C HIS B 281 -18.13 -32.40 18.97
N ASN B 282 -17.14 -31.84 18.27
CA ASN B 282 -17.26 -31.64 16.81
C ASN B 282 -17.13 -33.02 16.14
N ASN B 283 -17.90 -33.25 15.07
CA ASN B 283 -17.88 -34.53 14.37
C ASN B 283 -16.65 -34.60 13.45
N CYS B 284 -15.45 -34.81 14.02
CA CYS B 284 -14.23 -34.89 13.24
C CYS B 284 -14.20 -36.05 12.23
N TYR B 285 -15.16 -37.00 12.31
CA TYR B 285 -15.26 -38.09 11.34
C TYR B 285 -15.83 -37.54 10.04
N ARG B 286 -16.95 -36.81 10.14
CA ARG B 286 -17.58 -36.10 9.02
C ARG B 286 -16.56 -35.12 8.39
N ASP B 287 -15.68 -34.51 9.21
CA ASP B 287 -14.66 -33.58 8.74
C ASP B 287 -13.54 -34.30 7.97
N SER B 288 -12.96 -35.37 8.54
CA SER B 288 -11.86 -36.07 7.89
C SER B 288 -12.24 -36.72 6.56
N VAL B 289 -13.48 -37.20 6.42
CA VAL B 289 -13.94 -37.80 5.17
C VAL B 289 -14.17 -36.69 4.14
N ILE B 290 -14.91 -35.64 4.53
CA ILE B 290 -15.23 -34.55 3.60
C ILE B 290 -13.96 -33.84 3.11
N ILE B 291 -13.02 -33.51 4.00
CA ILE B 291 -11.78 -32.85 3.59
C ILE B 291 -10.98 -33.74 2.63
N SER B 292 -10.67 -34.97 3.05
CA SER B 292 -9.87 -35.89 2.22
C SER B 292 -10.52 -36.28 0.90
N ILE B 293 -11.86 -36.37 0.81
CA ILE B 293 -12.52 -36.71 -0.44
C ILE B 293 -12.33 -35.57 -1.47
N THR B 294 -12.80 -34.35 -1.16
CA THR B 294 -12.62 -33.21 -2.08
C THR B 294 -11.11 -32.81 -2.25
N ASN B 295 -10.18 -33.41 -1.47
CA ASN B 295 -8.74 -33.23 -1.65
C ASN B 295 -8.30 -34.13 -2.81
N CYS B 296 -8.81 -35.39 -2.85
CA CYS B 296 -8.48 -36.32 -3.92
C CYS B 296 -9.13 -35.86 -5.21
N ALA B 297 -10.41 -35.43 -5.15
CA ALA B 297 -11.14 -34.94 -6.32
C ALA B 297 -10.47 -33.70 -6.95
N THR B 298 -9.73 -32.92 -6.16
CA THR B 298 -9.00 -31.74 -6.64
C THR B 298 -7.59 -32.14 -7.09
N SER B 299 -6.95 -33.14 -6.43
CA SER B 299 -5.64 -33.63 -6.83
C SER B 299 -5.72 -34.23 -8.23
N VAL B 300 -6.77 -35.02 -8.49
CA VAL B 300 -6.95 -35.64 -9.80
C VAL B 300 -7.26 -34.61 -10.89
N TYR B 301 -8.06 -33.58 -10.59
CA TYR B 301 -8.42 -32.52 -11.56
C TYR B 301 -7.21 -31.66 -11.93
N ALA B 302 -6.31 -31.40 -10.97
CA ALA B 302 -5.10 -30.61 -11.21
C ALA B 302 -4.05 -31.40 -12.02
N GLY B 303 -4.00 -32.71 -11.83
CA GLY B 303 -3.15 -33.58 -12.63
C GLY B 303 -3.72 -33.67 -14.03
N PHE B 304 -5.04 -33.90 -14.13
CA PHE B 304 -5.80 -34.01 -15.38
C PHE B 304 -5.52 -32.86 -16.34
N VAL B 305 -5.57 -31.61 -15.85
CA VAL B 305 -5.30 -30.45 -16.70
C VAL B 305 -3.82 -30.43 -17.15
N ILE B 306 -2.89 -30.65 -16.22
CA ILE B 306 -1.45 -30.67 -16.56
C ILE B 306 -1.15 -31.72 -17.66
N PHE B 307 -1.50 -32.98 -17.40
CA PHE B 307 -1.16 -34.04 -18.33
C PHE B 307 -1.82 -33.84 -19.70
N SER B 308 -3.02 -33.24 -19.75
CA SER B 308 -3.67 -32.93 -21.04
C SER B 308 -2.87 -31.87 -21.81
N ILE B 309 -2.20 -30.94 -21.10
CA ILE B 309 -1.35 -29.93 -21.73
C ILE B 309 -0.07 -30.60 -22.23
N LEU B 310 0.50 -31.49 -21.43
CA LEU B 310 1.69 -32.23 -21.83
C LEU B 310 1.43 -33.09 -23.07
N GLY B 311 0.22 -33.60 -23.22
CA GLY B 311 -0.18 -34.35 -24.40
C GLY B 311 -0.10 -33.54 -25.67
N PHE B 312 -0.38 -32.24 -25.58
CA PHE B 312 -0.25 -31.30 -26.69
C PHE B 312 1.23 -30.98 -26.93
N MET B 313 1.98 -30.70 -25.85
CA MET B 313 3.41 -30.43 -25.97
C MET B 313 4.16 -31.60 -26.61
N ALA B 314 3.70 -32.84 -26.39
CA ALA B 314 4.33 -34.04 -26.96
C ALA B 314 4.39 -34.04 -28.52
N ASN B 315 3.24 -33.91 -29.20
CA ASN B 315 3.23 -33.89 -30.67
C ASN B 315 3.91 -32.60 -31.19
N HIS B 316 3.66 -31.49 -30.51
CA HIS B 316 4.25 -30.18 -30.83
C HIS B 316 5.79 -30.22 -30.82
N LEU B 317 6.39 -30.83 -29.80
CA LEU B 317 7.84 -31.01 -29.73
C LEU B 317 8.33 -32.29 -30.43
N GLY B 318 7.41 -33.13 -30.90
CA GLY B 318 7.72 -34.38 -31.57
C GLY B 318 8.44 -35.37 -30.69
N VAL B 319 8.14 -35.37 -29.38
CA VAL B 319 8.69 -36.32 -28.41
C VAL B 319 7.57 -36.86 -27.54
N ASP B 320 7.72 -38.08 -27.04
CA ASP B 320 6.67 -38.73 -26.25
C ASP B 320 6.32 -38.03 -24.92
N VAL B 321 5.09 -38.25 -24.42
CA VAL B 321 4.63 -37.70 -23.14
C VAL B 321 5.54 -38.18 -21.99
N SER B 322 6.13 -39.35 -22.11
CA SER B 322 7.10 -39.89 -21.15
C SER B 322 8.37 -39.03 -21.03
N ARG B 323 8.62 -38.16 -22.00
CA ARG B 323 9.86 -37.44 -22.22
C ARG B 323 9.74 -35.93 -22.50
N VAL B 324 8.51 -35.41 -22.57
CA VAL B 324 8.23 -34.04 -22.99
C VAL B 324 8.82 -32.93 -22.13
N ALA B 325 8.87 -33.13 -20.82
CA ALA B 325 9.35 -32.12 -19.89
C ALA B 325 10.26 -32.77 -18.82
N ASP B 326 9.72 -33.71 -18.03
CA ASP B 326 10.41 -34.46 -17.00
C ASP B 326 11.20 -33.60 -16.04
N HIS B 327 10.59 -32.48 -15.67
CA HIS B 327 11.08 -31.67 -14.58
C HIS B 327 10.35 -32.20 -13.34
N GLY B 328 11.04 -32.15 -12.23
CA GLY B 328 10.46 -32.32 -10.91
C GLY B 328 9.83 -30.96 -10.62
N PRO B 329 10.38 -30.11 -9.73
CA PRO B 329 9.92 -28.73 -9.62
C PRO B 329 9.96 -28.01 -10.96
N GLY B 330 9.06 -27.07 -11.11
CA GLY B 330 8.97 -26.30 -12.34
C GLY B 330 7.95 -26.81 -13.32
N LEU B 331 7.49 -28.07 -13.19
CA LEU B 331 6.51 -28.60 -14.14
C LEU B 331 5.21 -27.75 -14.25
N ALA B 332 4.72 -27.19 -13.15
CA ALA B 332 3.57 -26.30 -13.14
C ALA B 332 3.95 -25.00 -13.91
N PHE B 333 5.16 -24.48 -13.65
CA PHE B 333 5.68 -23.27 -14.28
C PHE B 333 6.20 -23.43 -15.71
N VAL B 334 6.14 -24.62 -16.23
CA VAL B 334 6.48 -24.92 -17.63
C VAL B 334 5.21 -25.24 -18.43
N ALA B 335 4.19 -25.81 -17.77
CA ALA B 335 2.95 -26.25 -18.40
C ALA B 335 1.76 -25.28 -18.27
N TYR B 336 1.50 -24.71 -17.08
CA TYR B 336 0.38 -23.76 -16.95
C TYR B 336 0.61 -22.50 -17.80
N PRO B 337 1.82 -21.87 -17.79
CA PRO B 337 2.06 -20.75 -18.69
C PRO B 337 1.79 -21.07 -20.15
N GLU B 338 2.22 -22.26 -20.56
CA GLU B 338 2.05 -22.69 -21.92
C GLU B 338 0.56 -22.82 -22.25
N ALA B 339 -0.25 -23.39 -21.33
CA ALA B 339 -1.70 -23.49 -21.56
C ALA B 339 -2.35 -22.11 -21.63
N LEU B 340 -1.95 -21.20 -20.73
CA LEU B 340 -2.41 -19.83 -20.62
C LEU B 340 -2.19 -19.08 -21.94
N THR B 341 -1.05 -19.31 -22.63
CA THR B 341 -0.80 -18.59 -23.89
C THR B 341 -1.82 -18.88 -24.99
N LEU B 342 -2.46 -20.07 -25.00
CA LEU B 342 -3.47 -20.41 -26.01
C LEU B 342 -4.89 -19.91 -25.65
N LEU B 343 -5.11 -19.39 -24.42
CA LEU B 343 -6.43 -18.83 -24.06
C LEU B 343 -6.65 -17.47 -24.74
N PRO B 344 -7.88 -17.15 -25.19
CA PRO B 344 -8.14 -15.81 -25.73
C PRO B 344 -8.07 -14.75 -24.62
N ILE B 345 -7.54 -13.52 -24.92
CA ILE B 345 -7.30 -12.45 -23.92
C ILE B 345 -6.36 -13.06 -22.86
N SER B 346 -5.27 -13.67 -23.33
CA SER B 346 -4.38 -14.46 -22.48
C SER B 346 -3.83 -13.74 -21.24
N PRO B 347 -3.40 -12.47 -21.32
CA PRO B 347 -2.89 -11.81 -20.12
C PRO B 347 -3.91 -11.67 -18.99
N LEU B 348 -5.20 -11.50 -19.32
CA LEU B 348 -6.26 -11.41 -18.30
C LEU B 348 -6.26 -12.68 -17.44
N TRP B 349 -6.22 -13.85 -18.09
CA TRP B 349 -6.28 -15.13 -17.40
C TRP B 349 -5.04 -15.47 -16.62
N SER B 350 -3.87 -15.11 -17.14
CA SER B 350 -2.61 -15.36 -16.43
C SER B 350 -2.53 -14.53 -15.15
N LEU B 351 -3.07 -13.31 -15.16
CA LEU B 351 -3.12 -12.48 -13.95
C LEU B 351 -3.97 -13.17 -12.89
N LEU B 352 -5.15 -13.68 -13.26
CA LEU B 352 -6.03 -14.37 -12.33
C LEU B 352 -5.44 -15.70 -11.86
N PHE B 353 -4.80 -16.44 -12.77
CA PHE B 353 -4.22 -17.73 -12.44
C PHE B 353 -3.08 -17.63 -11.44
N PHE B 354 -2.09 -16.75 -11.69
CA PHE B 354 -0.97 -16.63 -10.76
C PHE B 354 -1.40 -15.96 -9.45
N PHE B 355 -2.35 -15.02 -9.51
CA PHE B 355 -2.93 -14.41 -8.30
C PHE B 355 -3.58 -15.48 -7.41
N MET B 356 -4.27 -16.43 -8.04
CA MET B 356 -4.91 -17.56 -7.37
C MET B 356 -3.86 -18.39 -6.63
N LEU B 357 -2.78 -18.80 -7.31
CA LEU B 357 -1.69 -19.55 -6.68
C LEU B 357 -1.10 -18.78 -5.50
N ILE B 358 -0.96 -17.47 -5.65
CA ILE B 358 -0.43 -16.62 -4.59
C ILE B 358 -1.36 -16.68 -3.34
N LEU B 359 -2.65 -16.36 -3.48
CA LEU B 359 -3.55 -16.40 -2.32
C LEU B 359 -3.67 -17.82 -1.72
N LEU B 360 -3.42 -18.87 -2.52
CA LEU B 360 -3.46 -20.24 -2.03
C LEU B 360 -2.28 -20.54 -1.11
N GLY B 361 -1.10 -20.07 -1.51
CA GLY B 361 0.13 -20.25 -0.74
C GLY B 361 0.20 -19.40 0.50
N LEU B 362 -0.25 -18.14 0.41
CA LEU B 362 -0.24 -17.23 1.56
C LEU B 362 -1.13 -17.75 2.69
N GLY B 363 -2.26 -18.37 2.36
CA GLY B 363 -3.17 -18.94 3.36
C GLY B 363 -2.58 -20.12 4.11
N THR B 364 -1.96 -21.06 3.37
CA THR B 364 -1.32 -22.24 3.96
C THR B 364 -0.06 -21.83 4.75
N GLN B 365 0.60 -20.73 4.38
CA GLN B 365 1.75 -20.18 5.12
C GLN B 365 1.29 -19.50 6.41
N PHE B 366 0.15 -18.74 6.39
CA PHE B 366 -0.42 -18.13 7.61
C PHE B 366 -0.73 -19.24 8.62
N CYS B 367 -1.35 -20.37 8.18
CA CYS B 367 -1.62 -21.52 9.05
C CYS B 367 -0.34 -22.28 9.48
N LEU B 368 0.67 -22.38 8.61
CA LEU B 368 1.95 -23.04 8.91
C LEU B 368 2.76 -22.28 9.97
N LEU B 369 2.83 -20.95 9.85
CA LEU B 369 3.59 -20.09 10.79
C LEU B 369 2.82 -19.84 12.11
N GLU B 370 1.50 -19.62 12.04
CA GLU B 370 0.66 -19.46 13.24
C GLU B 370 0.78 -20.70 14.15
N THR B 371 0.72 -21.88 13.54
CA THR B 371 0.91 -23.17 14.22
C THR B 371 2.26 -23.22 14.92
N LEU B 372 3.31 -22.85 14.22
CA LEU B 372 4.67 -22.97 14.69
C LEU B 372 4.98 -22.00 15.84
N VAL B 373 4.58 -20.74 15.70
CA VAL B 373 4.78 -19.74 16.76
C VAL B 373 4.01 -20.15 18.01
N THR B 374 2.78 -20.62 17.85
CA THR B 374 1.96 -21.07 18.98
C THR B 374 2.64 -22.25 19.70
N ALA B 375 3.29 -23.14 18.95
CA ALA B 375 3.96 -24.29 19.51
C ALA B 375 5.28 -23.91 20.23
N ILE B 376 6.03 -22.87 19.78
CA ILE B 376 7.19 -22.36 20.55
C ILE B 376 6.65 -21.85 21.92
N VAL B 377 5.61 -21.02 21.84
CA VAL B 377 4.98 -20.29 22.96
C VAL B 377 4.32 -21.21 24.01
N ASP B 378 3.64 -22.29 23.60
CA ASP B 378 3.06 -23.27 24.53
C ASP B 378 4.12 -23.82 25.51
N GLU B 379 5.35 -24.05 25.01
CA GLU B 379 6.42 -24.62 25.82
C GLU B 379 7.10 -23.58 26.73
N VAL B 380 7.32 -22.37 26.20
CA VAL B 380 7.90 -21.26 26.97
C VAL B 380 6.95 -20.80 28.12
N GLY B 381 5.64 -20.96 27.94
CA GLY B 381 4.65 -20.53 28.92
C GLY B 381 4.26 -19.09 28.69
N ASN B 382 3.03 -18.74 29.03
CA ASN B 382 2.44 -17.47 28.65
C ASN B 382 3.16 -16.16 29.06
N GLU B 383 3.66 -16.03 30.29
CA GLU B 383 4.29 -14.77 30.71
C GLU B 383 5.50 -14.41 29.85
N TRP B 384 5.70 -13.10 29.60
CA TRP B 384 6.81 -12.51 28.86
C TRP B 384 6.80 -12.80 27.32
N ILE B 385 6.62 -14.06 26.91
CA ILE B 385 6.62 -14.41 25.48
C ILE B 385 5.31 -14.04 24.76
N LEU B 386 4.21 -13.74 25.47
CA LEU B 386 2.99 -13.25 24.80
C LEU B 386 3.11 -11.78 24.37
N GLN B 387 3.99 -11.01 25.02
CA GLN B 387 4.40 -9.69 24.57
C GLN B 387 5.33 -9.93 23.36
N LYS B 388 6.33 -10.82 23.52
CA LYS B 388 7.26 -11.17 22.44
C LYS B 388 6.66 -11.94 21.26
N LYS B 389 5.41 -12.44 21.35
CA LYS B 389 4.79 -13.26 20.31
C LYS B 389 4.87 -12.64 18.89
N THR B 390 4.87 -11.31 18.76
CA THR B 390 5.06 -10.65 17.47
C THR B 390 6.55 -10.53 17.12
N TYR B 391 7.41 -10.27 18.11
CA TYR B 391 8.86 -10.15 17.90
C TYR B 391 9.55 -11.52 17.62
N VAL B 392 8.93 -12.64 18.04
CA VAL B 392 9.34 -13.99 17.63
C VAL B 392 8.73 -14.29 16.26
N THR B 393 7.49 -13.84 15.98
CA THR B 393 6.91 -14.03 14.64
C THR B 393 7.74 -13.26 13.61
N LEU B 394 8.18 -12.06 13.95
CA LEU B 394 9.04 -11.25 13.10
C LEU B 394 10.41 -11.95 12.95
N GLY B 395 10.97 -12.45 14.04
CA GLY B 395 12.23 -13.18 14.04
C GLY B 395 12.19 -14.44 13.19
N VAL B 396 11.06 -15.13 13.19
CA VAL B 396 10.82 -16.33 12.36
C VAL B 396 10.82 -15.93 10.88
N ALA B 397 10.12 -14.85 10.54
CA ALA B 397 10.06 -14.37 9.17
C ALA B 397 11.45 -13.94 8.67
N VAL B 398 12.20 -13.21 9.50
CA VAL B 398 13.57 -12.78 9.16
C VAL B 398 14.47 -14.00 8.92
N ALA B 399 14.36 -15.01 9.79
CA ALA B 399 15.16 -16.22 9.65
C ALA B 399 14.83 -16.99 8.37
N GLY B 400 13.54 -17.15 8.07
CA GLY B 400 13.11 -17.85 6.87
C GLY B 400 13.57 -17.17 5.59
N PHE B 401 13.65 -15.83 5.62
CA PHE B 401 14.19 -15.07 4.50
C PHE B 401 15.69 -15.40 4.32
N LEU B 402 16.51 -15.24 5.38
CA LEU B 402 17.96 -15.50 5.35
C LEU B 402 18.30 -16.96 4.97
N LEU B 403 17.47 -17.92 5.39
CA LEU B 403 17.64 -19.33 5.03
C LEU B 403 17.05 -19.67 3.63
N GLY B 404 16.20 -18.80 3.11
CA GLY B 404 15.61 -18.90 1.78
C GLY B 404 16.47 -18.26 0.68
N ILE B 405 17.67 -17.74 1.01
CA ILE B 405 18.56 -17.07 0.05
C ILE B 405 19.23 -18.07 -0.91
N PRO B 406 19.78 -19.22 -0.43
CA PRO B 406 20.34 -20.20 -1.37
C PRO B 406 19.30 -20.73 -2.37
N LEU B 407 18.01 -20.64 -2.03
CA LEU B 407 16.94 -21.07 -2.92
C LEU B 407 16.67 -20.05 -4.03
N THR B 408 16.90 -18.74 -3.78
CA THR B 408 16.80 -17.73 -4.86
C THR B 408 18.12 -17.64 -5.68
N SER B 409 19.10 -18.52 -5.42
CA SER B 409 20.37 -18.54 -6.14
C SER B 409 20.21 -19.05 -7.57
N GLN B 410 21.30 -19.02 -8.29
CA GLN B 410 21.38 -19.57 -9.62
C GLN B 410 21.24 -21.13 -9.64
N ALA B 411 21.27 -21.78 -8.46
CA ALA B 411 21.09 -23.24 -8.29
C ALA B 411 19.80 -23.56 -7.56
N GLY B 412 18.84 -22.67 -7.72
CA GLY B 412 17.64 -22.68 -6.91
C GLY B 412 16.91 -24.00 -6.82
N ILE B 413 16.35 -24.43 -7.95
CA ILE B 413 15.55 -25.66 -7.97
C ILE B 413 16.32 -26.93 -7.67
N TYR B 414 17.66 -26.92 -7.74
CA TYR B 414 18.42 -28.10 -7.34
C TYR B 414 18.24 -28.30 -5.83
N TRP B 415 18.30 -27.20 -5.06
CA TRP B 415 18.07 -27.25 -3.61
C TRP B 415 16.61 -27.42 -3.28
N LEU B 416 15.72 -26.72 -4.00
CA LEU B 416 14.28 -26.83 -3.75
C LEU B 416 13.80 -28.28 -3.81
N LEU B 417 14.34 -29.05 -4.75
CA LEU B 417 14.01 -30.46 -4.83
C LEU B 417 14.64 -31.27 -3.69
N LEU B 418 15.87 -30.97 -3.34
CA LEU B 418 16.58 -31.70 -2.30
C LEU B 418 15.86 -31.66 -0.94
N MET B 419 15.14 -30.58 -0.67
CA MET B 419 14.31 -30.48 0.53
C MET B 419 12.99 -31.21 0.30
N ASP B 420 12.38 -30.98 -0.85
CA ASP B 420 11.07 -31.49 -1.18
C ASP B 420 10.97 -32.98 -1.43
N ASN B 421 12.05 -33.61 -1.84
CA ASN B 421 12.04 -35.04 -2.09
C ASN B 421 13.08 -35.81 -1.23
N TYR B 422 13.61 -35.18 -0.15
CA TYR B 422 14.38 -35.82 0.91
C TYR B 422 13.88 -35.34 2.32
N ALA B 423 14.17 -34.07 2.72
CA ALA B 423 13.82 -33.45 4.02
C ALA B 423 12.34 -33.52 4.39
N ALA B 424 11.48 -33.53 3.36
CA ALA B 424 10.03 -33.53 3.48
C ALA B 424 9.26 -34.54 2.61
N SER B 425 9.91 -35.61 2.10
CA SER B 425 9.16 -36.64 1.35
C SER B 425 8.60 -37.66 2.31
N PHE B 426 9.45 -38.51 2.77
CA PHE B 426 9.08 -39.69 3.50
C PHE B 426 9.06 -39.54 5.00
N SER B 427 9.78 -38.57 5.55
CA SER B 427 9.80 -38.34 6.99
C SER B 427 8.40 -38.11 7.59
N LEU B 428 7.46 -37.55 6.80
CA LEU B 428 6.07 -37.37 7.22
C LEU B 428 5.34 -38.70 7.44
N VAL B 429 5.77 -39.75 6.76
CA VAL B 429 5.18 -41.08 6.82
C VAL B 429 5.65 -41.82 8.08
N VAL B 430 6.94 -41.72 8.43
CA VAL B 430 7.44 -42.39 9.65
C VAL B 430 7.00 -41.64 10.91
N ILE B 431 7.05 -40.31 10.92
CA ILE B 431 6.65 -39.52 12.09
C ILE B 431 5.18 -39.77 12.48
N SER B 432 4.29 -39.82 11.49
CA SER B 432 2.87 -40.12 11.74
C SER B 432 2.62 -41.61 12.02
N CYS B 433 3.58 -42.49 11.73
CA CYS B 433 3.48 -43.91 12.01
C CYS B 433 4.00 -44.22 13.41
N ILE B 434 5.09 -43.57 13.86
CA ILE B 434 5.57 -43.71 15.24
C ILE B 434 4.48 -43.25 16.22
N MET B 435 3.72 -42.23 15.84
CA MET B 435 2.57 -41.80 16.61
C MET B 435 1.53 -42.93 16.68
N CYS B 436 1.31 -43.63 15.57
CA CYS B 436 0.34 -44.71 15.52
C CYS B 436 0.79 -45.89 16.39
N VAL B 437 2.08 -46.23 16.38
CA VAL B 437 2.63 -47.30 17.23
C VAL B 437 2.49 -46.90 18.70
N ALA B 438 3.01 -45.74 19.09
CA ALA B 438 2.99 -45.30 20.48
C ALA B 438 1.56 -45.14 21.05
N ILE B 439 0.55 -44.79 20.21
CA ILE B 439 -0.83 -44.73 20.70
C ILE B 439 -1.45 -46.14 20.74
N MET B 440 -1.35 -46.91 19.66
CA MET B 440 -2.02 -48.21 19.58
C MET B 440 -1.48 -49.31 20.49
N TYR B 441 -0.14 -49.50 20.56
CA TYR B 441 0.43 -50.58 21.37
C TYR B 441 0.94 -50.18 22.76
N ILE B 442 1.35 -48.91 22.96
CA ILE B 442 1.91 -48.47 24.25
C ILE B 442 0.83 -47.76 25.12
N TYR B 443 0.09 -46.80 24.55
CA TYR B 443 -1.00 -46.14 25.29
C TYR B 443 -2.18 -47.12 25.40
N GLY B 444 -2.52 -47.80 24.30
CA GLY B 444 -3.59 -48.78 24.26
C GLY B 444 -4.66 -48.41 23.25
N HIS B 445 -4.87 -49.25 22.22
CA HIS B 445 -5.91 -49.03 21.21
C HIS B 445 -7.28 -49.06 21.90
N ARG B 446 -7.48 -50.05 22.78
CA ARG B 446 -8.67 -50.21 23.62
C ARG B 446 -9.05 -48.90 24.34
N ASN B 447 -8.07 -48.20 24.95
CA ASN B 447 -8.32 -46.94 25.64
C ASN B 447 -8.67 -45.85 24.64
N TYR B 448 -7.92 -45.80 23.52
CA TYR B 448 -8.09 -44.77 22.50
C TYR B 448 -9.43 -44.82 21.75
N PHE B 449 -9.94 -46.02 21.41
CA PHE B 449 -11.22 -46.14 20.73
C PHE B 449 -12.39 -45.68 21.62
N GLN B 450 -12.24 -45.81 22.94
CA GLN B 450 -13.22 -45.35 23.93
C GLN B 450 -13.17 -43.81 24.05
N ASP B 451 -11.97 -43.20 23.88
CA ASP B 451 -11.78 -41.75 23.92
C ASP B 451 -12.50 -41.08 22.76
N ILE B 452 -12.43 -41.69 21.57
CA ILE B 452 -13.11 -41.19 20.37
C ILE B 452 -14.63 -41.21 20.57
N GLN B 453 -15.12 -42.29 21.17
CA GLN B 453 -16.54 -42.46 21.46
C GLN B 453 -17.09 -41.40 22.43
N MET B 454 -16.27 -40.89 23.36
CA MET B 454 -16.72 -39.87 24.31
C MET B 454 -17.09 -38.53 23.67
N MET B 455 -16.53 -38.21 22.50
CA MET B 455 -16.76 -36.94 21.81
C MET B 455 -17.50 -37.05 20.48
N LEU B 456 -17.60 -38.26 19.91
CA LEU B 456 -18.34 -38.52 18.69
C LEU B 456 -19.66 -39.26 18.94
N GLY B 457 -19.75 -40.02 20.04
CA GLY B 457 -20.94 -40.80 20.35
C GLY B 457 -20.78 -42.22 19.85
N PHE B 458 -20.29 -42.37 18.61
CA PHE B 458 -20.04 -43.68 18.00
C PHE B 458 -18.54 -44.03 18.07
N PRO B 459 -18.15 -45.32 18.07
CA PRO B 459 -16.72 -45.65 18.09
C PRO B 459 -16.06 -45.53 16.71
N PRO B 460 -14.72 -45.66 16.59
CA PRO B 460 -14.09 -45.55 15.25
C PRO B 460 -14.51 -46.71 14.34
N PRO B 461 -14.85 -46.49 13.07
CA PRO B 461 -15.27 -47.63 12.22
C PRO B 461 -14.26 -48.77 12.14
N LEU B 462 -14.75 -49.96 11.79
CA LEU B 462 -13.92 -51.17 11.67
C LEU B 462 -12.84 -51.03 10.60
N PHE B 463 -13.04 -50.16 9.59
CA PHE B 463 -12.03 -49.91 8.57
C PHE B 463 -10.83 -49.19 9.20
N PHE B 464 -11.09 -48.22 10.10
CA PHE B 464 -10.03 -47.47 10.77
C PHE B 464 -9.34 -48.29 11.86
N GLN B 465 -10.12 -49.02 12.68
CA GLN B 465 -9.57 -49.83 13.76
C GLN B 465 -8.48 -50.79 13.29
N ILE B 466 -8.72 -51.51 12.18
CA ILE B 466 -7.74 -52.44 11.63
C ILE B 466 -6.62 -51.68 10.90
N CYS B 467 -6.95 -50.57 10.21
CA CYS B 467 -5.94 -49.78 9.49
C CYS B 467 -4.87 -49.26 10.44
N TRP B 468 -5.30 -48.78 11.60
CA TRP B 468 -4.38 -48.25 12.60
C TRP B 468 -3.50 -49.32 13.24
N ARG B 469 -4.07 -50.49 13.58
CA ARG B 469 -3.31 -51.54 14.25
C ARG B 469 -2.49 -52.46 13.35
N PHE B 470 -2.88 -52.65 12.07
CA PHE B 470 -2.19 -53.62 11.22
C PHE B 470 -1.80 -53.17 9.79
N VAL B 471 -2.74 -52.57 9.03
CA VAL B 471 -2.49 -52.24 7.63
C VAL B 471 -1.45 -51.14 7.47
N SER B 472 -1.65 -49.99 8.15
CA SER B 472 -0.76 -48.84 7.98
C SER B 472 0.68 -49.07 8.47
N PRO B 473 0.93 -49.51 9.70
CA PRO B 473 2.34 -49.72 10.11
C PRO B 473 3.05 -50.81 9.32
N ALA B 474 2.34 -51.84 8.81
CA ALA B 474 3.01 -52.88 8.03
C ALA B 474 3.33 -52.37 6.63
N ILE B 475 2.39 -51.64 6.00
CA ILE B 475 2.60 -51.06 4.68
C ILE B 475 3.76 -50.05 4.76
N ILE B 476 3.68 -49.13 5.70
CA ILE B 476 4.72 -48.12 5.90
C ILE B 476 6.07 -48.78 6.24
N PHE B 477 6.05 -49.87 7.01
CA PHE B 477 7.27 -50.59 7.35
C PHE B 477 7.89 -51.24 6.11
N PHE B 478 7.10 -52.01 5.34
CA PHE B 478 7.63 -52.69 4.16
C PHE B 478 8.16 -51.72 3.13
N ILE B 479 7.46 -50.60 2.91
CA ILE B 479 7.93 -49.58 1.94
C ILE B 479 9.26 -49.00 2.40
N LEU B 480 9.41 -48.77 3.71
CA LEU B 480 10.67 -48.30 4.27
C LEU B 480 11.79 -49.31 3.99
N VAL B 481 11.55 -50.59 4.26
CA VAL B 481 12.56 -51.62 4.09
C VAL B 481 13.05 -51.74 2.63
N PHE B 482 12.12 -51.86 1.68
CA PHE B 482 12.47 -51.98 0.27
C PHE B 482 13.05 -50.71 -0.33
N THR B 483 12.72 -49.53 0.23
CA THR B 483 13.31 -48.29 -0.27
C THR B 483 14.78 -48.23 0.16
N VAL B 484 15.12 -48.70 1.38
CA VAL B 484 16.51 -48.75 1.85
C VAL B 484 17.34 -49.69 0.94
N ILE B 485 16.74 -50.81 0.51
CA ILE B 485 17.40 -51.79 -0.36
C ILE B 485 17.55 -51.27 -1.80
N GLN B 486 16.44 -50.86 -2.41
CA GLN B 486 16.39 -50.40 -3.81
C GLN B 486 16.84 -48.94 -3.99
N TYR B 487 17.76 -48.50 -3.12
CA TYR B 487 18.37 -47.17 -3.13
C TYR B 487 19.19 -46.94 -4.39
N GLN B 488 18.91 -45.84 -5.08
CA GLN B 488 19.72 -45.34 -6.18
C GLN B 488 19.77 -43.81 -6.03
N PRO B 489 20.91 -43.18 -6.40
CA PRO B 489 21.02 -41.73 -6.23
C PRO B 489 20.00 -40.96 -7.07
N ILE B 490 19.53 -39.87 -6.50
CA ILE B 490 18.43 -39.08 -7.04
C ILE B 490 18.82 -38.25 -8.29
N THR B 491 17.83 -38.02 -9.17
CA THR B 491 18.02 -37.26 -10.42
C THR B 491 16.91 -36.23 -10.63
N TYR B 492 17.27 -35.13 -11.25
CA TYR B 492 16.33 -34.12 -11.71
C TYR B 492 16.60 -33.99 -13.19
N ASN B 493 15.61 -34.29 -14.03
CA ASN B 493 15.72 -34.17 -15.48
C ASN B 493 17.04 -34.73 -16.06
N HIS B 494 17.31 -36.02 -15.79
CA HIS B 494 18.50 -36.81 -16.14
C HIS B 494 19.85 -36.20 -15.68
N TYR B 495 19.80 -35.33 -14.65
CA TYR B 495 21.00 -34.82 -13.99
C TYR B 495 21.08 -35.53 -12.64
N GLN B 496 22.13 -36.32 -12.41
CA GLN B 496 22.33 -37.03 -11.15
C GLN B 496 22.96 -36.13 -10.10
N TYR B 497 22.49 -36.23 -8.86
CA TYR B 497 23.00 -35.42 -7.74
C TYR B 497 24.32 -35.95 -7.19
N PRO B 498 25.24 -35.05 -6.80
CA PRO B 498 26.54 -35.50 -6.27
C PRO B 498 26.46 -36.07 -4.86
N GLY B 499 27.46 -36.85 -4.50
CA GLY B 499 27.53 -37.53 -3.21
C GLY B 499 27.30 -36.66 -1.99
N TRP B 500 27.92 -35.51 -1.97
CA TRP B 500 27.86 -34.58 -0.87
C TRP B 500 26.50 -33.82 -0.76
N ALA B 501 25.70 -33.68 -1.84
CA ALA B 501 24.36 -33.07 -1.82
C ALA B 501 23.30 -34.05 -1.32
N VAL B 502 23.31 -35.30 -1.80
CA VAL B 502 22.34 -36.28 -1.32
C VAL B 502 22.67 -36.68 0.13
N ALA B 503 23.95 -36.55 0.61
CA ALA B 503 24.30 -36.77 2.01
C ALA B 503 23.55 -35.75 2.88
N ILE B 504 23.51 -34.48 2.45
CA ILE B 504 22.72 -33.45 3.14
C ILE B 504 21.24 -33.82 3.07
N GLY B 505 20.80 -34.41 1.96
CA GLY B 505 19.46 -34.98 1.80
C GLY B 505 19.15 -35.99 2.89
N PHE B 506 20.06 -36.93 3.13
CA PHE B 506 19.90 -37.90 4.23
C PHE B 506 19.86 -37.17 5.57
N LEU B 507 20.82 -36.28 5.83
CA LEU B 507 20.94 -35.57 7.10
C LEU B 507 19.72 -34.75 7.45
N MET B 508 19.05 -34.18 6.45
CA MET B 508 17.80 -33.44 6.69
C MET B 508 16.66 -34.43 6.91
N ALA B 509 16.55 -35.44 6.04
CA ALA B 509 15.49 -36.45 6.11
C ALA B 509 15.42 -37.18 7.45
N LEU B 510 16.58 -37.42 8.06
CA LEU B 510 16.67 -38.05 9.39
C LEU B 510 16.89 -37.03 10.52
N SER B 511 17.13 -35.75 10.23
CA SER B 511 17.25 -34.70 11.24
C SER B 511 15.92 -34.59 12.01
N SER B 512 14.80 -34.60 11.30
CA SER B 512 13.48 -34.53 11.94
C SER B 512 13.11 -35.84 12.61
N VAL B 513 13.44 -36.97 11.99
CA VAL B 513 13.10 -38.29 12.56
C VAL B 513 13.91 -38.59 13.82
N LEU B 514 15.19 -38.17 13.87
CA LEU B 514 16.02 -38.41 15.06
C LEU B 514 15.55 -37.62 16.29
N CYS B 515 14.58 -36.71 16.16
CA CYS B 515 14.02 -36.01 17.31
C CYS B 515 13.33 -36.98 18.28
N ILE B 516 12.86 -38.13 17.76
CA ILE B 516 12.19 -39.16 18.52
C ILE B 516 13.20 -39.85 19.48
N PRO B 517 14.27 -40.51 18.98
CA PRO B 517 15.25 -41.11 19.89
C PRO B 517 16.03 -40.12 20.76
N LEU B 518 16.43 -38.96 20.21
CA LEU B 518 17.21 -37.96 20.97
C LEU B 518 16.48 -37.41 22.20
N TYR B 519 15.18 -37.08 22.07
CA TYR B 519 14.42 -36.57 23.21
C TYR B 519 14.24 -37.66 24.29
N ALA B 520 14.14 -38.93 23.88
CA ALA B 520 14.03 -40.05 24.82
C ALA B 520 15.32 -40.22 25.63
N MET B 521 16.51 -39.92 25.05
CA MET B 521 17.77 -39.99 25.80
C MET B 521 17.78 -38.95 26.93
N PHE B 522 17.18 -37.78 26.68
CA PHE B 522 17.07 -36.70 27.66
C PHE B 522 16.00 -37.04 28.71
N ARG B 523 14.86 -37.61 28.29
CA ARG B 523 13.77 -38.00 29.19
C ARG B 523 14.17 -39.11 30.16
N LEU B 524 14.78 -40.18 29.65
CA LEU B 524 15.20 -41.28 30.49
C LEU B 524 16.28 -40.83 31.50
N ALA B 525 17.05 -39.78 31.19
CA ALA B 525 18.01 -39.21 32.12
C ALA B 525 17.28 -38.43 33.24
N ARG B 526 16.29 -37.59 32.88
CA ARG B 526 15.51 -36.80 33.83
C ARG B 526 14.59 -37.64 34.73
N THR B 527 13.82 -38.57 34.14
CA THR B 527 12.81 -39.36 34.84
C THR B 527 13.36 -40.25 35.96
N ASP B 528 12.45 -40.67 36.87
CA ASP B 528 12.72 -41.50 38.04
C ASP B 528 12.55 -42.99 37.70
N GLY B 529 13.19 -43.84 38.49
CA GLY B 529 13.15 -45.29 38.33
C GLY B 529 14.49 -45.91 38.66
N ASP B 530 15.57 -45.34 38.10
CA ASP B 530 16.95 -45.82 38.27
C ASP B 530 17.07 -47.30 37.91
N THR B 531 16.32 -47.74 36.88
CA THR B 531 16.26 -49.13 36.42
C THR B 531 16.15 -49.22 34.88
N LEU B 532 16.33 -50.43 34.34
CA LEU B 532 16.29 -50.72 32.91
C LEU B 532 14.87 -50.57 32.32
N LEU B 533 13.89 -51.30 32.88
CA LEU B 533 12.52 -51.37 32.37
C LEU B 533 11.54 -50.48 33.13
N GLN B 534 11.64 -50.39 34.47
CA GLN B 534 10.71 -49.60 35.26
C GLN B 534 10.74 -48.10 34.93
N ARG B 535 11.94 -47.54 34.63
CA ARG B 535 12.04 -46.13 34.25
C ARG B 535 11.36 -45.86 32.90
N LEU B 536 11.38 -46.85 31.99
CA LEU B 536 10.70 -46.77 30.71
C LEU B 536 9.19 -46.88 30.96
N LYS B 537 8.73 -47.82 31.80
CA LYS B 537 7.30 -47.96 32.12
C LYS B 537 6.75 -46.70 32.84
N ASN B 538 7.62 -45.92 33.51
CA ASN B 538 7.23 -44.67 34.15
C ASN B 538 7.08 -43.58 33.08
N ALA B 539 8.12 -43.41 32.26
CA ALA B 539 8.14 -42.37 31.22
C ALA B 539 7.11 -42.59 30.10
N THR B 540 6.82 -43.84 29.74
CA THR B 540 5.88 -44.17 28.66
C THR B 540 4.41 -44.02 29.06
N LYS B 541 4.05 -44.25 30.34
CA LYS B 541 2.65 -44.12 30.75
C LYS B 541 2.23 -42.63 30.79
N PRO B 542 0.93 -42.31 30.61
CA PRO B 542 0.54 -40.89 30.56
C PRO B 542 0.97 -40.02 31.74
N LEU C 1 -14.81 9.19 26.33
CA LEU C 1 -16.20 9.57 26.58
C LEU C 1 -16.99 9.66 25.28
N LYS C 2 -17.40 8.49 24.80
CA LYS C 2 -18.14 8.33 23.55
C LYS C 2 -19.60 8.81 23.75
N ILE C 3 -20.01 9.85 23.04
CA ILE C 3 -21.36 10.45 23.17
C ILE C 3 -22.34 9.77 22.22
N GLY C 4 -23.54 9.47 22.70
CA GLY C 4 -24.56 8.83 21.88
C GLY C 4 -25.99 9.12 22.28
N ALA C 5 -26.97 8.63 21.51
CA ALA C 5 -28.38 8.85 21.84
C ALA C 5 -29.38 7.97 21.07
N TRP C 6 -30.58 7.84 21.63
CA TRP C 6 -31.79 7.40 20.95
C TRP C 6 -32.27 8.70 20.25
N VAL C 7 -33.00 8.57 19.14
CA VAL C 7 -33.41 9.73 18.35
C VAL C 7 -34.93 9.81 18.07
N GLY C 8 -35.73 9.49 19.10
CA GLY C 8 -37.19 9.61 19.04
C GLY C 8 -37.94 8.57 18.22
N THR C 9 -37.33 8.15 17.13
CA THR C 9 -37.83 7.13 16.21
C THR C 9 -36.61 6.34 15.65
N GLN C 10 -36.88 5.36 14.81
CA GLN C 10 -35.84 4.48 14.30
C GLN C 10 -34.74 5.23 13.54
N PRO C 11 -33.47 5.05 13.92
CA PRO C 11 -32.38 5.78 13.25
C PRO C 11 -32.04 5.33 11.84
N SER C 12 -32.72 5.93 10.87
CA SER C 12 -32.38 5.91 9.45
C SER C 12 -31.73 7.28 9.12
N GLU C 13 -31.19 7.48 7.92
CA GLU C 13 -30.50 8.72 7.57
C GLU C 13 -31.36 9.98 7.77
N SER C 14 -32.64 9.94 7.39
CA SER C 14 -33.56 11.08 7.57
C SER C 14 -33.85 11.39 9.05
N ALA C 15 -33.51 10.47 9.96
CA ALA C 15 -33.73 10.58 11.40
C ALA C 15 -32.45 10.92 12.20
N ILE C 16 -31.28 10.46 11.73
CA ILE C 16 -30.02 10.67 12.45
C ILE C 16 -29.48 12.11 12.41
N LYS C 17 -29.38 12.69 11.21
CA LYS C 17 -28.83 14.05 11.06
C LYS C 17 -29.66 15.09 11.80
N SER C 18 -30.98 14.88 11.87
CA SER C 18 -31.92 15.70 12.66
C SER C 18 -31.39 15.91 14.08
N PHE C 19 -30.78 14.85 14.65
CA PHE C 19 -30.15 14.92 15.96
C PHE C 19 -28.71 15.44 15.90
N GLN C 20 -27.88 14.93 14.97
CA GLN C 20 -26.47 15.33 14.92
C GLN C 20 -26.29 16.83 14.74
N GLU C 21 -27.09 17.42 13.86
CA GLU C 21 -27.07 18.86 13.61
C GLU C 21 -27.48 19.61 14.87
N LEU C 22 -28.55 19.14 15.51
CA LEU C 22 -29.13 19.71 16.72
C LEU C 22 -28.11 19.82 17.85
N GLN C 23 -27.39 18.74 18.15
CA GLN C 23 -26.37 18.77 19.19
C GLN C 23 -25.03 19.39 18.71
N GLY C 24 -24.86 19.57 17.41
CA GLY C 24 -23.66 20.15 16.84
C GLY C 24 -22.44 19.25 16.93
N ARG C 25 -22.67 17.94 16.90
CA ARG C 25 -21.61 16.92 17.00
C ARG C 25 -22.04 15.60 16.37
N LYS C 26 -21.08 14.84 15.84
CA LYS C 26 -21.33 13.51 15.30
C LYS C 26 -21.51 12.54 16.46
N LEU C 27 -22.63 11.81 16.47
CA LEU C 27 -22.91 10.77 17.47
C LEU C 27 -21.85 9.68 17.33
N ASP C 28 -21.16 9.38 18.42
CA ASP C 28 -20.17 8.29 18.46
C ASP C 28 -20.91 6.93 18.53
N ILE C 29 -22.06 6.87 19.24
CA ILE C 29 -22.92 5.68 19.39
C ILE C 29 -24.38 6.02 19.09
N VAL C 30 -25.08 5.12 18.40
CA VAL C 30 -26.50 5.25 18.10
C VAL C 30 -27.23 4.11 18.80
N HIS C 31 -28.37 4.42 19.39
CA HIS C 31 -29.15 3.46 20.16
C HIS C 31 -30.38 3.00 19.39
N GLN C 32 -30.69 1.69 19.43
CA GLN C 32 -31.92 1.13 18.88
C GLN C 32 -32.46 0.03 19.83
N PHE C 33 -33.79 -0.17 19.83
CA PHE C 33 -34.46 -1.20 20.64
C PHE C 33 -35.20 -2.18 19.74
N ILE C 34 -34.98 -3.50 19.94
CA ILE C 34 -35.73 -4.52 19.23
C ILE C 34 -36.21 -5.64 20.15
N ASN C 35 -37.42 -6.12 19.86
CA ASN C 35 -38.08 -7.22 20.56
C ASN C 35 -37.66 -8.56 19.94
N TRP C 36 -37.81 -9.67 20.68
CA TRP C 36 -37.54 -11.01 20.14
C TRP C 36 -38.68 -11.51 19.21
N SER C 37 -38.98 -10.73 18.21
CA SER C 37 -39.87 -11.04 17.09
C SER C 37 -39.43 -10.28 15.79
N THR C 38 -38.18 -9.75 15.78
CA THR C 38 -37.57 -8.99 14.69
C THR C 38 -36.29 -9.68 14.23
N ASP C 39 -36.25 -10.09 12.96
CA ASP C 39 -35.05 -10.71 12.36
C ASP C 39 -34.08 -9.61 11.89
N PHE C 40 -32.77 -9.92 11.81
CA PHE C 40 -31.76 -8.93 11.40
C PHE C 40 -32.01 -8.34 10.00
N SER C 41 -32.84 -8.98 9.16
CA SER C 41 -33.21 -8.43 7.85
C SER C 41 -34.01 -7.12 7.98
N TRP C 42 -34.65 -6.88 9.13
CA TRP C 42 -35.36 -5.63 9.44
C TRP C 42 -34.41 -4.60 10.10
N VAL C 43 -33.42 -5.08 10.85
CA VAL C 43 -32.42 -4.24 11.53
C VAL C 43 -31.40 -3.67 10.53
N ARG C 44 -30.91 -4.52 9.62
CA ARG C 44 -29.87 -4.21 8.63
C ARG C 44 -30.13 -2.87 7.85
N PRO C 45 -31.34 -2.61 7.30
CA PRO C 45 -31.60 -1.31 6.63
C PRO C 45 -31.34 -0.07 7.48
N TYR C 46 -31.51 -0.17 8.80
CA TYR C 46 -31.20 0.94 9.70
C TYR C 46 -29.71 0.90 10.04
N ALA C 47 -29.22 -0.28 10.45
CA ALA C 47 -27.84 -0.49 10.88
C ALA C 47 -26.82 -0.06 9.82
N ASP C 48 -27.15 -0.22 8.54
CA ASP C 48 -26.32 0.24 7.43
C ASP C 48 -26.01 1.74 7.56
N ALA C 49 -27.05 2.57 7.78
CA ALA C 49 -26.93 4.02 7.86
C ALA C 49 -26.07 4.50 9.04
N VAL C 50 -26.11 3.77 10.14
CA VAL C 50 -25.37 4.07 11.37
C VAL C 50 -23.87 3.92 11.13
N TYR C 51 -23.44 2.79 10.56
CA TYR C 51 -22.01 2.59 10.25
C TYR C 51 -21.55 3.46 9.08
N ASN C 52 -22.45 3.82 8.15
CA ASN C 52 -22.14 4.73 7.04
C ASN C 52 -21.86 6.13 7.59
N ASN C 53 -22.67 6.54 8.56
CA ASN C 53 -22.58 7.82 9.24
C ASN C 53 -21.29 7.96 10.08
N GLY C 54 -20.78 6.86 10.58
CA GLY C 54 -19.57 6.82 11.39
C GLY C 54 -19.91 6.69 12.86
N SER C 55 -20.79 5.73 13.15
CA SER C 55 -21.30 5.47 14.50
C SER C 55 -21.44 3.98 14.77
N ILE C 56 -21.23 3.58 16.02
CA ILE C 56 -21.46 2.20 16.46
C ILE C 56 -22.93 2.06 16.78
N LEU C 57 -23.51 0.90 16.51
CA LEU C 57 -24.90 0.63 16.84
C LEU C 57 -24.97 -0.15 18.14
N MET C 58 -25.75 0.36 19.09
CA MET C 58 -26.01 -0.27 20.36
C MET C 58 -27.44 -0.85 20.32
N ILE C 59 -27.53 -2.17 20.18
CA ILE C 59 -28.80 -2.87 20.06
C ILE C 59 -29.30 -3.34 21.41
N THR C 60 -30.40 -2.76 21.90
CA THR C 60 -31.05 -3.21 23.13
C THR C 60 -32.01 -4.31 22.72
N TRP C 61 -31.83 -5.50 23.28
CA TRP C 61 -32.58 -6.70 22.93
C TRP C 61 -33.57 -7.03 24.05
N GLU C 62 -34.86 -7.03 23.69
CA GLU C 62 -35.97 -7.24 24.61
C GLU C 62 -36.72 -8.58 24.38
N PRO C 63 -36.41 -9.65 25.15
CA PRO C 63 -37.15 -10.91 25.01
C PRO C 63 -38.52 -10.87 25.71
N TRP C 64 -39.45 -10.08 25.17
CA TRP C 64 -40.81 -9.95 25.73
C TRP C 64 -41.57 -11.28 25.75
N GLU C 65 -41.37 -12.10 24.72
CA GLU C 65 -42.03 -13.39 24.54
C GLU C 65 -41.32 -14.56 25.25
N TYR C 66 -40.03 -14.40 25.58
CA TYR C 66 -39.21 -15.46 26.15
C TYR C 66 -38.64 -15.11 27.54
N ASN C 67 -38.95 -15.92 28.55
CA ASN C 67 -38.47 -15.71 29.92
C ASN C 67 -37.06 -16.33 30.15
N THR C 68 -36.48 -16.19 31.36
CA THR C 68 -35.15 -16.74 31.67
C THR C 68 -35.11 -18.27 31.67
N VAL C 69 -36.26 -18.93 31.82
CA VAL C 69 -36.33 -20.39 31.82
C VAL C 69 -36.27 -20.91 30.37
N ASP C 70 -37.13 -20.40 29.49
CA ASP C 70 -37.21 -20.81 28.08
C ASP C 70 -35.90 -20.60 27.32
N ILE C 71 -35.24 -19.47 27.57
CA ILE C 71 -33.97 -19.13 26.93
C ILE C 71 -32.88 -20.12 27.37
N LYS C 72 -32.76 -20.36 28.69
CA LYS C 72 -31.75 -21.28 29.20
C LYS C 72 -32.05 -22.76 28.84
N ASN C 73 -33.33 -23.10 28.62
CA ASN C 73 -33.73 -24.46 28.22
C ASN C 73 -33.49 -24.72 26.73
N GLY C 74 -33.62 -23.69 25.91
CA GLY C 74 -33.41 -23.80 24.47
C GLY C 74 -34.67 -23.76 23.64
N LYS C 75 -35.73 -23.15 24.17
CA LYS C 75 -36.99 -23.02 23.46
C LYS C 75 -36.92 -22.01 22.31
N ALA C 76 -36.03 -21.01 22.46
CA ALA C 76 -35.80 -19.91 21.52
C ALA C 76 -34.46 -20.02 20.75
N ASP C 77 -33.81 -21.19 20.76
CA ASP C 77 -32.51 -21.35 20.10
C ASP C 77 -32.53 -21.14 18.59
N ALA C 78 -33.69 -21.33 17.95
CA ALA C 78 -33.81 -21.12 16.51
C ALA C 78 -33.59 -19.65 16.14
N TYR C 79 -34.06 -18.73 16.99
CA TYR C 79 -33.91 -17.29 16.79
C TYR C 79 -32.49 -16.80 17.09
N ILE C 80 -31.92 -17.24 18.22
CA ILE C 80 -30.56 -16.86 18.65
C ILE C 80 -29.49 -17.34 17.67
N THR C 81 -29.55 -18.61 17.25
CA THR C 81 -28.58 -19.17 16.30
C THR C 81 -28.69 -18.46 14.95
N ARG C 82 -29.92 -18.15 14.50
CA ARG C 82 -30.16 -17.43 13.25
C ARG C 82 -29.62 -15.99 13.31
N MET C 83 -29.60 -15.38 14.50
CA MET C 83 -29.05 -14.05 14.70
C MET C 83 -27.52 -14.08 14.75
N ALA C 84 -26.95 -15.12 15.36
CA ALA C 84 -25.49 -15.28 15.50
C ALA C 84 -24.77 -15.31 14.15
N GLN C 85 -25.43 -15.82 13.11
CA GLN C 85 -24.90 -15.93 11.75
C GLN C 85 -25.14 -14.69 10.88
N ASP C 86 -25.94 -13.72 11.35
CA ASP C 86 -26.19 -12.48 10.59
C ASP C 86 -25.20 -11.39 11.03
N MET C 87 -25.00 -11.25 12.34
CA MET C 87 -24.02 -10.29 12.86
C MET C 87 -22.57 -10.72 12.58
N LYS C 88 -22.30 -12.04 12.55
CA LYS C 88 -20.96 -12.53 12.20
C LYS C 88 -20.68 -12.24 10.72
N ALA C 89 -21.70 -12.34 9.85
CA ALA C 89 -21.58 -12.05 8.43
C ALA C 89 -21.43 -10.52 8.22
N TYR C 90 -22.19 -9.74 8.99
CA TYR C 90 -22.14 -8.28 8.92
C TYR C 90 -20.77 -7.75 9.39
N GLY C 91 -20.18 -8.40 10.38
CA GLY C 91 -18.82 -8.10 10.84
C GLY C 91 -18.59 -6.81 11.60
N LYS C 92 -19.55 -5.90 11.58
CA LYS C 92 -19.41 -4.61 12.27
C LYS C 92 -19.53 -4.78 13.78
N GLU C 93 -18.78 -3.98 14.55
CA GLU C 93 -18.82 -4.06 16.01
C GLU C 93 -20.19 -3.61 16.51
N ILE C 94 -20.98 -4.57 16.98
CA ILE C 94 -22.36 -4.35 17.45
C ILE C 94 -22.42 -4.61 18.94
N TRP C 95 -22.72 -3.57 19.70
CA TRP C 95 -22.83 -3.67 21.16
C TRP C 95 -24.23 -4.12 21.57
N LEU C 96 -24.45 -5.43 21.50
CA LEU C 96 -25.73 -6.04 21.85
C LEU C 96 -25.93 -6.09 23.38
N ARG C 97 -27.02 -5.46 23.84
CA ARG C 97 -27.42 -5.32 25.24
C ARG C 97 -28.69 -6.17 25.50
N PRO C 98 -28.55 -7.48 25.78
CA PRO C 98 -29.72 -8.33 26.02
C PRO C 98 -30.23 -8.28 27.46
N LEU C 99 -31.43 -8.84 27.67
CA LEU C 99 -32.03 -9.06 29.01
C LEU C 99 -31.86 -7.83 29.95
N HIS C 100 -32.05 -6.62 29.41
CA HIS C 100 -31.74 -5.36 30.08
C HIS C 100 -32.71 -4.94 31.21
N ALA C 101 -32.29 -3.93 32.03
CA ALA C 101 -32.98 -3.43 33.25
C ALA C 101 -33.52 -4.61 34.07
N ALA C 102 -32.57 -5.49 34.36
CA ALA C 102 -32.72 -6.79 35.02
C ALA C 102 -33.34 -6.77 36.42
N ASN C 103 -33.05 -5.75 37.25
CA ASN C 103 -33.61 -5.71 38.61
C ASN C 103 -34.86 -4.81 38.72
N GLY C 104 -35.83 -5.06 37.84
CA GLY C 104 -37.09 -4.33 37.80
C GLY C 104 -38.31 -5.22 37.89
N ASP C 105 -39.46 -4.66 38.29
CA ASP C 105 -40.71 -5.45 38.34
C ASP C 105 -41.71 -5.02 37.24
N TRP C 106 -41.17 -4.55 36.10
CA TRP C 106 -41.94 -4.08 34.95
C TRP C 106 -41.72 -4.92 33.67
N TYR C 107 -40.72 -5.82 33.66
CA TYR C 107 -40.41 -6.65 32.50
C TYR C 107 -40.70 -8.14 32.71
N PRO C 108 -41.14 -8.85 31.65
CA PRO C 108 -41.38 -10.29 31.79
C PRO C 108 -40.09 -11.07 32.07
N TRP C 109 -38.98 -10.64 31.45
CA TRP C 109 -37.65 -11.24 31.65
C TRP C 109 -36.94 -10.74 32.94
N ALA C 110 -37.46 -9.68 33.58
CA ALA C 110 -36.86 -9.12 34.79
C ALA C 110 -37.16 -9.96 36.05
N ILE C 111 -36.17 -10.03 36.96
CA ILE C 111 -36.20 -10.83 38.20
C ILE C 111 -37.30 -10.43 39.20
N GLY C 112 -37.31 -9.17 39.62
CA GLY C 112 -38.29 -8.67 40.58
C GLY C 112 -39.74 -8.70 40.16
N TYR C 113 -40.02 -9.21 38.96
CA TYR C 113 -41.36 -9.32 38.41
C TYR C 113 -42.34 -10.03 39.33
N SER C 114 -43.60 -9.57 39.33
CA SER C 114 -44.70 -10.08 40.18
C SER C 114 -44.91 -11.59 40.10
N SER C 115 -44.58 -12.20 38.97
CA SER C 115 -44.70 -13.65 38.80
C SER C 115 -43.59 -14.41 39.55
N ARG C 116 -42.43 -13.75 39.76
CA ARG C 116 -41.23 -14.29 40.41
C ARG C 116 -40.81 -15.60 39.77
N VAL C 117 -40.80 -15.60 38.44
CA VAL C 117 -40.41 -16.73 37.57
C VAL C 117 -38.90 -16.67 37.28
N ASN C 118 -38.34 -15.46 37.17
CA ASN C 118 -36.92 -15.26 36.89
C ASN C 118 -36.19 -15.09 38.21
N THR C 119 -35.49 -16.13 38.63
CA THR C 119 -34.68 -16.09 39.85
C THR C 119 -33.30 -15.52 39.54
N ASN C 120 -32.60 -15.02 40.56
CA ASN C 120 -31.22 -14.54 40.35
C ASN C 120 -30.27 -15.67 39.89
N GLU C 121 -30.70 -16.94 40.00
CA GLU C 121 -29.94 -18.12 39.59
C GLU C 121 -30.20 -18.51 38.13
N THR C 122 -31.42 -18.29 37.61
CA THR C 122 -31.76 -18.65 36.23
C THR C 122 -31.35 -17.58 35.21
N TYR C 123 -31.22 -16.32 35.63
CA TYR C 123 -30.84 -15.20 34.74
C TYR C 123 -29.43 -15.36 34.20
N ILE C 124 -28.50 -15.76 35.07
CA ILE C 124 -27.10 -15.96 34.70
C ILE C 124 -27.01 -17.08 33.68
N ALA C 125 -27.73 -18.19 33.92
CA ALA C 125 -27.76 -19.34 33.00
C ALA C 125 -28.40 -19.02 31.65
N ALA C 126 -29.30 -18.03 31.61
CA ALA C 126 -29.95 -17.58 30.37
C ALA C 126 -29.06 -16.59 29.62
N PHE C 127 -28.33 -15.75 30.34
CA PHE C 127 -27.39 -14.77 29.77
C PHE C 127 -26.19 -15.52 29.19
N ARG C 128 -25.70 -16.54 29.91
CA ARG C 128 -24.56 -17.34 29.46
C ARG C 128 -24.93 -18.26 28.28
N HIS C 129 -26.19 -18.70 28.20
CA HIS C 129 -26.63 -19.58 27.11
C HIS C 129 -26.60 -18.84 25.76
N ILE C 130 -27.08 -17.58 25.74
CA ILE C 130 -27.09 -16.72 24.55
C ILE C 130 -25.65 -16.44 24.12
N VAL C 131 -24.80 -16.04 25.08
CA VAL C 131 -23.40 -15.71 24.83
C VAL C 131 -22.63 -16.96 24.33
N ASP C 132 -22.96 -18.14 24.85
CA ASP C 132 -22.34 -19.40 24.43
C ASP C 132 -22.73 -19.78 22.99
N ILE C 133 -23.94 -19.40 22.54
CA ILE C 133 -24.40 -19.70 21.17
C ILE C 133 -23.62 -18.85 20.18
N PHE C 134 -23.51 -17.54 20.45
CA PHE C 134 -22.76 -16.63 19.58
C PHE C 134 -21.26 -16.96 19.56
N ARG C 135 -20.73 -17.49 20.68
CA ARG C 135 -19.32 -17.88 20.78
C ARG C 135 -19.08 -19.20 20.03
N ALA C 136 -19.97 -20.17 20.17
CA ALA C 136 -19.83 -21.44 19.45
C ALA C 136 -20.00 -21.22 17.94
N ASN C 137 -20.88 -20.28 17.55
CA ASN C 137 -21.10 -19.93 16.13
C ASN C 137 -19.88 -19.24 15.52
N GLY C 138 -19.20 -18.43 16.33
CA GLY C 138 -18.00 -17.72 15.90
C GLY C 138 -18.17 -16.23 15.69
N ALA C 139 -19.26 -15.65 16.22
CA ALA C 139 -19.50 -14.21 16.10
C ALA C 139 -18.58 -13.49 17.08
N THR C 140 -17.51 -12.87 16.57
CA THR C 140 -16.54 -12.16 17.41
C THR C 140 -16.67 -10.64 17.40
N ASN C 141 -17.71 -10.10 16.75
CA ASN C 141 -17.91 -8.64 16.69
C ASN C 141 -19.09 -8.17 17.57
N VAL C 142 -19.57 -9.02 18.49
CA VAL C 142 -20.72 -8.70 19.35
C VAL C 142 -20.24 -8.51 20.78
N LYS C 143 -20.02 -7.26 21.18
CA LYS C 143 -19.57 -6.96 22.54
C LYS C 143 -20.78 -6.83 23.47
N TRP C 144 -21.01 -7.86 24.27
CA TRP C 144 -22.15 -7.95 25.20
C TRP C 144 -22.17 -6.89 26.28
N VAL C 145 -23.36 -6.29 26.50
CA VAL C 145 -23.52 -5.28 27.54
C VAL C 145 -24.55 -5.70 28.60
N PHE C 146 -24.09 -5.85 29.83
CA PHE C 146 -24.89 -6.16 31.01
C PHE C 146 -25.59 -4.87 31.45
N ASN C 147 -26.80 -4.97 32.02
CA ASN C 147 -27.53 -3.76 32.42
C ASN C 147 -28.26 -3.86 33.75
N VAL C 148 -28.15 -2.79 34.56
CA VAL C 148 -28.83 -2.68 35.85
C VAL C 148 -29.67 -1.42 35.85
N ASN C 149 -30.81 -1.47 36.53
CA ASN C 149 -31.61 -0.27 36.76
C ASN C 149 -30.89 0.46 37.93
N CYS C 150 -31.00 1.78 38.00
CA CYS C 150 -30.33 2.56 39.03
C CYS C 150 -30.71 2.16 40.48
N ASP C 151 -31.89 1.54 40.69
CA ASP C 151 -32.39 1.11 42.00
C ASP C 151 -32.84 -0.38 42.02
N ASN C 152 -32.93 -0.99 43.21
CA ASN C 152 -33.39 -2.38 43.35
C ASN C 152 -34.92 -2.37 43.37
N VAL C 153 -35.57 -2.60 42.22
CA VAL C 153 -37.03 -2.54 42.15
C VAL C 153 -37.68 -3.92 42.06
N GLY C 154 -38.23 -4.38 43.17
CA GLY C 154 -38.96 -5.64 43.19
C GLY C 154 -38.57 -6.64 44.26
N ASN C 155 -39.26 -7.80 44.23
CA ASN C 155 -39.05 -8.91 45.17
C ASN C 155 -37.79 -9.70 44.81
N GLY C 156 -36.74 -9.50 45.59
CA GLY C 156 -35.47 -10.20 45.38
C GLY C 156 -34.60 -9.56 44.32
N THR C 157 -34.35 -8.26 44.44
CA THR C 157 -33.54 -7.52 43.47
C THR C 157 -32.20 -7.06 44.07
N SER C 158 -31.13 -7.21 43.28
CA SER C 158 -29.74 -6.87 43.65
C SER C 158 -28.96 -6.34 42.43
N TYR C 159 -27.85 -5.62 42.67
CA TYR C 159 -27.04 -5.10 41.56
C TYR C 159 -26.18 -6.20 40.91
N LEU C 160 -25.40 -6.95 41.71
CA LEU C 160 -24.48 -7.94 41.16
C LEU C 160 -24.89 -9.41 41.30
N GLY C 161 -26.04 -9.66 41.90
CA GLY C 161 -26.55 -11.02 42.08
C GLY C 161 -26.84 -11.72 40.76
N HIS C 162 -27.27 -10.95 39.76
CA HIS C 162 -27.56 -11.47 38.42
C HIS C 162 -26.40 -11.20 37.45
N TYR C 163 -25.16 -11.16 37.94
CA TYR C 163 -23.99 -10.90 37.08
C TYR C 163 -23.32 -12.18 36.56
N PRO C 164 -23.25 -12.38 35.22
CA PRO C 164 -22.61 -13.59 34.69
C PRO C 164 -21.08 -13.63 34.65
N GLY C 165 -20.42 -12.72 35.35
CA GLY C 165 -18.96 -12.70 35.41
C GLY C 165 -18.31 -11.97 34.25
N ASP C 166 -17.09 -11.45 34.47
CA ASP C 166 -16.30 -10.75 33.44
C ASP C 166 -15.93 -11.66 32.22
N ASN C 167 -16.18 -12.97 32.34
CA ASN C 167 -15.93 -14.01 31.34
C ASN C 167 -17.07 -14.15 30.32
N TYR C 168 -18.23 -13.53 30.58
CA TYR C 168 -19.43 -13.58 29.73
C TYR C 168 -19.95 -12.18 29.35
N VAL C 169 -19.61 -11.15 30.13
CA VAL C 169 -20.05 -9.77 29.90
C VAL C 169 -18.86 -8.90 29.48
N ASP C 170 -19.06 -8.00 28.51
CA ASP C 170 -18.01 -7.11 28.02
C ASP C 170 -18.09 -5.68 28.61
N TYR C 171 -19.32 -5.16 28.84
CA TYR C 171 -19.51 -3.81 29.42
C TYR C 171 -20.64 -3.87 30.47
N THR C 172 -20.47 -3.22 31.63
CA THR C 172 -21.51 -3.22 32.68
C THR C 172 -22.18 -1.84 32.77
N SER C 173 -23.36 -1.70 32.17
CA SER C 173 -24.05 -0.42 32.08
C SER C 173 -25.07 -0.08 33.20
N ILE C 174 -25.42 1.21 33.30
CA ILE C 174 -26.44 1.72 34.24
C ILE C 174 -27.54 2.44 33.47
N ASP C 175 -28.80 2.20 33.82
CA ASP C 175 -29.94 2.98 33.32
C ASP C 175 -30.51 3.76 34.51
N GLY C 176 -30.59 5.07 34.36
CA GLY C 176 -31.12 5.96 35.38
C GLY C 176 -31.90 7.09 34.75
N TYR C 177 -32.58 7.86 35.58
CA TYR C 177 -33.46 8.95 35.13
C TYR C 177 -33.72 9.95 36.25
N ASN C 178 -34.13 11.15 35.88
CA ASN C 178 -34.61 12.16 36.80
C ASN C 178 -36.00 12.59 36.31
N TRP C 179 -37.04 12.03 36.93
CA TRP C 179 -38.46 12.25 36.58
C TRP C 179 -39.03 13.59 37.04
N GLY C 180 -38.33 14.27 37.94
CA GLY C 180 -38.82 15.51 38.55
C GLY C 180 -40.14 15.29 39.27
N THR C 181 -41.08 16.22 39.10
CA THR C 181 -42.41 16.15 39.73
C THR C 181 -43.51 15.94 38.67
N THR C 182 -43.22 15.16 37.61
CA THR C 182 -44.18 14.93 36.52
C THR C 182 -45.19 13.84 36.88
N GLN C 183 -44.67 12.69 37.31
CA GLN C 183 -45.46 11.49 37.62
C GLN C 183 -46.40 11.68 38.79
N SER C 184 -47.59 11.07 38.71
CA SER C 184 -48.63 11.18 39.75
C SER C 184 -48.59 10.01 40.74
N TRP C 185 -47.40 9.47 41.01
CA TRP C 185 -47.22 8.39 42.00
C TRP C 185 -46.37 8.79 43.22
N GLY C 186 -45.55 9.83 43.07
CA GLY C 186 -44.66 10.32 44.11
C GLY C 186 -43.21 10.32 43.65
N SER C 187 -42.83 11.32 42.87
CA SER C 187 -41.48 11.44 42.32
C SER C 187 -40.85 12.79 42.72
N GLN C 188 -39.51 12.84 42.82
CA GLN C 188 -38.78 14.02 43.30
C GLN C 188 -37.58 14.37 42.41
N TRP C 189 -37.05 15.59 42.55
CA TRP C 189 -35.83 16.02 41.85
C TRP C 189 -34.62 15.24 42.37
N GLN C 190 -33.96 14.51 41.48
CA GLN C 190 -32.75 13.75 41.79
C GLN C 190 -31.57 14.23 40.96
N SER C 191 -30.54 14.72 41.64
CA SER C 191 -29.29 15.09 40.98
C SER C 191 -28.57 13.81 40.52
N PHE C 192 -27.52 13.94 39.72
CA PHE C 192 -26.81 12.78 39.16
C PHE C 192 -26.37 11.77 40.24
N ASP C 193 -25.71 12.24 41.31
CA ASP C 193 -25.31 11.34 42.40
C ASP C 193 -26.50 10.67 43.09
N GLN C 194 -27.62 11.37 43.23
CA GLN C 194 -28.82 10.82 43.90
C GLN C 194 -29.65 9.87 42.99
N VAL C 195 -29.14 9.58 41.78
CA VAL C 195 -29.65 8.55 40.88
C VAL C 195 -28.56 7.46 40.71
N PHE C 196 -27.31 7.87 40.46
CA PHE C 196 -26.21 6.98 40.07
C PHE C 196 -25.12 6.62 41.11
N SER C 197 -25.02 7.31 42.25
CA SER C 197 -23.91 7.04 43.19
C SER C 197 -23.81 5.60 43.68
N ARG C 198 -24.94 4.96 43.99
CA ARG C 198 -24.97 3.55 44.44
C ARG C 198 -24.73 2.58 43.31
N ALA C 199 -25.29 2.87 42.14
CA ALA C 199 -25.19 2.03 40.94
C ALA C 199 -23.76 2.01 40.39
N TYR C 200 -23.07 3.15 40.48
CA TYR C 200 -21.66 3.23 40.14
C TYR C 200 -20.85 2.49 41.24
N GLN C 201 -21.15 2.70 42.54
CA GLN C 201 -20.41 2.03 43.64
C GLN C 201 -20.54 0.49 43.68
N ALA C 202 -21.66 -0.08 43.26
CA ALA C 202 -21.79 -1.55 43.18
C ALA C 202 -20.97 -2.06 41.98
N LEU C 203 -21.13 -1.42 40.81
CA LEU C 203 -20.42 -1.80 39.59
C LEU C 203 -18.91 -1.53 39.62
N ALA C 204 -18.47 -0.57 40.43
CA ALA C 204 -17.06 -0.22 40.61
C ALA C 204 -16.19 -1.40 41.11
N SER C 205 -16.81 -2.44 41.69
CA SER C 205 -16.07 -3.63 42.12
C SER C 205 -15.67 -4.48 40.90
N ILE C 206 -16.53 -4.52 39.86
CA ILE C 206 -16.30 -5.24 38.63
C ILE C 206 -15.33 -4.44 37.75
N ASN C 207 -14.18 -5.05 37.38
CA ASN C 207 -13.21 -4.31 36.55
C ASN C 207 -13.56 -4.41 35.07
N LYS C 208 -14.60 -3.66 34.70
CA LYS C 208 -15.10 -3.54 33.33
C LYS C 208 -15.57 -2.10 33.04
N PRO C 209 -15.60 -1.66 31.76
CA PRO C 209 -16.05 -0.29 31.48
C PRO C 209 -17.55 -0.13 31.69
N ILE C 210 -17.95 1.02 32.26
CA ILE C 210 -19.35 1.29 32.56
C ILE C 210 -19.95 2.22 31.52
N ILE C 211 -20.94 1.74 30.77
CA ILE C 211 -21.64 2.59 29.81
C ILE C 211 -22.89 3.12 30.49
N ILE C 212 -23.21 4.40 30.35
CA ILE C 212 -24.49 4.93 30.81
C ILE C 212 -25.39 4.80 29.58
N ALA C 213 -26.37 3.90 29.64
CA ALA C 213 -27.10 3.46 28.46
C ALA C 213 -28.53 4.03 28.27
N GLU C 214 -29.13 4.53 29.34
CA GLU C 214 -30.28 5.42 29.28
C GLU C 214 -30.13 6.40 30.43
N PHE C 215 -30.18 7.69 30.12
CA PHE C 215 -30.25 8.74 31.13
C PHE C 215 -30.88 9.97 30.52
N ALA C 216 -31.61 10.71 31.36
CA ALA C 216 -32.35 11.91 30.96
C ALA C 216 -32.85 12.65 32.21
N SER C 217 -33.23 13.93 32.04
CA SER C 217 -33.80 14.73 33.11
C SER C 217 -35.00 15.51 32.58
N ALA C 218 -36.06 15.55 33.39
CA ALA C 218 -37.27 16.28 33.06
C ALA C 218 -37.14 17.77 33.43
N GLU C 219 -37.92 18.63 32.77
CA GLU C 219 -37.94 20.08 33.04
C GLU C 219 -38.61 20.44 34.35
N ILE C 220 -39.71 19.74 34.63
CA ILE C 220 -40.66 20.07 35.66
C ILE C 220 -40.22 19.61 37.05
N GLY C 221 -39.41 20.43 37.72
CA GLY C 221 -38.95 20.13 39.06
C GLY C 221 -37.90 21.08 39.62
N GLY C 222 -36.92 21.45 38.81
CA GLY C 222 -35.85 22.36 39.21
C GLY C 222 -35.17 23.06 38.06
N ASN C 223 -33.99 22.56 37.67
CA ASN C 223 -33.15 23.16 36.64
C ASN C 223 -32.48 22.10 35.75
N LYS C 224 -33.13 21.77 34.63
CA LYS C 224 -32.64 20.80 33.65
C LYS C 224 -31.28 21.19 33.05
N ALA C 225 -31.14 22.42 32.57
CA ALA C 225 -29.88 22.90 32.00
C ALA C 225 -28.71 22.78 32.98
N ARG C 226 -28.95 23.06 34.27
CA ARG C 226 -27.90 22.90 35.29
C ARG C 226 -27.60 21.42 35.46
N TRP C 227 -28.63 20.57 35.53
CA TRP C 227 -28.48 19.12 35.65
C TRP C 227 -27.58 18.59 34.52
N ILE C 228 -27.82 19.07 33.30
CA ILE C 228 -27.06 18.66 32.13
C ILE C 228 -25.57 18.99 32.25
N THR C 229 -25.25 20.24 32.61
CA THR C 229 -23.87 20.69 32.74
C THR C 229 -23.11 19.88 33.81
N GLU C 230 -23.74 19.71 34.96
CA GLU C 230 -23.15 19.04 36.12
C GLU C 230 -23.10 17.52 35.99
N ALA C 231 -24.01 16.92 35.23
CA ALA C 231 -24.00 15.49 34.95
C ALA C 231 -22.69 15.11 34.22
N TYR C 232 -22.36 15.79 33.11
CA TYR C 232 -21.12 15.47 32.39
C TYR C 232 -19.88 15.84 33.18
N ASN C 233 -19.95 16.92 33.97
CA ASN C 233 -18.86 17.31 34.88
C ASN C 233 -18.60 16.16 35.88
N SER C 234 -19.66 15.45 36.31
CA SER C 234 -19.55 14.29 37.20
C SER C 234 -18.93 13.11 36.45
N ILE C 235 -19.44 12.79 35.25
CA ILE C 235 -18.93 11.71 34.41
C ILE C 235 -17.41 11.86 34.19
N ARG C 236 -17.01 13.07 33.91
CA ARG C 236 -15.63 13.42 33.62
C ARG C 236 -14.69 13.46 34.85
N THR C 237 -15.20 13.75 36.06
CA THR C 237 -14.32 13.83 37.25
C THR C 237 -14.35 12.52 38.12
N SER C 238 -15.33 12.34 39.03
CA SER C 238 -15.37 11.18 39.95
C SER C 238 -15.52 9.84 39.27
N TYR C 239 -16.30 9.81 38.20
CA TYR C 239 -16.72 8.61 37.48
C TYR C 239 -15.73 8.21 36.36
N ASN C 240 -14.44 8.12 36.70
CA ASN C 240 -13.38 7.83 35.71
C ASN C 240 -13.51 6.48 34.95
N LYS C 241 -14.21 5.48 35.50
CA LYS C 241 -14.39 4.18 34.82
C LYS C 241 -15.38 4.21 33.64
N VAL C 242 -16.16 5.28 33.50
CA VAL C 242 -17.13 5.39 32.40
C VAL C 242 -16.39 5.60 31.07
N ILE C 243 -16.89 4.99 29.99
CA ILE C 243 -16.31 5.16 28.64
C ILE C 243 -17.28 5.76 27.62
N ALA C 244 -18.57 5.86 27.97
CA ALA C 244 -19.58 6.36 27.06
C ALA C 244 -20.81 6.87 27.84
N ALA C 245 -21.59 7.71 27.18
CA ALA C 245 -22.80 8.26 27.76
C ALA C 245 -23.84 8.42 26.67
N VAL C 246 -24.91 7.63 26.75
CA VAL C 246 -25.97 7.62 25.75
C VAL C 246 -27.23 8.24 26.34
N TRP C 247 -27.69 9.34 25.75
CA TRP C 247 -28.88 10.04 26.21
C TRP C 247 -30.15 9.37 25.65
N PHE C 248 -31.29 9.78 26.21
CA PHE C 248 -32.59 9.33 25.74
C PHE C 248 -33.40 10.55 25.26
N HIS C 249 -33.59 10.69 23.93
CA HIS C 249 -34.37 11.79 23.32
C HIS C 249 -35.77 11.29 22.97
N GLU C 250 -36.77 11.69 23.74
CA GLU C 250 -38.17 11.33 23.48
C GLU C 250 -39.16 12.26 24.19
N ASN C 251 -40.39 12.32 23.69
CA ASN C 251 -41.51 13.00 24.33
C ASN C 251 -42.81 12.16 24.15
N LYS C 252 -42.69 10.82 24.26
CA LYS C 252 -43.86 9.94 24.17
C LYS C 252 -44.63 9.91 25.49
N GLU C 253 -43.93 9.96 26.64
CA GLU C 253 -44.57 9.97 27.97
C GLU C 253 -44.06 11.13 28.83
N THR C 254 -42.75 11.36 28.81
CA THR C 254 -42.10 12.45 29.54
C THR C 254 -41.18 13.20 28.58
N ASP C 255 -41.04 14.52 28.76
CA ASP C 255 -40.20 15.34 27.87
C ASP C 255 -38.70 15.13 28.16
N TRP C 256 -38.17 14.01 27.69
CA TRP C 256 -36.75 13.65 27.83
C TRP C 256 -35.83 14.44 26.86
N ARG C 257 -36.41 15.04 25.80
CA ARG C 257 -35.71 15.79 24.75
C ARG C 257 -34.79 16.85 25.30
N ILE C 258 -33.57 16.93 24.75
CA ILE C 258 -32.61 17.96 25.19
C ILE C 258 -33.00 19.38 24.75
N ASN C 259 -33.84 19.50 23.69
CA ASN C 259 -34.31 20.80 23.21
C ASN C 259 -35.74 21.10 23.67
N SER C 260 -36.10 20.64 24.88
CA SER C 260 -37.43 20.88 25.45
C SER C 260 -37.68 22.38 25.66
N SER C 261 -36.65 23.11 26.07
CA SER C 261 -36.72 24.55 26.28
C SER C 261 -35.47 25.22 25.67
N PRO C 262 -35.55 26.48 25.19
CA PRO C 262 -34.37 27.10 24.58
C PRO C 262 -33.15 27.22 25.47
N GLU C 263 -33.34 27.26 26.79
CA GLU C 263 -32.23 27.36 27.73
C GLU C 263 -31.55 26.00 28.03
N ALA C 264 -32.20 24.87 27.68
CA ALA C 264 -31.64 23.54 27.91
C ALA C 264 -30.79 23.01 26.76
N LEU C 265 -31.02 23.50 25.54
CA LEU C 265 -30.28 23.06 24.37
C LEU C 265 -28.81 23.51 24.44
N ALA C 266 -28.56 24.74 24.89
CA ALA C 266 -27.21 25.28 25.02
C ALA C 266 -26.40 24.59 26.13
N ALA C 267 -27.07 23.97 27.10
CA ALA C 267 -26.39 23.25 28.18
C ALA C 267 -25.76 21.97 27.63
N TYR C 268 -26.48 21.26 26.77
CA TYR C 268 -26.00 20.04 26.17
C TYR C 268 -24.90 20.37 25.17
N ARG C 269 -25.13 21.38 24.33
CA ARG C 269 -24.13 21.81 23.35
C ARG C 269 -22.80 22.25 23.98
N GLU C 270 -22.81 22.60 25.28
CA GLU C 270 -21.60 22.99 26.01
C GLU C 270 -21.00 21.80 26.79
N ALA C 271 -21.83 20.83 27.21
CA ALA C 271 -21.35 19.66 27.95
C ALA C 271 -20.59 18.68 27.07
N ILE C 272 -21.04 18.53 25.82
CA ILE C 272 -20.38 17.68 24.83
C ILE C 272 -19.36 18.48 23.98
N GLY C 273 -19.62 19.76 23.79
CA GLY C 273 -18.77 20.63 22.97
C GLY C 273 -17.43 20.96 23.60
N GLN D 1 16.65 46.17 -38.75
CA GLN D 1 16.77 44.79 -38.28
C GLN D 1 15.48 43.99 -38.55
N VAL D 2 14.42 44.17 -37.75
CA VAL D 2 13.17 43.43 -37.90
C VAL D 2 12.56 43.59 -39.28
N GLN D 3 12.38 42.47 -39.98
CA GLN D 3 11.70 42.44 -41.27
C GLN D 3 10.62 41.34 -41.24
N LEU D 4 9.42 41.67 -41.71
CA LEU D 4 8.29 40.74 -41.81
C LEU D 4 7.78 40.78 -43.25
N VAL D 5 7.54 39.58 -43.84
CA VAL D 5 7.21 39.39 -45.26
C VAL D 5 6.04 38.42 -45.52
N GLU D 6 4.84 38.96 -45.72
CA GLU D 6 3.67 38.15 -46.08
C GLU D 6 3.66 37.66 -47.54
N SER D 7 2.87 36.60 -47.80
CA SER D 7 2.55 35.99 -49.09
C SER D 7 1.26 35.13 -48.97
N GLY D 8 0.63 34.82 -50.09
CA GLY D 8 -0.53 33.93 -50.12
C GLY D 8 -1.95 34.46 -50.22
N GLY D 9 -2.15 35.76 -50.22
CA GLY D 9 -3.51 36.32 -50.37
C GLY D 9 -3.97 36.32 -51.82
N GLY D 10 -4.99 37.09 -52.11
CA GLY D 10 -5.52 37.22 -53.47
C GLY D 10 -7.02 37.41 -53.53
N LEU D 11 -7.61 37.08 -54.65
CA LEU D 11 -9.05 37.22 -54.87
C LEU D 11 -9.69 35.82 -54.83
N VAL D 12 -10.81 35.68 -54.12
CA VAL D 12 -11.51 34.40 -53.97
C VAL D 12 -13.03 34.61 -53.86
N GLN D 13 -13.81 33.55 -54.10
CA GLN D 13 -15.26 33.61 -53.97
C GLN D 13 -15.67 33.43 -52.51
N ALA D 14 -16.91 33.82 -52.18
CA ALA D 14 -17.52 33.55 -50.88
C ALA D 14 -17.61 32.00 -50.74
N GLY D 15 -17.19 31.47 -49.60
CA GLY D 15 -17.14 30.04 -49.35
C GLY D 15 -15.76 29.41 -49.59
N GLY D 16 -14.80 30.18 -50.09
CA GLY D 16 -13.43 29.71 -50.33
C GLY D 16 -12.55 29.77 -49.10
N SER D 17 -11.25 29.41 -49.27
CA SER D 17 -10.25 29.38 -48.19
C SER D 17 -8.88 29.82 -48.68
N LEU D 18 -8.17 30.61 -47.88
CA LEU D 18 -6.84 31.11 -48.21
C LEU D 18 -5.92 30.98 -47.01
N ARG D 19 -4.66 30.56 -47.21
CA ARG D 19 -3.68 30.52 -46.12
C ARG D 19 -2.61 31.55 -46.37
N LEU D 20 -2.66 32.61 -45.61
CA LEU D 20 -1.66 33.65 -45.58
C LEU D 20 -0.46 33.15 -44.80
N SER D 21 0.72 33.50 -45.26
CA SER D 21 2.00 33.14 -44.65
C SER D 21 2.78 34.40 -44.37
N CYS D 22 3.64 34.36 -43.37
CA CYS D 22 4.53 35.47 -42.99
C CYS D 22 5.85 34.86 -42.52
N ALA D 23 6.97 35.37 -43.05
CA ALA D 23 8.32 34.93 -42.67
C ALA D 23 8.97 36.09 -41.92
N ALA D 24 9.79 35.79 -40.93
CA ALA D 24 10.37 36.80 -40.05
C ALA D 24 11.89 36.68 -39.89
N SER D 25 12.60 37.82 -40.01
CA SER D 25 14.06 37.85 -39.95
C SER D 25 14.63 39.08 -39.22
N GLY D 26 15.88 38.95 -38.77
CA GLY D 26 16.61 39.99 -38.04
C GLY D 26 16.52 39.90 -36.52
N PHE D 27 15.71 38.96 -36.00
CA PHE D 27 15.47 38.79 -34.57
C PHE D 27 15.06 37.34 -34.23
N PRO D 28 15.28 36.86 -32.98
CA PRO D 28 14.86 35.50 -32.62
C PRO D 28 13.36 35.41 -32.42
N VAL D 29 12.63 35.17 -33.51
CA VAL D 29 11.17 35.14 -33.51
C VAL D 29 10.59 33.99 -32.67
N TYR D 30 11.32 32.86 -32.49
CA TYR D 30 10.83 31.74 -31.68
C TYR D 30 10.47 32.12 -30.24
N ALA D 31 10.95 33.29 -29.75
CA ALA D 31 10.65 33.81 -28.41
C ALA D 31 9.61 34.96 -28.44
N TYR D 32 8.93 35.18 -29.57
CA TYR D 32 7.93 36.24 -29.73
C TYR D 32 6.54 35.68 -30.00
N GLU D 33 5.52 36.50 -29.73
CA GLU D 33 4.11 36.15 -29.94
C GLU D 33 3.68 36.92 -31.17
N MET D 34 3.11 36.22 -32.14
CA MET D 34 2.75 36.81 -33.43
C MET D 34 1.27 37.09 -33.49
N TYR D 35 0.94 38.21 -34.15
CA TYR D 35 -0.42 38.72 -34.26
C TYR D 35 -0.76 38.99 -35.74
N TRP D 36 -2.05 38.96 -36.07
CA TRP D 36 -2.56 39.30 -37.41
C TRP D 36 -3.72 40.28 -37.23
N TYR D 37 -3.74 41.31 -38.07
CA TYR D 37 -4.77 42.36 -38.07
C TYR D 37 -5.29 42.56 -39.50
N ARG D 38 -6.46 43.18 -39.63
CA ARG D 38 -7.01 43.51 -40.93
C ARG D 38 -7.66 44.86 -40.87
N GLN D 39 -7.47 45.68 -41.91
CA GLN D 39 -8.08 47.00 -41.99
C GLN D 39 -8.79 47.12 -43.33
N ALA D 40 -10.13 47.07 -43.31
CA ALA D 40 -10.91 47.22 -44.54
C ALA D 40 -10.72 48.63 -45.13
N PRO D 41 -10.90 48.80 -46.46
CA PRO D 41 -10.70 50.14 -47.05
C PRO D 41 -11.55 51.24 -46.43
N GLY D 42 -10.90 52.27 -45.90
CA GLY D 42 -11.58 53.39 -45.25
C GLY D 42 -11.92 53.14 -43.79
N LYS D 43 -12.24 51.90 -43.43
CA LYS D 43 -12.57 51.53 -42.04
C LYS D 43 -11.28 51.35 -41.20
N GLU D 44 -11.42 51.31 -39.87
CA GLU D 44 -10.28 51.17 -38.95
C GLU D 44 -9.75 49.73 -38.88
N ARG D 45 -8.56 49.59 -38.30
CA ARG D 45 -7.92 48.29 -38.20
C ARG D 45 -8.50 47.43 -37.07
N GLU D 46 -9.07 46.29 -37.46
CA GLU D 46 -9.64 45.25 -36.61
C GLU D 46 -8.57 44.20 -36.30
N TRP D 47 -8.71 43.52 -35.17
CA TRP D 47 -7.84 42.40 -34.78
C TRP D 47 -8.42 41.10 -35.38
N VAL D 48 -7.56 40.13 -35.68
CA VAL D 48 -7.97 38.87 -36.30
C VAL D 48 -7.51 37.65 -35.50
N ALA D 49 -6.22 37.58 -35.13
CA ALA D 49 -5.69 36.43 -34.41
C ALA D 49 -4.36 36.72 -33.68
N ALA D 50 -3.98 35.85 -32.73
CA ALA D 50 -2.71 35.92 -32.01
C ALA D 50 -2.28 34.51 -31.56
N ILE D 51 -0.96 34.23 -31.61
CA ILE D 51 -0.39 32.90 -31.33
C ILE D 51 0.84 32.99 -30.41
N SER D 52 0.98 32.00 -29.52
CA SER D 52 2.06 31.92 -28.51
C SER D 52 3.42 31.59 -29.12
N SER D 53 4.52 31.87 -28.37
CA SER D 53 5.88 31.54 -28.80
C SER D 53 6.01 30.02 -29.04
N SER D 54 5.42 29.21 -28.17
CA SER D 54 5.44 27.75 -28.29
C SER D 54 4.43 27.31 -29.34
N GLY D 55 3.22 27.86 -29.24
CA GLY D 55 2.09 27.55 -30.09
C GLY D 55 1.05 26.72 -29.37
N THR D 56 0.96 26.88 -28.04
CA THR D 56 0.02 26.13 -27.18
C THR D 56 -1.35 26.82 -27.22
N TRP D 57 -1.35 28.13 -27.03
CA TRP D 57 -2.56 28.96 -27.01
C TRP D 57 -2.57 29.89 -28.20
N ALA D 58 -3.77 30.07 -28.75
CA ALA D 58 -4.09 31.04 -29.78
C ALA D 58 -5.47 31.61 -29.49
N GLY D 59 -5.64 32.90 -29.79
CA GLY D 59 -6.88 33.64 -29.55
C GLY D 59 -7.31 34.40 -30.78
N TYR D 60 -8.58 34.73 -30.86
CA TYR D 60 -9.16 35.33 -32.06
C TYR D 60 -10.23 36.35 -31.78
N ALA D 61 -10.58 37.08 -32.83
CA ALA D 61 -11.68 38.03 -32.74
C ALA D 61 -13.03 37.28 -32.87
N ASP D 62 -14.11 37.81 -32.28
CA ASP D 62 -15.41 37.10 -32.30
C ASP D 62 -16.01 36.94 -33.72
N SER D 63 -15.70 37.87 -34.65
CA SER D 63 -16.16 37.77 -36.05
C SER D 63 -15.29 36.79 -36.89
N VAL D 64 -14.38 36.06 -36.24
CA VAL D 64 -13.38 35.16 -36.84
C VAL D 64 -13.34 33.78 -36.17
N LYS D 65 -13.51 33.77 -34.84
CA LYS D 65 -13.58 32.56 -34.01
C LYS D 65 -14.65 31.60 -34.57
N GLY D 66 -14.25 30.35 -34.76
CA GLY D 66 -15.07 29.32 -35.40
C GLY D 66 -14.87 29.20 -36.90
N ARG D 67 -13.98 30.00 -37.51
CA ARG D 67 -13.68 29.94 -38.96
C ARG D 67 -12.18 29.79 -39.30
N PHE D 68 -11.33 30.78 -38.87
CA PHE D 68 -9.89 30.80 -39.18
C PHE D 68 -9.06 29.95 -38.22
N THR D 69 -7.96 29.39 -38.72
CA THR D 69 -7.04 28.53 -37.96
C THR D 69 -5.59 29.07 -38.00
N ILE D 70 -5.10 29.78 -36.94
CA ILE D 70 -3.73 30.29 -36.93
C ILE D 70 -2.77 29.14 -36.59
N SER D 71 -1.57 29.21 -37.12
CA SER D 71 -0.53 28.20 -36.86
C SER D 71 0.85 28.79 -37.11
N ARG D 72 1.89 28.15 -36.61
CA ARG D 72 3.26 28.62 -36.85
C ARG D 72 4.25 27.48 -36.79
N ASP D 73 5.40 27.70 -37.43
CA ASP D 73 6.50 26.75 -37.42
C ASP D 73 7.75 27.54 -37.09
N ASN D 74 8.23 27.41 -35.85
CA ASN D 74 9.41 28.13 -35.39
C ASN D 74 10.73 27.65 -36.00
N ALA D 75 10.72 26.52 -36.74
CA ALA D 75 11.93 26.04 -37.41
C ALA D 75 12.17 26.93 -38.65
N LYS D 76 11.11 27.21 -39.43
CA LYS D 76 11.20 28.08 -40.61
C LYS D 76 11.13 29.58 -40.26
N ASN D 77 10.76 29.94 -39.01
CA ASN D 77 10.59 31.34 -38.59
C ASN D 77 9.43 31.91 -39.38
N THR D 78 8.29 31.24 -39.29
CA THR D 78 7.09 31.61 -40.01
C THR D 78 5.84 31.51 -39.15
N VAL D 79 4.85 32.33 -39.46
CA VAL D 79 3.50 32.25 -38.90
C VAL D 79 2.55 32.19 -40.09
N TYR D 80 1.44 31.47 -39.95
CA TYR D 80 0.42 31.29 -40.98
C TYR D 80 -0.97 31.58 -40.42
N LEU D 81 -1.93 31.91 -41.29
CA LEU D 81 -3.32 32.08 -40.91
C LEU D 81 -4.18 31.35 -41.96
N GLN D 82 -4.60 30.14 -41.65
CA GLN D 82 -5.41 29.33 -42.58
C GLN D 82 -6.86 29.83 -42.45
N MET D 83 -7.30 30.73 -43.34
CA MET D 83 -8.60 31.41 -43.25
C MET D 83 -9.77 30.65 -43.93
N ASN D 84 -10.22 29.56 -43.33
CA ASN D 84 -11.32 28.75 -43.91
C ASN D 84 -12.73 29.46 -43.90
N SER D 85 -13.65 29.06 -44.83
CA SER D 85 -15.05 29.54 -44.94
C SER D 85 -15.16 31.07 -45.02
N LEU D 86 -14.44 31.64 -45.99
CA LEU D 86 -14.39 33.09 -46.23
C LEU D 86 -15.72 33.67 -46.68
N LYS D 87 -15.95 34.94 -46.35
CA LYS D 87 -17.19 35.66 -46.67
C LYS D 87 -16.90 37.10 -47.17
N PRO D 88 -17.83 37.76 -47.89
CA PRO D 88 -17.55 39.13 -48.40
C PRO D 88 -17.04 40.17 -47.39
N GLU D 89 -17.32 39.98 -46.10
CA GLU D 89 -16.88 40.90 -45.04
C GLU D 89 -15.37 40.76 -44.72
N ASP D 90 -14.73 39.65 -45.15
CA ASP D 90 -13.30 39.43 -44.93
C ASP D 90 -12.41 40.22 -45.93
N THR D 91 -13.01 41.06 -46.81
CA THR D 91 -12.26 41.84 -47.80
C THR D 91 -11.49 42.97 -47.10
N ALA D 92 -10.20 42.75 -46.81
CA ALA D 92 -9.36 43.70 -46.08
C ALA D 92 -7.86 43.48 -46.36
N VAL D 93 -6.98 44.44 -45.97
CA VAL D 93 -5.54 44.28 -46.12
C VAL D 93 -5.07 43.60 -44.85
N TYR D 94 -4.51 42.39 -44.96
CA TYR D 94 -4.07 41.60 -43.79
C TYR D 94 -2.60 41.85 -43.47
N TYR D 95 -2.34 42.34 -42.25
CA TYR D 95 -1.00 42.70 -41.78
C TYR D 95 -0.49 41.78 -40.66
N CYS D 96 0.69 41.20 -40.86
CA CYS D 96 1.43 40.40 -39.85
C CYS D 96 2.02 41.47 -38.88
N ASN D 97 2.02 41.15 -37.58
CA ASN D 97 2.47 42.08 -36.53
C ASN D 97 3.15 41.35 -35.38
N VAL D 98 4.05 42.07 -34.68
CA VAL D 98 4.71 41.62 -33.46
C VAL D 98 4.93 42.86 -32.58
N LYS D 99 4.60 42.76 -31.29
CA LYS D 99 4.73 43.88 -30.35
C LYS D 99 5.98 43.72 -29.47
N ASP D 100 7.08 44.41 -29.82
CA ASP D 100 8.31 44.30 -29.05
C ASP D 100 8.32 45.30 -27.88
N TRP D 101 8.24 44.79 -26.64
CA TRP D 101 8.27 45.63 -25.45
C TRP D 101 9.67 46.20 -25.17
N GLY D 102 10.70 45.49 -25.59
CA GLY D 102 12.08 45.96 -25.38
C GLY D 102 12.53 45.92 -23.94
N ALA D 103 11.88 45.05 -23.14
CA ALA D 103 12.03 44.96 -21.68
C ALA D 103 11.71 46.33 -21.02
N SER D 104 10.76 47.07 -21.62
CA SER D 104 10.34 48.40 -21.18
C SER D 104 8.85 48.50 -20.85
N TRP D 105 8.41 49.68 -20.40
CA TRP D 105 7.02 49.97 -20.08
C TRP D 105 6.16 50.27 -21.34
N ALA D 106 6.78 50.48 -22.53
CA ALA D 106 6.06 50.75 -23.79
C ALA D 106 6.49 49.75 -24.88
N TYR D 107 5.65 49.59 -25.92
CA TYR D 107 5.91 48.63 -27.00
C TYR D 107 5.92 49.25 -28.38
N TYR D 108 6.77 48.70 -29.25
CA TYR D 108 6.90 49.14 -30.64
C TYR D 108 6.16 48.11 -31.49
N ASP D 109 5.29 48.56 -32.39
CA ASP D 109 4.55 47.67 -33.27
C ASP D 109 5.32 47.52 -34.57
N TYR D 110 5.91 46.35 -34.79
CA TYR D 110 6.57 46.06 -36.05
C TYR D 110 5.49 45.47 -36.97
N TRP D 111 5.49 45.87 -38.25
CA TRP D 111 4.45 45.45 -39.18
C TRP D 111 5.00 44.87 -40.47
N GLY D 112 4.19 43.99 -41.06
CA GLY D 112 4.44 43.44 -42.38
C GLY D 112 4.03 44.40 -43.47
N GLN D 113 4.13 43.93 -44.71
CA GLN D 113 3.82 44.72 -45.89
C GLN D 113 2.32 44.93 -46.15
N GLY D 114 1.50 44.04 -45.62
CA GLY D 114 0.07 44.02 -45.86
C GLY D 114 -0.23 43.31 -47.16
N THR D 115 -0.83 42.12 -47.06
CA THR D 115 -1.25 41.34 -48.24
C THR D 115 -2.76 41.38 -48.29
N GLN D 116 -3.31 41.72 -49.44
CA GLN D 116 -4.74 41.81 -49.62
C GLN D 116 -5.40 40.45 -49.69
N VAL D 117 -6.64 40.38 -49.22
CA VAL D 117 -7.55 39.27 -49.44
C VAL D 117 -8.85 39.95 -49.90
N THR D 118 -9.40 39.56 -51.06
CA THR D 118 -10.65 40.13 -51.59
C THR D 118 -11.61 38.97 -51.79
N VAL D 119 -12.80 39.04 -51.19
CA VAL D 119 -13.76 37.94 -51.21
C VAL D 119 -15.07 38.38 -51.85
N SER D 120 -15.50 37.69 -52.89
CA SER D 120 -16.70 38.07 -53.63
C SER D 120 -17.89 37.10 -53.46
N GLN E 1 3.06 -14.65 -43.73
CA GLN E 1 3.14 -15.97 -43.11
C GLN E 1 1.81 -16.75 -43.25
N VAL E 2 0.78 -16.41 -42.44
CA VAL E 2 -0.51 -17.11 -42.46
C VAL E 2 -1.16 -17.09 -43.83
N GLN E 3 -1.40 -18.27 -44.39
CA GLN E 3 -2.11 -18.43 -45.65
C GLN E 3 -3.22 -19.46 -45.45
N LEU E 4 -4.44 -19.12 -45.90
CA LEU E 4 -5.61 -20.00 -45.85
C LEU E 4 -6.16 -20.06 -47.28
N VAL E 5 -6.41 -21.24 -47.79
CA VAL E 5 -6.91 -21.43 -49.16
C VAL E 5 -8.07 -22.43 -49.11
N GLU E 6 -9.09 -22.25 -49.96
CA GLU E 6 -10.30 -23.07 -49.93
C GLU E 6 -10.69 -23.69 -51.25
N SER E 7 -11.59 -24.67 -51.17
CA SER E 7 -12.07 -25.38 -52.34
C SER E 7 -13.38 -26.12 -52.02
N GLY E 8 -14.11 -26.55 -53.05
CA GLY E 8 -15.31 -27.35 -52.90
C GLY E 8 -16.69 -26.69 -53.02
N GLY E 9 -16.73 -25.39 -53.35
CA GLY E 9 -17.97 -24.61 -53.48
C GLY E 9 -18.81 -24.86 -54.73
N GLY E 10 -19.34 -23.79 -55.32
CA GLY E 10 -20.07 -23.84 -56.60
C GLY E 10 -21.56 -23.55 -56.60
N LEU E 11 -22.30 -24.20 -57.52
CA LEU E 11 -23.75 -24.03 -57.72
C LEU E 11 -24.49 -25.36 -57.53
N VAL E 12 -25.58 -25.35 -56.78
CA VAL E 12 -26.37 -26.56 -56.48
C VAL E 12 -27.86 -26.23 -56.32
N GLN E 13 -28.71 -27.24 -56.40
CA GLN E 13 -30.16 -27.08 -56.21
C GLN E 13 -30.50 -27.11 -54.73
N ALA E 14 -31.69 -26.59 -54.38
CA ALA E 14 -32.23 -26.70 -53.03
C ALA E 14 -32.42 -28.21 -52.73
N GLY E 15 -31.99 -28.64 -51.56
CA GLY E 15 -31.98 -30.05 -51.18
C GLY E 15 -30.67 -30.78 -51.41
N GLY E 16 -29.69 -30.11 -52.02
CA GLY E 16 -28.36 -30.68 -52.27
C GLY E 16 -27.40 -30.57 -51.10
N SER E 17 -26.14 -31.02 -51.30
CA SER E 17 -25.08 -31.01 -50.28
C SER E 17 -23.70 -30.71 -50.93
N LEU E 18 -22.79 -30.02 -50.19
CA LEU E 18 -21.42 -29.64 -50.65
C LEU E 18 -20.42 -29.74 -49.48
N ARG E 19 -19.13 -30.04 -49.74
CA ARG E 19 -18.15 -30.23 -48.67
C ARG E 19 -16.99 -29.25 -48.76
N LEU E 20 -17.19 -28.02 -48.22
CA LEU E 20 -16.15 -27.01 -48.31
C LEU E 20 -14.93 -27.46 -47.53
N SER E 21 -13.76 -27.22 -48.10
CA SER E 21 -12.47 -27.58 -47.52
C SER E 21 -11.59 -26.34 -47.44
N CYS E 22 -10.66 -26.33 -46.49
CA CYS E 22 -9.70 -25.23 -46.29
C CYS E 22 -8.39 -25.85 -45.80
N ALA E 23 -7.27 -25.44 -46.40
CA ALA E 23 -5.92 -25.89 -46.03
C ALA E 23 -5.17 -24.68 -45.46
N ALA E 24 -4.32 -24.91 -44.47
CA ALA E 24 -3.66 -23.83 -43.75
C ALA E 24 -2.13 -23.99 -43.62
N SER E 25 -1.38 -22.91 -43.90
CA SER E 25 0.09 -22.93 -43.89
C SER E 25 0.73 -21.65 -43.33
N GLY E 26 1.99 -21.78 -42.92
CA GLY E 26 2.79 -20.70 -42.34
C GLY E 26 2.77 -20.62 -40.82
N PHE E 27 1.94 -21.46 -40.17
CA PHE E 27 1.77 -21.44 -38.72
C PHE E 27 1.31 -22.82 -38.19
N PRO E 28 1.58 -23.16 -36.91
CA PRO E 28 1.13 -24.47 -36.38
C PRO E 28 -0.38 -24.46 -36.11
N VAL E 29 -1.16 -24.80 -37.13
CA VAL E 29 -2.62 -24.80 -37.07
C VAL E 29 -3.23 -25.81 -36.09
N TYR E 30 -2.52 -26.91 -35.81
CA TYR E 30 -3.02 -27.90 -34.85
C TYR E 30 -3.29 -27.35 -33.44
N ALA E 31 -2.74 -26.14 -33.12
CA ALA E 31 -2.96 -25.45 -31.84
C ALA E 31 -3.95 -24.28 -31.96
N TYR E 32 -4.68 -24.15 -33.09
CA TYR E 32 -5.64 -23.06 -33.33
C TYR E 32 -7.06 -23.59 -33.48
N GLU E 33 -8.03 -22.70 -33.26
CA GLU E 33 -9.45 -23.00 -33.37
C GLU E 33 -9.91 -22.35 -34.66
N MET E 34 -10.55 -23.13 -35.52
CA MET E 34 -10.94 -22.68 -36.85
C MET E 34 -12.41 -22.32 -36.89
N TYR E 35 -12.72 -21.28 -37.66
CA TYR E 35 -14.07 -20.72 -37.78
C TYR E 35 -14.46 -20.60 -39.26
N TRP E 36 -15.77 -20.59 -39.54
CA TRP E 36 -16.32 -20.38 -40.88
C TRP E 36 -17.42 -19.34 -40.77
N TYR E 37 -17.44 -18.40 -41.72
CA TYR E 37 -18.41 -17.32 -41.80
C TYR E 37 -18.99 -17.24 -43.21
N ARG E 38 -20.13 -16.58 -43.36
CA ARG E 38 -20.72 -16.37 -44.68
C ARG E 38 -21.30 -14.97 -44.76
N GLN E 39 -21.11 -14.30 -45.88
CA GLN E 39 -21.66 -12.97 -46.09
C GLN E 39 -22.43 -12.97 -47.40
N ALA E 40 -23.76 -12.94 -47.32
CA ALA E 40 -24.60 -12.89 -48.51
C ALA E 40 -24.38 -11.56 -49.27
N PRO E 41 -24.63 -11.53 -50.59
CA PRO E 41 -24.39 -10.29 -51.35
C PRO E 41 -25.16 -9.07 -50.81
N GLY E 42 -24.43 -8.01 -50.45
CA GLY E 42 -25.03 -6.81 -49.89
C GLY E 42 -25.28 -6.86 -48.40
N LYS E 43 -25.64 -8.06 -47.87
CA LYS E 43 -25.90 -8.25 -46.44
C LYS E 43 -24.57 -8.39 -45.66
N GLU E 44 -24.62 -8.28 -44.32
CA GLU E 44 -23.43 -8.38 -43.47
C GLU E 44 -22.96 -9.83 -43.22
N ARG E 45 -21.77 -10.01 -42.59
CA ARG E 45 -21.13 -11.30 -42.29
C ARG E 45 -21.76 -12.07 -41.13
N GLU E 46 -22.48 -13.13 -41.46
CA GLU E 46 -23.08 -14.02 -40.47
C GLU E 46 -22.05 -15.10 -40.09
N TRP E 47 -22.16 -15.64 -38.89
CA TRP E 47 -21.33 -16.75 -38.41
C TRP E 47 -22.00 -18.08 -38.83
N VAL E 48 -21.20 -19.12 -39.06
CA VAL E 48 -21.69 -20.43 -39.52
C VAL E 48 -21.25 -21.58 -38.60
N ALA E 49 -19.95 -21.66 -38.30
CA ALA E 49 -19.42 -22.76 -37.47
C ALA E 49 -18.06 -22.44 -36.82
N ALA E 50 -17.68 -23.23 -35.79
CA ALA E 50 -16.37 -23.14 -35.14
C ALA E 50 -15.98 -24.50 -34.55
N ILE E 51 -14.68 -24.85 -34.61
CA ILE E 51 -14.14 -26.17 -34.19
C ILE E 51 -12.87 -26.03 -33.33
N SER E 52 -12.74 -26.92 -32.34
CA SER E 52 -11.63 -26.93 -31.38
C SER E 52 -10.30 -27.40 -32.00
N SER E 53 -9.17 -27.09 -31.33
CA SER E 53 -7.84 -27.53 -31.78
C SER E 53 -7.78 -29.06 -31.85
N SER E 54 -8.36 -29.75 -30.87
CA SER E 54 -8.41 -31.21 -30.81
C SER E 54 -9.49 -31.72 -31.76
N GLY E 55 -10.67 -31.10 -31.67
CA GLY E 55 -11.85 -31.44 -32.44
C GLY E 55 -12.90 -32.14 -31.58
N THR E 56 -12.93 -31.82 -30.27
CA THR E 56 -13.84 -32.42 -29.30
C THR E 56 -15.18 -31.69 -29.36
N TRP E 57 -15.13 -30.34 -29.33
CA TRP E 57 -16.29 -29.47 -29.37
C TRP E 57 -16.32 -28.68 -30.66
N ALA E 58 -17.53 -28.52 -31.18
CA ALA E 58 -17.85 -27.66 -32.31
C ALA E 58 -19.20 -26.99 -32.04
N GLY E 59 -19.34 -25.75 -32.48
CA GLY E 59 -20.55 -24.95 -32.29
C GLY E 59 -21.02 -24.35 -33.60
N TYR E 60 -22.37 -24.31 -33.79
CA TYR E 60 -23.03 -23.87 -35.03
C TYR E 60 -24.05 -22.71 -34.82
N ALA E 61 -24.23 -21.81 -35.82
CA ALA E 61 -25.27 -20.76 -35.78
C ALA E 61 -26.67 -21.40 -35.78
N ASP E 62 -27.66 -20.66 -35.26
CA ASP E 62 -29.05 -21.11 -35.07
C ASP E 62 -29.81 -21.44 -36.39
N SER E 63 -29.39 -20.83 -37.50
CA SER E 63 -29.92 -21.08 -38.85
C SER E 63 -29.14 -22.19 -39.62
N VAL E 64 -28.23 -22.90 -38.93
CA VAL E 64 -27.32 -23.91 -39.50
C VAL E 64 -27.27 -25.23 -38.70
N LYS E 65 -27.29 -25.16 -37.37
CA LYS E 65 -27.11 -26.31 -36.48
C LYS E 65 -27.84 -27.59 -36.91
N GLY E 66 -27.09 -28.67 -37.05
CA GLY E 66 -27.63 -29.98 -37.41
C GLY E 66 -27.84 -30.20 -38.89
N ARG E 67 -27.92 -29.13 -39.70
CA ARG E 67 -27.96 -29.29 -41.15
C ARG E 67 -26.52 -29.56 -41.61
N PHE E 68 -25.58 -28.76 -41.13
CA PHE E 68 -24.18 -28.90 -41.50
C PHE E 68 -23.40 -29.66 -40.41
N THR E 69 -22.14 -29.98 -40.71
CA THR E 69 -21.27 -30.68 -39.78
C THR E 69 -19.84 -30.28 -40.09
N ILE E 70 -19.22 -29.62 -39.14
CA ILE E 70 -17.82 -29.21 -39.28
C ILE E 70 -16.92 -30.35 -38.84
N SER E 71 -15.74 -30.44 -39.42
CA SER E 71 -14.75 -31.45 -39.07
C SER E 71 -13.36 -30.97 -39.48
N ARG E 72 -12.31 -31.61 -38.97
CA ARG E 72 -10.95 -31.24 -39.32
C ARG E 72 -10.00 -32.41 -39.17
N ASP E 73 -8.88 -32.33 -39.87
CA ASP E 73 -7.82 -33.31 -39.78
C ASP E 73 -6.53 -32.53 -39.61
N ASN E 74 -5.98 -32.55 -38.39
CA ASN E 74 -4.76 -31.82 -38.07
C ASN E 74 -3.49 -32.44 -38.66
N ALA E 75 -3.58 -33.64 -39.27
CA ALA E 75 -2.42 -34.25 -39.92
C ALA E 75 -2.21 -33.53 -41.27
N LYS E 76 -3.29 -33.29 -42.04
CA LYS E 76 -3.22 -32.57 -43.31
C LYS E 76 -3.21 -31.05 -43.13
N ASN E 77 -3.51 -30.52 -41.92
CA ASN E 77 -3.61 -29.07 -41.66
C ASN E 77 -4.78 -28.54 -42.47
N THR E 78 -5.94 -29.15 -42.26
CA THR E 78 -7.16 -28.82 -42.97
C THR E 78 -8.37 -28.79 -42.06
N VAL E 79 -9.32 -27.94 -42.41
CA VAL E 79 -10.64 -27.87 -41.77
C VAL E 79 -11.66 -28.02 -42.91
N TYR E 80 -12.71 -28.77 -42.66
CA TYR E 80 -13.76 -29.02 -43.64
C TYR E 80 -15.11 -28.67 -43.03
N LEU E 81 -15.99 -28.10 -43.83
CA LEU E 81 -17.37 -27.88 -43.44
C LEU E 81 -18.23 -28.69 -44.41
N GLN E 82 -18.81 -29.80 -43.92
CA GLN E 82 -19.72 -30.62 -44.68
C GLN E 82 -21.07 -29.92 -44.59
N MET E 83 -21.62 -29.55 -45.72
CA MET E 83 -22.92 -28.89 -45.76
C MET E 83 -23.91 -29.84 -46.38
N ASN E 84 -25.06 -30.02 -45.72
CA ASN E 84 -26.11 -30.93 -46.16
C ASN E 84 -27.43 -30.22 -46.09
N SER E 85 -28.42 -30.77 -46.79
CA SER E 85 -29.77 -30.21 -46.86
C SER E 85 -29.78 -28.69 -47.10
N LEU E 86 -29.04 -28.27 -48.13
CA LEU E 86 -28.90 -26.87 -48.51
C LEU E 86 -30.21 -26.25 -48.98
N LYS E 87 -30.35 -24.93 -48.77
CA LYS E 87 -31.56 -24.18 -49.12
C LYS E 87 -31.21 -22.82 -49.77
N PRO E 88 -32.14 -22.18 -50.51
CA PRO E 88 -31.82 -20.90 -51.17
C PRO E 88 -31.20 -19.79 -50.30
N GLU E 89 -31.43 -19.84 -48.99
CA GLU E 89 -30.89 -18.85 -48.06
C GLU E 89 -29.39 -19.05 -47.78
N ASP E 90 -28.82 -20.22 -48.11
CA ASP E 90 -27.40 -20.50 -47.94
C ASP E 90 -26.53 -19.88 -49.07
N THR E 91 -27.11 -19.11 -50.00
CA THR E 91 -26.38 -18.49 -51.11
C THR E 91 -25.52 -17.34 -50.56
N ALA E 92 -24.22 -17.62 -50.29
CA ALA E 92 -23.30 -16.63 -49.71
C ALA E 92 -21.82 -16.97 -50.03
N VAL E 93 -20.89 -16.02 -49.80
CA VAL E 93 -19.46 -16.29 -50.00
C VAL E 93 -18.98 -16.84 -48.66
N TYR E 94 -18.48 -18.09 -48.65
CA TYR E 94 -18.03 -18.76 -47.43
C TYR E 94 -16.54 -18.57 -47.20
N TYR E 95 -16.19 -17.96 -46.05
CA TYR E 95 -14.82 -17.63 -45.68
C TYR E 95 -14.29 -18.42 -44.48
N CYS E 96 -13.16 -19.10 -44.66
CA CYS E 96 -12.41 -19.79 -43.61
C CYS E 96 -11.73 -18.66 -42.78
N ASN E 97 -11.67 -18.82 -41.45
CA ASN E 97 -11.15 -17.80 -40.53
C ASN E 97 -10.44 -18.41 -39.33
N VAL E 98 -9.48 -17.67 -38.76
CA VAL E 98 -8.80 -18.00 -37.50
C VAL E 98 -8.49 -16.68 -36.80
N LYS E 99 -8.76 -16.61 -35.48
CA LYS E 99 -8.54 -15.41 -34.68
C LYS E 99 -7.27 -15.53 -33.84
N ASP E 100 -6.17 -14.94 -34.30
CA ASP E 100 -4.90 -15.02 -33.57
C ASP E 100 -4.82 -13.91 -32.52
N TRP E 101 -4.87 -14.28 -31.24
CA TRP E 101 -4.76 -13.32 -30.14
C TRP E 101 -3.34 -12.79 -29.96
N GLY E 102 -2.34 -13.58 -30.33
CA GLY E 102 -0.94 -13.19 -30.21
C GLY E 102 -0.47 -13.10 -28.77
N ALA E 103 -1.12 -13.84 -27.86
CA ALA E 103 -0.94 -13.76 -26.40
C ALA E 103 -1.17 -12.32 -25.89
N SER E 104 -2.08 -11.58 -26.56
CA SER E 104 -2.40 -10.20 -26.25
C SER E 104 -3.89 -10.01 -25.87
N TRP E 105 -4.25 -8.76 -25.55
CA TRP E 105 -5.61 -8.38 -25.22
C TRP E 105 -6.50 -8.16 -26.48
N ALA E 106 -5.92 -8.12 -27.69
CA ALA E 106 -6.67 -7.94 -28.94
C ALA E 106 -6.33 -9.07 -29.94
N TYR E 107 -7.21 -9.31 -30.94
CA TYR E 107 -7.03 -10.39 -31.92
C TYR E 107 -7.05 -9.92 -33.37
N TYR E 108 -6.26 -10.60 -34.21
CA TYR E 108 -6.18 -10.33 -35.63
C TYR E 108 -6.97 -11.40 -36.35
N ASP E 109 -7.88 -11.01 -37.26
CA ASP E 109 -8.68 -11.97 -38.01
C ASP E 109 -7.97 -12.30 -39.31
N TYR E 110 -7.45 -13.51 -39.42
CA TYR E 110 -6.87 -13.99 -40.68
C TYR E 110 -8.02 -14.61 -41.48
N TRP E 111 -8.05 -14.36 -42.79
CA TRP E 111 -9.14 -14.83 -43.64
C TRP E 111 -8.69 -15.60 -44.86
N GLY E 112 -9.56 -16.50 -45.32
CA GLY E 112 -9.39 -17.20 -46.58
C GLY E 112 -9.80 -16.35 -47.77
N GLN E 113 -9.79 -16.97 -48.94
CA GLN E 113 -10.11 -16.32 -50.21
C GLN E 113 -11.62 -16.07 -50.42
N GLY E 114 -12.45 -16.85 -49.76
CA GLY E 114 -13.89 -16.82 -49.95
C GLY E 114 -14.28 -17.68 -51.14
N THR E 115 -14.92 -18.82 -50.86
CA THR E 115 -15.43 -19.72 -51.90
C THR E 115 -16.94 -19.61 -51.90
N GLN E 116 -17.52 -19.37 -53.07
CA GLN E 116 -18.95 -19.21 -53.21
C GLN E 116 -19.70 -20.53 -53.09
N VAL E 117 -20.91 -20.46 -52.57
CA VAL E 117 -21.90 -21.51 -52.63
C VAL E 117 -23.18 -20.80 -53.11
N THR E 118 -23.80 -21.28 -54.19
CA THR E 118 -25.05 -20.69 -54.75
C THR E 118 -26.08 -21.80 -54.78
N VAL E 119 -27.24 -21.59 -54.16
CA VAL E 119 -28.27 -22.62 -54.02
C VAL E 119 -29.57 -22.17 -54.67
N SER E 120 -29.88 -22.79 -55.86
CA SER E 120 -31.08 -22.53 -56.66
C SER E 120 -32.34 -23.05 -55.98
C10 QET F . 8.03 29.92 7.99
C13 QET F . 5.22 26.35 10.33
C15 QET F . 3.45 27.51 11.50
C17 QET F . 5.25 28.76 10.47
C20 QET F . 0.33 26.12 14.76
C21 QET F . 1.54 26.02 13.83
C22 QET F . 2.12 27.34 13.51
C24 QET F . -0.14 28.38 13.97
C01 QET F . 7.79 27.20 2.85
N01 QET F . 7.11 29.29 9.06
O01 QET F . 9.77 29.07 2.50
S01 QET F . 9.49 27.82 3.21
C02 QET F . 9.69 28.00 5.06
O02 QET F . 10.50 26.94 2.62
C03 QET F . 10.67 27.25 5.72
O03 QET F . 10.05 28.43 9.24
C04 QET F . 10.81 27.36 7.11
O04 QET F . 8.01 31.09 7.79
C05 QET F . 9.97 28.24 7.85
O05 QET F . 2.13 27.45 12.09
C06 QET F . 11.02 27.75 10.02
O06 QET F . -0.67 27.02 14.25
C07 QET F . 10.76 28.09 11.49
C08 QET F . 11.18 29.53 11.82
C09 QET F . 8.99 28.99 7.18
C11 QET F . 7.12 27.88 9.33
C12 QET F . 5.81 27.57 10.08
C14 QET F . 4.03 26.32 11.05
C16 QET F . 4.05 28.73 11.22
C18 QET F . 6.16 29.92 9.97
C19 QET F . 8.84 28.84 5.78
C23 QET F . 1.37 28.50 13.99
F01 QET F . 11.46 27.21 12.26
F02 QET F . 9.45 27.91 11.74
F03 QET F . 11.04 30.35 10.75
F04 QET F . 12.49 29.58 12.20
F05 QET F . 10.41 30.03 12.84
F06 QET F . 3.44 25.12 11.30
H03 QET F . 5.63 25.56 10.07
H19 QET F . -0.04 25.26 14.83
H11 QET F . 0.63 26.40 15.60
H20 QET F . 2.20 25.48 14.24
H12 QET F . 1.26 25.61 13.03
H06 QET F . 3.00 27.37 13.84
H14 QET F . -0.45 28.65 13.11
H22 QET F . -0.51 28.98 14.60
H23 QET F . 7.59 26.47 3.41
H07 QET F . 7.74 26.92 1.94
H15 QET F . 7.16 27.88 2.99
H01 QET F . 11.23 26.68 5.25
H02 QET F . 11.48 26.88 7.53
H16 QET F . 10.93 26.82 9.90
H08 QET F . 11.89 28.02 9.77
H09 QET F . 7.11 27.40 8.52
H17 QET F . 7.86 27.67 9.87
H04 QET F . 3.61 29.52 11.44
H10 QET F . 6.61 30.32 10.69
H18 QET F . 5.65 30.55 9.51
H05 QET F . 8.18 29.33 5.34
H21 QET F . 1.60 29.23 13.45
H13 QET F . 1.64 28.69 14.87
NA NA G . 5.65 32.78 4.63
CL CL H . 9.80 21.67 -0.15
C10 QET I . -3.92 -26.25 3.92
C13 QET I . -6.65 -29.21 7.22
C15 QET I . -7.70 -27.65 8.76
C17 QET I . -6.43 -26.84 6.84
C20 QET I . -10.43 -26.47 12.19
C21 QET I . -10.57 -26.68 10.66
C22 QET I . -9.78 -27.78 10.08
C24 QET I . -10.55 -28.91 12.22
C01 QET I . -5.30 -29.63 0.04
N01 QET I . -4.98 -26.74 4.92
O01 QET I . -3.50 -28.37 -1.60
S01 QET I . -3.57 -29.31 -0.48
C02 QET I . -2.82 -28.67 1.10
O02 QET I . -2.93 -30.51 -1.00
C03 QET I . -1.61 -29.17 1.57
O03 QET I . -1.33 -27.27 4.77
C04 QET I . -1.14 -28.72 2.80
O04 QET I . -3.73 -25.08 3.79
C05 QET I . -1.89 -27.80 3.58
O05 QET I . -8.40 -27.37 10.02
C06 QET I . -1.61 -27.91 6.01
O06 QET I . -10.18 -27.67 12.96
C07 QET I . -1.77 -26.80 7.07
C08 QET I . -1.19 -27.22 8.40
C09 QET I . -3.09 -27.29 3.08
C11 QET I . -5.33 -28.11 5.17
C12 QET I . -6.16 -28.14 6.47
C14 QET I . -7.38 -28.97 8.38
C16 QET I . -7.20 -26.60 8.01
C18 QET I . -5.79 -25.90 5.79
C19 QET I . -3.59 -27.76 1.86
C23 QET I . -9.86 -29.03 10.87
F01 QET I . -3.09 -26.55 7.25
F02 QET I . -1.14 -25.66 6.69
F03 QET I . -1.45 -26.27 9.32
F04 QET I . -1.74 -28.41 8.76
F05 QET I . 0.17 -27.33 8.33
F06 QET I . -7.82 -30.03 9.12
H03 QET I . -6.45 -30.09 6.97
H19 QET I . -9.71 -25.88 12.34
H11 QET I . -11.21 -26.07 12.52
H20 QET I . -11.48 -26.84 10.48
H12 QET I . -10.31 -25.88 10.23
H06 QET I . -10.10 -27.94 9.21
H14 QET I . -10.28 -29.64 12.75
H22 QET I . -11.49 -28.95 12.12
H23 QET I . -5.32 -30.13 0.83
H07 QET I . -5.72 -28.81 0.18
H15 QET I . -5.75 -30.08 -0.64
H01 QET I . -1.13 -29.80 1.09
H02 QET I . -0.31 -29.02 3.11
H16 QET I . -2.39 -28.42 5.96
H08 QET I . -0.89 -28.47 6.24
H09 QET I . -5.86 -28.43 4.45
H17 QET I . -4.55 -28.63 5.28
H04 QET I . -7.37 -25.73 8.27
H10 QET I . -5.25 -25.26 6.22
H18 QET I . -6.46 -25.47 5.29
H05 QET I . -4.40 -27.44 1.54
H21 QET I . -10.34 -29.66 10.35
H13 QET I . -8.99 -29.36 10.99
NA NA J . -5.65 -25.01 1.23
CL CL K . -2.55 -35.10 -3.31
#